data_8R8R
#
_entry.id   8R8R
#
_cell.length_a   1.00
_cell.length_b   1.00
_cell.length_c   1.00
_cell.angle_alpha   90.00
_cell.angle_beta   90.00
_cell.angle_gamma   90.00
#
_symmetry.space_group_name_H-M   'P 1'
#
loop_
_entity.id
_entity.type
_entity.pdbx_description
1 polymer 'Cleavage and polyadenylation specificity factor subunit 1'
2 polymer "pre-mRNA 3' end processing protein WDR33"
3 polymer 'Cleavage and polyadenylation specificity factor subunit 4'
4 polymer 'cDNA FLJ50397, highly similar to Poly(A) polymerase alpha'
5 polymer "RNA (5'-R(P*AP*AP*UP*AP*AP*A)-3')"
6 non-polymer 'ZINC ION'
#
loop_
_entity_poly.entity_id
_entity_poly.type
_entity_poly.pdbx_seq_one_letter_code
_entity_poly.pdbx_strand_id
1 'polypeptide(L)'
;MYAVYKQAHPPTGLEFSMYCNFFNNSERNLVVAGTSQLYVYRLNRDAEALTKNDRSTEGKAHREKLELAASFSFFGNVMS
MASVQLAGAKRDALLLSFKDAKLSVVEYDPGTHDLKTLSLHYFEEPELRDGFVQNVHTPRVRVDPDGRCAAMLVYGTRLV
VLPFRRESLAEEHEGLVGEGQRSSFLPSYIIDVRALDEKLLNIIDLQFLHGYYEPTLLILFEPNQTWPGRVAVRQDTCSI
VAISLNITQKVHPVIWSLTSLPFDCTQALAVPKPIGGVVVFAVNSLLYLNQSVPPYGVALNSLTTGTTAFPLRTQEGVRI
TLDCAQATFISYDKMVISLKGGEIYVLTLITDGMRSVRAFHFDKAAASVLTTSMVTMEPGYLFLGSRLGNSLLLKYTEKL
QEPPASAVREAADKEEPPSKKKRVDATAGWSAAGKSVPQDEVDEIEVYGSEAQSGTQLATYSFEVCDSILNIGPCANAAV
GEPAFLSEEFQNSPEPDLEIVVCSGHGKNGALSVLQKSIRPQVVTTFELPGCYDMWTVIAPVRKEEEDNPKGEGTEQEPS
TTPEADDDGRRHGFLILSREDSTMILQTGQEIMELDTSGFATQGPTVFAGNIGDNRYIVQVSPLGIRLLEGVNQLHFIPV
DLGAPIVQCAVADPYVVIMSAEGHVTMFLLKSDSYGGRHHRLALHKPPLHHQSKVITLCLYRDLSGMFTTESRLGGARDE
LGGRSGPEAEGLGSETSPTVDDEEEMLYGDSGSLFSPSKEEARRSSQPPADRDPAPFRAEPTHWCLLVRENGTMEIYQLP
DWRLVFLVKNFPVGQRVLVDSSFGQPTTQGEARREEATRQGELPLVKEVLLVALGSRQSRPYLLVHVDQELLIYEAFPHD
SQLGQGNLKVRFKKVPHNINFREKKPKPSKKKAEGGGAEEGAGARGRVARFRYFEDIYGYSGVFICGPSPHWLLVTGRGA
LRLHPMAIDGPVDSFAPFHNVNCPRGFLYFNRQGELRISVLPAYLSYDAPWPVRKIPLRCTAHYVAYHVESKVYAVATST
NTPCARIPRMTGEEKEFETIERDERYIHPQQEAFSIQLISPVSWEAIPNARIELQEWEHVTCMKTVSLRSEETVSGLKGY
VAAGTCLMQGEEVTCRGRILIMDVIEVVPEPGQPLTKNKFKVLYEKEQKGPVTALCHCNGHLVSAIGQKIFLWSLRASEL
TGMAFIDTQLYIHQMISVKNFILAADVMKSISLLRYQEESKTLSLVSRDAKPLEVYSVDFMVDNAQLGFLVSDRDRNLMV
YMYLPEAKESFGGMRLLRRADFHVGAHVNTFWRTPCRGATEGLSKKSVVWENKHITWFATLDGGIGLLLPMQEKTYRRLL
MLQNALTTMLPHHAGLNPRAFRMLHVDRRTLQNAVRNVLDGELLNRYLYLSTMERSELAKKIGTTPDIILDDLLETDRVT
AHF
;
A
2 'polypeptide(L)'
;MATEIGSPPRFFHMPRFQHQAPRQLFYKRPDFAQQQAMQQLTFDGKRMRKAVNRKTIDYNPSVIKYLENRIWQRDQRDMR
AIQPDAGYYNDLVPPIGMLNNPMNAVTTKFVRTSTNKVKCPVFVVRWTPEGRRLVTGASSGEFTLWNGLTFNFETILQAH
DSPVRAMTWSHNDMWMLTADHGGYVKYWQSNMNNVKMFQAHKEAIREASFSPTDNKFATCSDDGTVRIWDFLRCHEERIL
RGHGADVKCVDWHPTKGLVVSGSKDSQQPIKFWDPKTGQSLATLHAHKNTVMEVKLNLNGNWLLTASRDHLCKLFDIRNL
KEELQVFRGHKKEATAVAWHPVHEGLFASGGSDGSLLFWHVGVEKEVGGMEMAHEGMIWSLAWHPLGHILCSGSNDHTSK
FWTRNRPGDKMRD
;
B
3 'polypeptide(L)'
;MSAWSHPQFEKGGGSGGGSGGSAWSHPQFEKTAGLEVLFQGPQEIIASVDHIKFDLEIAVEQQLGAQPLPFPGMDKSGAA
VCEFFLKAACGKGGMCPFRHISGEKTVVCKHWLRGLCKKGDQCEFLHEYDMTKMPECYFYSKFGECSNKECPFLHIDPES
KIKDCPWYDRGFCKHGPLCRHRHTRRVICVNYLVGFCPEGPSCKFMHPRFELPMGTTEQPPLPQQTQPPAKQRTPQVIGV
MQSQNSSAGNRGPRPLEQVTCYKCGEKGHYANRCTKGHLAFLSGQ
;
C
4 'polypeptide(L)' DLSDIPALPANPIPVIKNSIKLRLNR D
5 'polyribonucleotide' AAUAAA E
#
# COMPACT_ATOMS: atom_id res chain seq x y z
N MET A 1 6.80 -23.46 -3.34
CA MET A 1 7.74 -22.40 -3.71
C MET A 1 7.20 -21.58 -4.87
N TYR A 2 6.11 -22.05 -5.47
CA TYR A 2 5.55 -21.45 -6.67
C TYR A 2 4.13 -20.97 -6.39
N ALA A 3 3.78 -19.84 -6.99
CA ALA A 3 2.47 -19.23 -6.77
C ALA A 3 2.12 -18.39 -7.98
N VAL A 4 0.85 -18.00 -8.04
CA VAL A 4 0.34 -17.10 -9.08
C VAL A 4 -0.43 -15.97 -8.40
N TYR A 5 -0.18 -14.75 -8.84
CA TYR A 5 -0.84 -13.56 -8.30
C TYR A 5 -2.02 -13.18 -9.16
N LYS A 6 -3.14 -12.87 -8.51
CA LYS A 6 -4.36 -12.45 -9.20
C LYS A 6 -4.92 -11.20 -8.53
N GLN A 7 -5.54 -10.34 -9.35
CA GLN A 7 -6.21 -9.15 -8.86
C GLN A 7 -7.71 -9.41 -8.78
N ALA A 8 -8.28 -9.18 -7.60
CA ALA A 8 -9.70 -9.43 -7.38
C ALA A 8 -10.54 -8.16 -7.37
N HIS A 9 -9.96 -7.02 -6.98
CA HIS A 9 -10.68 -5.76 -6.91
C HIS A 9 -9.71 -4.67 -7.39
N PRO A 10 -10.10 -3.88 -8.38
CA PRO A 10 -9.22 -2.81 -8.88
C PRO A 10 -9.05 -1.72 -7.84
N PRO A 11 -7.95 -0.98 -7.88
CA PRO A 11 -7.75 0.11 -6.91
C PRO A 11 -8.66 1.29 -7.17
N THR A 12 -8.91 2.04 -6.10
CA THR A 12 -9.71 3.26 -6.15
C THR A 12 -8.92 4.39 -5.50
N GLY A 13 -9.23 5.62 -5.92
CA GLY A 13 -8.52 6.77 -5.39
C GLY A 13 -7.75 7.52 -6.44
N LEU A 14 -8.12 8.77 -6.68
CA LEU A 14 -7.59 9.57 -7.77
C LEU A 14 -6.51 10.52 -7.26
N GLU A 15 -5.54 10.80 -8.12
CA GLU A 15 -4.42 11.66 -7.77
C GLU A 15 -4.15 12.79 -8.76
N PHE A 16 -4.56 12.66 -10.02
CA PHE A 16 -4.37 13.70 -11.02
C PHE A 16 -5.67 13.92 -11.77
N SER A 17 -5.85 15.13 -12.29
CA SER A 17 -7.04 15.46 -13.05
C SER A 17 -6.75 16.66 -13.95
N MET A 18 -7.39 16.68 -15.11
CA MET A 18 -7.24 17.79 -16.05
C MET A 18 -8.45 17.79 -16.99
N TYR A 19 -8.49 18.79 -17.86
CA TYR A 19 -9.64 19.06 -18.72
C TYR A 19 -9.12 19.38 -20.12
N CYS A 20 -9.29 18.45 -21.06
CA CYS A 20 -8.67 18.58 -22.38
C CYS A 20 -9.55 17.96 -23.44
N ASN A 21 -9.13 18.11 -24.70
CA ASN A 21 -9.81 17.54 -25.86
C ASN A 21 -9.27 16.14 -26.10
N PHE A 22 -9.91 15.13 -25.53
CA PHE A 22 -9.41 13.77 -25.65
C PHE A 22 -9.89 13.10 -26.93
N PHE A 23 -11.15 13.28 -27.30
CA PHE A 23 -11.71 12.60 -28.46
C PHE A 23 -11.60 13.42 -29.74
N ASN A 24 -11.94 14.71 -29.68
CA ASN A 24 -11.86 15.59 -30.84
C ASN A 24 -11.81 17.03 -30.34
N ASN A 25 -11.75 17.97 -31.28
CA ASN A 25 -11.56 19.38 -30.97
C ASN A 25 -12.87 20.12 -30.73
N SER A 26 -14.01 19.43 -30.74
CA SER A 26 -15.29 20.08 -30.50
C SER A 26 -15.77 19.98 -29.06
N GLU A 27 -15.24 19.02 -28.28
CA GLU A 27 -15.68 18.82 -26.91
C GLU A 27 -14.46 18.54 -26.03
N ARG A 28 -14.55 18.94 -24.77
CA ARG A 28 -13.52 18.68 -23.78
C ARG A 28 -14.04 17.69 -22.76
N ASN A 29 -13.11 16.89 -22.21
CA ASN A 29 -13.47 15.82 -21.29
C ASN A 29 -12.62 15.91 -20.03
N LEU A 30 -13.16 15.35 -18.95
CA LEU A 30 -12.44 15.25 -17.69
C LEU A 30 -11.61 13.98 -17.69
N VAL A 31 -10.30 14.12 -17.50
CA VAL A 31 -9.37 13.00 -17.50
C VAL A 31 -8.76 12.91 -16.11
N VAL A 32 -8.89 11.74 -15.48
CA VAL A 32 -8.36 11.50 -14.15
C VAL A 32 -7.53 10.23 -14.18
N ALA A 33 -6.61 10.13 -13.21
CA ALA A 33 -5.74 8.98 -13.12
C ALA A 33 -5.38 8.71 -11.67
N GLY A 34 -5.09 7.45 -11.38
CA GLY A 34 -4.57 7.05 -10.09
C GLY A 34 -3.83 5.73 -10.17
N THR A 35 -2.57 5.71 -9.74
CA THR A 35 -1.69 4.55 -9.83
C THR A 35 -1.64 3.99 -11.25
N SER A 36 -2.34 2.88 -11.49
CA SER A 36 -2.24 2.16 -12.75
C SER A 36 -3.46 2.32 -13.64
N GLN A 37 -4.40 3.19 -13.30
CA GLN A 37 -5.65 3.31 -14.02
C GLN A 37 -5.85 4.72 -14.57
N LEU A 38 -6.51 4.81 -15.71
CA LEU A 38 -6.83 6.07 -16.37
C LEU A 38 -8.30 6.06 -16.78
N TYR A 39 -8.99 7.18 -16.56
CA TYR A 39 -10.41 7.28 -16.85
C TYR A 39 -10.70 8.55 -17.65
N VAL A 40 -11.71 8.47 -18.50
CA VAL A 40 -12.22 9.61 -19.25
C VAL A 40 -13.72 9.69 -19.01
N TYR A 41 -14.20 10.88 -18.63
CA TYR A 41 -15.59 11.09 -18.28
C TYR A 41 -16.22 12.14 -19.18
N ARG A 42 -17.55 12.10 -19.23
CA ARG A 42 -18.37 13.10 -19.91
C ARG A 42 -19.37 13.68 -18.92
N LEU A 43 -19.77 14.92 -19.16
CA LEU A 43 -20.75 15.60 -18.32
C LEU A 43 -22.10 15.56 -19.02
N ASN A 44 -23.03 14.78 -18.43
CA ASN A 44 -24.40 14.69 -18.93
C ASN A 44 -25.26 15.64 -18.10
N ARG A 45 -25.67 16.74 -18.70
CA ARG A 45 -26.36 17.81 -18.00
C ARG A 45 -27.88 17.67 -18.02
N ASP A 46 -28.42 16.65 -18.70
CA ASP A 46 -29.85 16.40 -18.75
C ASP A 46 -30.07 14.92 -18.42
N ALA A 47 -30.16 14.60 -17.14
CA ALA A 47 -30.33 13.23 -16.69
C ALA A 47 -31.48 13.11 -15.71
N ARG A 63 -30.75 17.40 -13.65
CA ARG A 63 -29.61 17.17 -12.79
C ARG A 63 -28.36 16.90 -13.61
N GLU A 64 -27.24 16.68 -12.92
CA GLU A 64 -25.95 16.43 -13.56
C GLU A 64 -25.41 15.08 -13.13
N LYS A 65 -24.56 14.52 -13.99
CA LYS A 65 -24.03 13.17 -13.75
C LYS A 65 -22.78 12.98 -14.58
N LEU A 66 -21.75 12.40 -13.98
CA LEU A 66 -20.53 12.05 -14.71
C LEU A 66 -20.70 10.69 -15.35
N GLU A 67 -20.42 10.60 -16.65
CA GLU A 67 -20.62 9.38 -17.42
C GLU A 67 -19.28 8.88 -17.94
N LEU A 68 -18.99 7.61 -17.68
CA LEU A 68 -17.72 7.03 -18.10
C LEU A 68 -17.70 6.82 -19.61
N ALA A 69 -16.60 7.18 -20.24
CA ALA A 69 -16.45 7.06 -21.69
C ALA A 69 -15.35 6.10 -22.11
N ALA A 70 -14.26 5.99 -21.35
CA ALA A 70 -13.19 5.06 -21.67
C ALA A 70 -12.36 4.83 -20.41
N SER A 71 -11.61 3.74 -20.41
CA SER A 71 -10.75 3.40 -19.27
C SER A 71 -9.63 2.47 -19.73
N PHE A 72 -8.42 2.73 -19.25
CA PHE A 72 -7.24 1.96 -19.63
C PHE A 72 -6.40 1.67 -18.40
N SER A 73 -5.57 0.64 -18.49
CA SER A 73 -4.66 0.27 -17.41
C SER A 73 -3.26 0.06 -17.95
N PHE A 74 -2.26 0.35 -17.12
CA PHE A 74 -0.86 0.29 -17.51
C PHE A 74 -0.09 -0.66 -16.60
N PHE A 75 1.09 -1.06 -17.07
CA PHE A 75 2.03 -1.83 -16.27
C PHE A 75 3.02 -0.90 -15.57
N GLY A 76 2.47 -0.02 -14.73
CA GLY A 76 3.28 0.95 -14.02
C GLY A 76 2.38 1.91 -13.28
N ASN A 77 3.01 2.73 -12.44
CA ASN A 77 2.31 3.74 -11.65
C ASN A 77 2.59 5.11 -12.23
N VAL A 78 1.54 5.92 -12.38
CA VAL A 78 1.66 7.25 -12.98
C VAL A 78 2.19 8.21 -11.93
N MET A 79 3.22 8.99 -12.29
CA MET A 79 3.82 9.95 -11.39
C MET A 79 3.42 11.39 -11.71
N SER A 80 3.12 11.72 -12.97
CA SER A 80 2.73 13.05 -13.35
C SER A 80 1.97 12.98 -14.67
N MET A 81 1.21 14.03 -14.97
CA MET A 81 0.30 14.02 -16.10
C MET A 81 0.14 15.42 -16.66
N ALA A 82 0.15 15.53 -17.99
CA ALA A 82 -0.04 16.81 -18.67
C ALA A 82 -0.54 16.54 -20.08
N SER A 83 -1.03 17.60 -20.73
CA SER A 83 -1.56 17.50 -22.09
C SER A 83 -1.08 18.68 -22.90
N VAL A 84 -1.02 18.47 -24.23
CA VAL A 84 -0.54 19.50 -25.15
C VAL A 84 -1.22 19.29 -26.50
N GLN A 85 -1.44 20.39 -27.21
CA GLN A 85 -1.99 20.38 -28.56
C GLN A 85 -0.87 20.61 -29.56
N LEU A 86 -0.68 19.66 -30.47
CA LEU A 86 0.41 19.72 -31.43
C LEU A 86 -0.03 20.51 -32.67
N ALA A 87 0.80 20.47 -33.71
CA ALA A 87 0.54 21.24 -34.92
C ALA A 87 -0.18 20.37 -35.94
N GLY A 88 -1.34 20.83 -36.40
CA GLY A 88 -2.11 20.11 -37.40
C GLY A 88 -2.86 18.90 -36.88
N ALA A 89 -2.92 18.70 -35.57
CA ALA A 89 -3.56 17.55 -34.98
C ALA A 89 -5.04 17.81 -34.73
N LYS A 90 -5.81 16.73 -34.64
CA LYS A 90 -7.24 16.79 -34.36
C LYS A 90 -7.56 16.42 -32.92
N ARG A 91 -6.54 16.31 -32.06
CA ARG A 91 -6.72 15.83 -30.70
C ARG A 91 -5.58 16.37 -29.85
N ASP A 92 -5.76 16.26 -28.53
CA ASP A 92 -4.68 16.50 -27.60
C ASP A 92 -3.87 15.22 -27.39
N ALA A 93 -2.64 15.39 -26.92
CA ALA A 93 -1.75 14.28 -26.62
C ALA A 93 -1.40 14.32 -25.14
N LEU A 94 -1.47 13.16 -24.48
CA LEU A 94 -1.18 13.07 -23.06
C LEU A 94 0.31 12.80 -22.85
N LEU A 95 0.87 13.43 -21.82
CA LEU A 95 2.25 13.22 -21.40
C LEU A 95 2.23 12.56 -20.04
N LEU A 96 2.66 11.30 -19.98
CA LEU A 96 2.63 10.51 -18.76
C LEU A 96 4.05 10.18 -18.32
N SER A 97 4.30 10.31 -17.02
CA SER A 97 5.61 10.08 -16.45
C SER A 97 5.56 8.85 -15.55
N PHE A 98 6.61 8.03 -15.61
CA PHE A 98 6.68 6.80 -14.83
C PHE A 98 7.98 6.79 -14.04
N LYS A 99 7.97 5.99 -12.97
CA LYS A 99 9.04 6.05 -11.99
C LYS A 99 10.39 5.71 -12.60
N ASP A 100 11.42 6.43 -12.15
CA ASP A 100 12.80 6.32 -12.64
C ASP A 100 12.90 6.83 -14.09
N ALA A 101 12.41 8.04 -14.29
CA ALA A 101 12.69 8.85 -15.48
C ALA A 101 12.26 8.13 -16.77
N LYS A 102 10.94 7.93 -16.87
CA LYS A 102 10.32 7.46 -18.10
C LYS A 102 9.26 8.46 -18.52
N LEU A 103 9.25 8.80 -19.82
CA LEU A 103 8.28 9.74 -20.36
C LEU A 103 7.65 9.13 -21.60
N SER A 104 6.32 9.15 -21.66
CA SER A 104 5.57 8.57 -22.78
C SER A 104 4.54 9.57 -23.27
N VAL A 105 4.33 9.59 -24.59
CA VAL A 105 3.33 10.44 -25.23
C VAL A 105 2.33 9.53 -25.92
N VAL A 106 1.05 9.67 -25.57
CA VAL A 106 0.00 8.79 -26.07
C VAL A 106 -1.13 9.63 -26.62
N GLU A 107 -1.97 8.99 -27.43
CA GLU A 107 -3.10 9.67 -28.07
C GLU A 107 -4.22 8.66 -28.31
N TYR A 108 -5.43 9.18 -28.43
CA TYR A 108 -6.59 8.34 -28.71
C TYR A 108 -6.62 7.96 -30.18
N ASP A 109 -6.92 6.69 -30.45
CA ASP A 109 -6.96 6.18 -31.82
C ASP A 109 -8.41 5.97 -32.25
N PRO A 110 -8.94 6.77 -33.17
CA PRO A 110 -10.27 6.51 -33.70
C PRO A 110 -10.20 5.47 -34.81
N GLY A 111 -11.01 4.43 -34.70
CA GLY A 111 -10.95 3.33 -35.64
C GLY A 111 -10.80 2.01 -34.92
N THR A 112 -10.04 2.01 -33.84
CA THR A 112 -9.93 0.86 -32.96
C THR A 112 -10.44 1.14 -31.55
N HIS A 113 -10.81 2.39 -31.23
CA HIS A 113 -11.35 2.75 -29.93
C HIS A 113 -10.37 2.40 -28.81
N ASP A 114 -9.10 2.76 -29.01
CA ASP A 114 -8.04 2.38 -28.09
C ASP A 114 -7.03 3.53 -27.98
N LEU A 115 -5.90 3.24 -27.37
CA LEU A 115 -4.82 4.20 -27.18
C LEU A 115 -3.69 3.91 -28.16
N LYS A 116 -3.01 4.98 -28.58
CA LYS A 116 -1.90 4.89 -29.52
C LYS A 116 -0.67 5.55 -28.90
N THR A 117 0.48 4.90 -29.06
CA THR A 117 1.73 5.38 -28.50
C THR A 117 2.54 6.10 -29.59
N LEU A 118 2.92 7.34 -29.31
CA LEU A 118 3.68 8.15 -30.24
C LEU A 118 5.18 8.17 -29.96
N SER A 119 5.57 8.20 -28.69
CA SER A 119 6.98 8.26 -28.33
C SER A 119 7.19 7.65 -26.95
N LEU A 120 8.43 7.28 -26.68
CA LEU A 120 8.84 6.77 -25.37
C LEU A 120 10.30 7.08 -25.17
N HIS A 121 10.63 7.79 -24.09
CA HIS A 121 11.98 8.26 -23.84
C HIS A 121 12.49 7.67 -22.52
N TYR A 122 13.76 7.27 -22.54
CA TYR A 122 14.43 6.72 -21.35
C TYR A 122 15.61 7.62 -20.98
N PHE A 123 15.69 7.99 -19.70
CA PHE A 123 16.84 8.71 -19.16
C PHE A 123 17.24 7.99 -17.87
N GLU A 124 18.03 6.92 -18.02
CA GLU A 124 18.36 6.08 -16.87
C GLU A 124 19.83 5.68 -16.87
N GLU A 125 20.69 6.49 -17.48
CA GLU A 125 22.11 6.22 -17.43
C GLU A 125 22.64 6.47 -16.03
N PRO A 126 23.53 5.62 -15.51
CA PRO A 126 24.00 5.79 -14.12
C PRO A 126 24.77 7.08 -13.89
N GLU A 127 25.30 7.71 -14.93
CA GLU A 127 26.07 8.94 -14.75
C GLU A 127 25.22 10.13 -14.34
N LEU A 128 23.90 10.05 -14.50
CA LEU A 128 23.02 11.15 -14.10
C LEU A 128 22.71 11.15 -12.61
N ARG A 129 22.99 10.06 -11.91
CA ARG A 129 22.63 9.94 -10.50
C ARG A 129 23.71 10.47 -9.55
N ASP A 130 24.91 10.77 -10.06
CA ASP A 130 25.98 11.38 -9.28
C ASP A 130 26.40 10.52 -8.09
N GLY A 131 26.29 9.20 -8.22
CA GLY A 131 26.74 8.29 -7.19
C GLY A 131 25.71 7.95 -6.13
N PHE A 132 24.56 8.61 -6.12
CA PHE A 132 23.52 8.29 -5.15
C PHE A 132 22.75 7.04 -5.58
N VAL A 133 22.43 6.19 -4.62
CA VAL A 133 21.75 4.93 -4.89
C VAL A 133 20.26 5.01 -4.60
N GLN A 134 19.88 5.64 -3.48
CA GLN A 134 18.48 5.79 -3.13
C GLN A 134 17.93 7.08 -3.74
N ASN A 135 16.85 6.96 -4.50
CA ASN A 135 16.22 8.09 -5.17
C ASN A 135 15.02 8.54 -4.35
N VAL A 136 15.02 9.83 -3.96
CA VAL A 136 13.96 10.39 -3.15
C VAL A 136 13.17 11.46 -3.90
N HIS A 137 13.34 11.55 -5.22
CA HIS A 137 12.69 12.56 -6.04
C HIS A 137 11.83 11.90 -7.09
N THR A 138 10.66 12.47 -7.34
CA THR A 138 9.75 11.97 -8.36
C THR A 138 9.81 12.84 -9.61
N PRO A 139 9.77 12.24 -10.79
CA PRO A 139 9.80 13.05 -12.02
C PRO A 139 8.56 13.93 -12.14
N ARG A 140 8.77 15.14 -12.65
CA ARG A 140 7.70 16.13 -12.77
C ARG A 140 7.71 16.71 -14.17
N VAL A 141 6.53 16.87 -14.76
CA VAL A 141 6.37 17.31 -16.14
C VAL A 141 5.59 18.62 -16.16
N ARG A 142 6.11 19.60 -16.89
CA ARG A 142 5.43 20.89 -17.08
C ARG A 142 5.38 21.21 -18.56
N VAL A 143 4.34 21.93 -18.96
CA VAL A 143 4.11 22.28 -20.36
C VAL A 143 3.95 23.79 -20.48
N ASP A 144 4.61 24.36 -21.48
CA ASP A 144 4.52 25.80 -21.73
C ASP A 144 3.09 26.17 -22.13
N PRO A 145 2.57 27.29 -21.64
CA PRO A 145 1.18 27.68 -21.96
C PRO A 145 0.92 27.85 -23.45
N ASP A 146 1.91 28.27 -24.23
CA ASP A 146 1.74 28.44 -25.67
C ASP A 146 2.06 27.17 -26.46
N GLY A 147 2.41 26.09 -25.79
CA GLY A 147 2.66 24.83 -26.47
C GLY A 147 3.94 24.78 -27.27
N ARG A 148 4.95 25.56 -26.87
CA ARG A 148 6.21 25.59 -27.60
C ARG A 148 7.20 24.52 -27.14
N CYS A 149 7.11 24.08 -25.88
CA CYS A 149 8.07 23.13 -25.35
C CYS A 149 7.50 22.48 -24.09
N ALA A 150 8.18 21.45 -23.63
CA ALA A 150 7.87 20.78 -22.37
C ALA A 150 9.16 20.54 -21.60
N ALA A 151 9.03 20.41 -20.28
CA ALA A 151 10.17 20.24 -19.41
C ALA A 151 9.92 19.08 -18.45
N MET A 152 11.00 18.42 -18.03
CA MET A 152 10.92 17.30 -17.12
C MET A 152 12.14 17.29 -16.22
N LEU A 153 11.93 17.32 -14.90
CA LEU A 153 13.00 17.33 -13.93
C LEU A 153 13.16 15.93 -13.36
N VAL A 154 14.37 15.38 -13.46
CA VAL A 154 14.66 14.02 -13.02
C VAL A 154 15.80 14.04 -12.02
N TYR A 155 15.66 13.26 -10.95
CA TYR A 155 16.64 13.13 -9.87
C TYR A 155 16.90 14.43 -9.14
N GLY A 156 16.11 15.48 -9.38
CA GLY A 156 16.27 16.74 -8.72
C GLY A 156 17.40 17.60 -9.24
N THR A 157 18.11 17.16 -10.28
CA THR A 157 19.28 17.88 -10.77
C THR A 157 19.32 18.06 -12.28
N ARG A 158 18.62 17.25 -13.06
CA ARG A 158 18.70 17.29 -14.52
C ARG A 158 17.35 17.72 -15.08
N LEU A 159 17.38 18.62 -16.05
CA LEU A 159 16.19 19.13 -16.71
C LEU A 159 16.19 18.67 -18.16
N VAL A 160 15.11 18.01 -18.57
CA VAL A 160 14.94 17.55 -19.94
C VAL A 160 13.98 18.49 -20.66
N VAL A 161 14.34 18.88 -21.88
CA VAL A 161 13.54 19.82 -22.67
C VAL A 161 13.09 19.11 -23.93
N LEU A 162 11.78 19.14 -24.19
CA LEU A 162 11.22 18.61 -25.43
C LEU A 162 10.70 19.73 -26.30
N PRO A 163 11.44 20.15 -27.33
CA PRO A 163 10.90 21.13 -28.27
C PRO A 163 9.80 20.53 -29.13
N PHE A 164 8.88 21.39 -29.57
CA PHE A 164 7.81 21.01 -30.46
C PHE A 164 7.94 21.76 -31.78
N ARG A 165 7.55 21.10 -32.87
CA ARG A 165 7.61 21.71 -34.20
C ARG A 165 6.49 22.72 -34.37
N SER A 183 7.13 15.10 -38.90
CA SER A 183 7.15 14.76 -37.48
C SER A 183 6.75 15.97 -36.62
N SER A 184 6.37 15.69 -35.37
CA SER A 184 5.95 16.73 -34.45
C SER A 184 6.93 16.98 -33.32
N PHE A 185 7.89 16.09 -33.10
CA PHE A 185 8.84 16.20 -32.00
C PHE A 185 10.24 16.49 -32.54
N LEU A 186 10.94 17.37 -31.86
CA LEU A 186 12.34 17.69 -32.13
C LEU A 186 13.23 17.00 -31.13
N PRO A 187 14.50 16.78 -31.47
CA PRO A 187 15.42 16.09 -30.53
C PRO A 187 15.56 16.86 -29.23
N SER A 188 15.69 16.10 -28.14
CA SER A 188 15.74 16.64 -26.80
C SER A 188 17.17 16.76 -26.30
N TYR A 189 17.36 17.62 -25.31
CA TYR A 189 18.66 17.83 -24.68
C TYR A 189 18.46 18.01 -23.17
N ILE A 190 19.56 17.86 -22.43
CA ILE A 190 19.53 17.85 -20.98
C ILE A 190 20.33 19.04 -20.45
N ILE A 191 19.76 19.73 -19.46
CA ILE A 191 20.40 20.86 -18.81
C ILE A 191 20.69 20.48 -17.36
N ASP A 192 21.90 20.80 -16.91
CA ASP A 192 22.31 20.56 -15.53
C ASP A 192 22.13 21.84 -14.74
N VAL A 193 21.26 21.79 -13.72
CA VAL A 193 20.95 22.97 -12.91
C VAL A 193 22.05 23.36 -11.94
N ARG A 194 23.04 22.48 -11.73
CA ARG A 194 24.16 22.80 -10.86
C ARG A 194 25.24 23.61 -11.56
N ALA A 195 25.13 23.82 -12.87
CA ALA A 195 26.11 24.57 -13.64
C ALA A 195 25.49 25.81 -14.30
N LEU A 196 24.44 26.35 -13.68
CA LEU A 196 23.78 27.54 -14.21
C LEU A 196 24.61 28.78 -13.82
N ASP A 197 24.01 29.96 -14.01
CA ASP A 197 24.63 31.18 -13.50
C ASP A 197 24.71 31.13 -11.97
N GLU A 198 23.67 30.63 -11.32
CA GLU A 198 23.66 30.32 -9.90
C GLU A 198 23.64 28.81 -9.73
N LYS A 199 23.74 28.36 -8.47
CA LYS A 199 23.72 26.94 -8.16
C LYS A 199 22.40 26.59 -7.48
N LEU A 200 21.65 25.68 -8.07
CA LEU A 200 20.35 25.26 -7.56
C LEU A 200 20.52 23.93 -6.84
N LEU A 201 20.10 23.87 -5.58
CA LEU A 201 20.38 22.72 -4.72
C LEU A 201 19.12 21.92 -4.38
N ASN A 202 18.12 22.56 -3.77
CA ASN A 202 16.94 21.85 -3.27
C ASN A 202 15.70 22.48 -3.89
N ILE A 203 15.34 22.01 -5.08
CA ILE A 203 14.23 22.60 -5.82
C ILE A 203 12.91 22.20 -5.18
N ILE A 204 12.04 23.18 -4.96
CA ILE A 204 10.75 22.96 -4.32
C ILE A 204 9.63 22.88 -5.35
N ASP A 205 9.61 23.79 -6.33
CA ASP A 205 8.58 23.80 -7.35
C ASP A 205 9.11 24.51 -8.58
N LEU A 206 8.44 24.31 -9.71
CA LEU A 206 8.82 24.96 -10.96
C LEU A 206 7.59 25.09 -11.85
N GLN A 207 7.41 26.28 -12.43
CA GLN A 207 6.25 26.58 -13.26
C GLN A 207 6.67 27.43 -14.45
N PHE A 208 5.89 27.33 -15.52
CA PHE A 208 6.05 28.19 -16.68
C PHE A 208 5.19 29.45 -16.52
N LEU A 209 5.74 30.59 -16.90
CA LEU A 209 5.08 31.87 -16.71
C LEU A 209 4.36 32.31 -17.98
N HIS A 210 3.24 32.99 -17.78
CA HIS A 210 2.46 33.54 -18.88
C HIS A 210 3.11 34.80 -19.42
N GLY A 211 2.73 35.15 -20.65
CA GLY A 211 3.38 36.25 -21.34
C GLY A 211 4.74 35.82 -21.88
N TYR A 212 5.59 36.81 -22.11
CA TYR A 212 6.97 36.62 -22.56
C TYR A 212 7.04 36.09 -23.99
N TYR A 213 8.11 36.44 -24.71
CA TYR A 213 8.30 36.00 -26.08
C TYR A 213 9.01 34.66 -26.18
N GLU A 214 9.53 34.14 -25.08
CA GLU A 214 10.23 32.87 -25.03
C GLU A 214 9.75 32.09 -23.82
N PRO A 215 9.88 30.77 -23.83
CA PRO A 215 9.48 29.97 -22.65
C PRO A 215 10.34 30.33 -21.45
N THR A 216 9.68 30.86 -20.41
CA THR A 216 10.34 31.31 -19.19
C THR A 216 9.93 30.41 -18.03
N LEU A 217 10.92 29.91 -17.30
CA LEU A 217 10.70 28.96 -16.22
C LEU A 217 11.08 29.57 -14.89
N LEU A 218 10.20 29.46 -13.90
CA LEU A 218 10.41 29.98 -12.56
C LEU A 218 10.66 28.81 -11.61
N ILE A 219 11.69 28.93 -10.77
CA ILE A 219 12.13 27.83 -9.91
C ILE A 219 12.26 28.32 -8.48
N LEU A 220 11.67 27.57 -7.54
CA LEU A 220 11.88 27.77 -6.11
C LEU A 220 12.91 26.75 -5.61
N PHE A 221 13.91 27.23 -4.88
CA PHE A 221 14.96 26.35 -4.38
C PHE A 221 15.44 26.87 -3.02
N GLU A 222 16.34 26.10 -2.40
CA GLU A 222 16.85 26.42 -1.06
C GLU A 222 18.30 25.97 -0.98
N PRO A 223 19.24 26.86 -1.31
CA PRO A 223 20.66 26.47 -1.32
C PRO A 223 21.17 25.98 0.03
N ASN A 224 20.73 26.58 1.13
CA ASN A 224 21.15 26.18 2.47
C ASN A 224 19.92 25.71 3.24
N GLN A 225 19.77 24.40 3.37
CA GLN A 225 18.57 23.82 3.96
C GLN A 225 18.56 23.98 5.47
N THR A 226 17.35 24.03 6.03
CA THR A 226 17.13 24.09 7.46
C THR A 226 15.82 23.40 7.79
N TRP A 227 15.57 23.19 9.07
CA TRP A 227 14.36 22.53 9.53
C TRP A 227 13.84 23.28 10.75
N PRO A 228 12.55 23.10 11.09
CA PRO A 228 11.95 23.94 12.15
C PRO A 228 12.61 23.83 13.51
N GLY A 229 13.41 22.78 13.77
CA GLY A 229 14.07 22.68 15.06
C GLY A 229 15.23 23.63 15.24
N ARG A 230 15.79 24.16 14.15
CA ARG A 230 16.98 25.00 14.19
C ARG A 230 16.73 26.34 13.50
N VAL A 231 15.53 26.89 13.67
CA VAL A 231 15.20 28.18 13.05
C VAL A 231 15.98 29.32 13.71
N ALA A 232 16.27 29.19 15.01
CA ALA A 232 16.91 30.28 15.74
C ALA A 232 18.33 30.58 15.25
N VAL A 233 18.93 29.71 14.44
CA VAL A 233 20.26 29.94 13.90
C VAL A 233 20.29 30.06 12.39
N ARG A 234 19.19 29.77 11.70
CA ARG A 234 19.16 29.82 10.23
C ARG A 234 17.72 30.05 9.81
N GLN A 235 17.41 31.24 9.29
CA GLN A 235 16.03 31.70 9.16
C GLN A 235 15.57 31.85 7.71
N ASP A 236 16.24 32.68 6.91
CA ASP A 236 15.76 33.03 5.58
C ASP A 236 16.61 32.29 4.54
N THR A 237 16.07 31.20 4.01
CA THR A 237 16.85 30.28 3.19
C THR A 237 16.30 30.05 1.80
N CYS A 238 15.15 30.61 1.45
CA CYS A 238 14.53 30.36 0.15
C CYS A 238 14.82 31.48 -0.82
N SER A 239 14.96 31.10 -2.10
CA SER A 239 15.28 32.03 -3.18
C SER A 239 14.43 31.68 -4.38
N ILE A 240 14.52 32.50 -5.44
CA ILE A 240 13.74 32.26 -6.65
C ILE A 240 14.51 32.85 -7.83
N VAL A 241 14.42 32.16 -8.97
CA VAL A 241 15.04 32.62 -10.21
C VAL A 241 14.10 32.34 -11.38
N ALA A 242 14.34 33.04 -12.48
CA ALA A 242 13.62 32.83 -13.73
C ALA A 242 14.62 32.77 -14.88
N ILE A 243 14.52 31.74 -15.71
CA ILE A 243 15.43 31.54 -16.83
C ILE A 243 14.63 31.53 -18.12
N SER A 244 15.19 32.15 -19.16
CA SER A 244 14.58 32.21 -20.48
C SER A 244 15.26 31.21 -21.39
N LEU A 245 14.48 30.32 -22.00
CA LEU A 245 14.99 29.21 -22.78
C LEU A 245 15.02 29.58 -24.27
N ASN A 246 16.20 29.48 -24.87
CA ASN A 246 16.37 29.60 -26.32
C ASN A 246 16.46 28.20 -26.89
N ILE A 247 15.42 27.77 -27.59
CA ILE A 247 15.36 26.39 -28.07
C ILE A 247 16.40 26.15 -29.15
N THR A 248 16.49 27.06 -30.12
CA THR A 248 17.37 26.84 -31.27
C THR A 248 18.84 26.92 -30.88
N GLN A 249 19.21 27.95 -30.14
CA GLN A 249 20.61 28.12 -29.76
C GLN A 249 21.01 27.29 -28.55
N LYS A 250 20.03 26.75 -27.83
CA LYS A 250 20.28 25.96 -26.61
C LYS A 250 21.08 26.76 -25.59
N VAL A 251 20.67 28.02 -25.40
CA VAL A 251 21.26 28.90 -24.39
C VAL A 251 20.12 29.38 -23.48
N HIS A 252 20.49 29.73 -22.26
CA HIS A 252 19.50 30.00 -21.22
C HIS A 252 20.04 30.85 -20.08
N PRO A 253 19.93 32.17 -20.17
CA PRO A 253 20.38 33.06 -19.10
C PRO A 253 19.32 33.27 -18.03
N VAL A 254 19.73 33.97 -16.97
CA VAL A 254 18.87 34.33 -15.85
C VAL A 254 18.47 35.79 -15.97
N ILE A 255 17.18 36.08 -15.88
CA ILE A 255 16.66 37.43 -16.09
C ILE A 255 16.03 38.04 -14.86
N TRP A 256 15.76 37.26 -13.81
CA TRP A 256 15.08 37.77 -12.63
C TRP A 256 15.41 36.87 -11.45
N SER A 257 15.67 37.48 -10.29
CA SER A 257 16.11 36.72 -9.13
C SER A 257 15.77 37.45 -7.84
N LEU A 258 15.42 36.69 -6.81
CA LEU A 258 15.21 37.18 -5.45
C LEU A 258 15.90 36.22 -4.49
N THR A 259 16.27 36.73 -3.31
CA THR A 259 17.22 35.99 -2.47
C THR A 259 16.72 35.67 -1.07
N SER A 260 15.93 36.52 -0.44
CA SER A 260 15.58 36.34 0.98
C SER A 260 14.08 36.10 1.11
N LEU A 261 13.69 34.84 1.26
CA LEU A 261 12.31 34.41 1.35
C LEU A 261 12.13 33.52 2.57
N PRO A 262 10.91 33.41 3.10
CA PRO A 262 10.69 32.59 4.30
C PRO A 262 11.11 31.14 4.09
N PHE A 263 11.62 30.52 5.16
CA PHE A 263 12.15 29.17 5.09
C PHE A 263 11.07 28.11 4.86
N ASP A 264 9.80 28.47 4.96
CA ASP A 264 8.70 27.52 4.89
C ASP A 264 7.82 27.75 3.67
N CYS A 265 8.44 28.00 2.52
CA CYS A 265 7.72 28.08 1.25
C CYS A 265 7.41 26.69 0.73
N THR A 266 6.20 26.53 0.17
CA THR A 266 5.72 25.22 -0.22
C THR A 266 5.47 25.05 -1.72
N GLN A 267 4.86 26.02 -2.39
CA GLN A 267 4.54 25.87 -3.80
C GLN A 267 4.34 27.25 -4.42
N ALA A 268 4.21 27.26 -5.75
CA ALA A 268 4.01 28.49 -6.51
C ALA A 268 2.94 28.27 -7.56
N LEU A 269 2.27 29.36 -7.93
CA LEU A 269 1.21 29.34 -8.94
C LEU A 269 1.39 30.52 -9.88
N ALA A 270 1.33 30.26 -11.18
CA ALA A 270 1.51 31.30 -12.18
C ALA A 270 0.19 32.02 -12.45
N VAL A 271 0.20 33.34 -12.28
CA VAL A 271 -0.97 34.18 -12.51
C VAL A 271 -1.22 34.30 -14.01
N PRO A 272 -2.47 34.26 -14.47
CA PRO A 272 -2.73 34.34 -15.91
C PRO A 272 -2.38 35.69 -16.54
N LYS A 273 -2.64 35.81 -17.85
CA LYS A 273 -2.01 36.82 -18.68
C LYS A 273 -2.27 38.27 -18.27
N PRO A 274 -3.51 38.70 -17.99
CA PRO A 274 -3.74 40.15 -17.82
C PRO A 274 -2.91 40.78 -16.70
N ILE A 275 -2.65 40.07 -15.62
CA ILE A 275 -1.88 40.60 -14.50
C ILE A 275 -0.44 40.09 -14.52
N GLY A 276 -0.26 38.78 -14.67
CA GLY A 276 1.07 38.20 -14.68
C GLY A 276 1.64 38.05 -13.29
N GLY A 277 2.87 37.54 -13.24
CA GLY A 277 3.54 37.33 -11.98
C GLY A 277 3.37 35.91 -11.46
N VAL A 278 3.54 35.77 -10.15
CA VAL A 278 3.46 34.47 -9.49
C VAL A 278 3.01 34.66 -8.06
N VAL A 279 2.29 33.67 -7.55
CA VAL A 279 1.84 33.64 -6.16
C VAL A 279 2.54 32.48 -5.47
N VAL A 280 3.23 32.78 -4.36
CA VAL A 280 4.03 31.79 -3.63
C VAL A 280 3.32 31.48 -2.31
N PHE A 281 3.14 30.19 -2.05
CA PHE A 281 2.49 29.74 -0.82
C PHE A 281 3.54 29.42 0.24
N ALA A 282 3.35 29.95 1.44
CA ALA A 282 4.15 29.58 2.60
C ALA A 282 3.22 29.02 3.67
N VAL A 283 3.81 28.42 4.70
CA VAL A 283 3.01 27.80 5.74
C VAL A 283 2.20 28.85 6.49
N ASN A 284 2.84 29.97 6.83
CA ASN A 284 2.18 31.03 7.59
C ASN A 284 2.16 32.36 6.85
N SER A 285 2.35 32.35 5.53
CA SER A 285 2.50 33.60 4.79
C SER A 285 2.01 33.41 3.36
N LEU A 286 1.70 34.54 2.71
CA LEU A 286 1.30 34.58 1.32
C LEU A 286 2.01 35.73 0.62
N LEU A 287 2.53 35.46 -0.57
CA LEU A 287 3.38 36.41 -1.28
C LEU A 287 2.91 36.55 -2.72
N TYR A 288 3.07 37.77 -3.26
CA TYR A 288 2.87 38.03 -4.68
C TYR A 288 4.11 38.72 -5.24
N LEU A 289 4.63 38.20 -6.34
CA LEU A 289 5.89 38.67 -6.90
C LEU A 289 5.70 39.03 -8.37
N ASN A 290 6.48 40.02 -8.82
CA ASN A 290 6.51 40.41 -10.22
C ASN A 290 7.87 41.03 -10.51
N GLN A 291 8.17 41.16 -11.81
CA GLN A 291 9.53 41.50 -12.22
C GLN A 291 9.85 42.98 -11.99
N SER A 292 8.85 43.86 -12.05
CA SER A 292 9.11 45.29 -12.06
C SER A 292 8.50 46.04 -10.87
N VAL A 293 8.07 45.34 -9.82
CA VAL A 293 7.46 46.00 -8.67
C VAL A 293 8.00 45.37 -7.39
N PRO A 294 7.96 46.12 -6.29
CA PRO A 294 8.36 45.55 -5.00
C PRO A 294 7.41 44.44 -4.58
N PRO A 295 7.89 43.45 -3.82
CA PRO A 295 7.01 42.34 -3.41
C PRO A 295 5.95 42.79 -2.42
N TYR A 296 4.86 42.02 -2.40
CA TYR A 296 3.77 42.23 -1.46
C TYR A 296 3.50 40.93 -0.72
N GLY A 297 3.49 40.98 0.60
CA GLY A 297 3.26 39.79 1.41
C GLY A 297 2.50 40.14 2.68
N VAL A 298 1.76 39.14 3.18
CA VAL A 298 0.96 39.29 4.39
C VAL A 298 1.21 38.09 5.29
N ALA A 299 0.82 38.23 6.55
CA ALA A 299 0.89 37.17 7.55
C ALA A 299 -0.51 36.68 7.89
N LEU A 300 -0.65 35.37 8.02
CA LEU A 300 -1.96 34.77 8.25
C LEU A 300 -2.22 34.41 9.71
N ASN A 301 -1.17 34.34 10.54
CA ASN A 301 -1.34 34.13 11.98
C ASN A 301 -0.14 34.74 12.68
N SER A 302 -0.04 34.52 13.99
CA SER A 302 0.99 35.13 14.81
C SER A 302 2.25 34.27 14.94
N LEU A 303 2.28 33.09 14.32
CA LEU A 303 3.44 32.23 14.37
C LEU A 303 4.57 32.70 13.47
N THR A 304 4.45 33.86 12.83
CA THR A 304 5.51 34.44 12.04
C THR A 304 6.47 35.28 12.86
N THR A 305 6.20 35.48 14.14
CA THR A 305 7.03 36.32 14.99
C THR A 305 8.31 35.58 15.36
N GLY A 306 9.47 36.18 15.07
CA GLY A 306 10.74 35.57 15.39
C GLY A 306 11.18 34.47 14.47
N THR A 307 10.45 34.22 13.38
CA THR A 307 10.81 33.18 12.43
C THR A 307 11.18 33.69 11.05
N THR A 308 10.97 34.97 10.76
CA THR A 308 11.30 35.53 9.46
C THR A 308 11.53 37.02 9.59
N ALA A 309 12.39 37.55 8.72
CA ALA A 309 12.66 38.98 8.64
C ALA A 309 12.04 39.63 7.42
N PHE A 310 11.27 38.89 6.63
CA PHE A 310 10.61 39.47 5.47
C PHE A 310 9.55 40.46 5.91
N PRO A 311 9.42 41.60 5.23
CA PRO A 311 8.42 42.59 5.63
C PRO A 311 6.99 42.14 5.30
N LEU A 312 6.23 41.80 6.33
CA LEU A 312 4.86 41.33 6.16
C LEU A 312 3.92 42.15 7.00
N ARG A 313 2.68 42.29 6.53
CA ARG A 313 1.63 42.98 7.25
C ARG A 313 0.57 41.98 7.70
N THR A 314 -0.31 42.44 8.58
CA THR A 314 -1.33 41.58 9.17
C THR A 314 -2.60 41.63 8.31
N GLN A 315 -3.06 40.46 7.88
CA GLN A 315 -4.33 40.33 7.16
C GLN A 315 -5.44 40.16 8.19
N GLU A 316 -6.32 41.16 8.27
CA GLU A 316 -7.34 41.19 9.31
C GLU A 316 -8.46 40.20 9.00
N GLY A 317 -8.89 39.47 10.03
CA GLY A 317 -9.97 38.52 9.91
C GLY A 317 -9.60 37.16 9.36
N VAL A 318 -8.31 36.85 9.26
CA VAL A 318 -7.85 35.59 8.68
C VAL A 318 -6.90 34.92 9.65
N ARG A 319 -7.14 33.64 9.93
CA ARG A 319 -6.27 32.84 10.80
C ARG A 319 -6.23 31.42 10.24
N ILE A 320 -5.26 31.16 9.35
CA ILE A 320 -5.20 29.88 8.65
C ILE A 320 -3.76 29.44 8.42
N THR A 321 -3.59 28.26 7.81
CA THR A 321 -2.31 27.70 7.44
C THR A 321 -2.42 27.11 6.04
N LEU A 322 -1.36 27.24 5.25
CA LEU A 322 -1.40 26.78 3.86
C LEU A 322 -0.31 25.75 3.55
N ASP A 323 -0.11 24.78 4.45
CA ASP A 323 1.00 23.85 4.29
C ASP A 323 0.72 22.69 3.32
N CYS A 324 -0.52 22.23 3.24
CA CYS A 324 -0.89 21.14 2.34
C CYS A 324 -2.16 21.48 1.58
N ALA A 325 -2.20 22.66 0.97
CA ALA A 325 -3.39 23.17 0.31
C ALA A 325 -3.31 22.96 -1.20
N GLN A 326 -4.48 22.88 -1.83
CA GLN A 326 -4.62 22.80 -3.27
C GLN A 326 -5.36 24.03 -3.76
N ALA A 327 -4.96 24.55 -4.92
CA ALA A 327 -5.56 25.77 -5.44
C ALA A 327 -5.62 25.72 -6.96
N THR A 328 -6.54 26.50 -7.50
CA THR A 328 -6.68 26.67 -8.95
C THR A 328 -7.33 28.02 -9.21
N PHE A 329 -7.21 28.49 -10.45
CA PHE A 329 -7.71 29.80 -10.83
C PHE A 329 -9.09 29.67 -11.48
N ILE A 330 -10.04 30.44 -10.98
CA ILE A 330 -11.39 30.48 -11.55
C ILE A 330 -11.51 31.56 -12.60
N SER A 331 -10.91 32.72 -12.35
CA SER A 331 -10.92 33.84 -13.28
C SER A 331 -9.50 34.38 -13.35
N TYR A 332 -9.34 35.55 -13.97
CA TYR A 332 -8.03 36.18 -14.04
C TYR A 332 -7.61 36.83 -12.73
N ASP A 333 -8.52 36.96 -11.76
CA ASP A 333 -8.15 37.54 -10.47
C ASP A 333 -8.79 36.80 -9.29
N LYS A 334 -9.32 35.60 -9.48
CA LYS A 334 -9.96 34.86 -8.41
C LYS A 334 -9.40 33.45 -8.32
N MET A 335 -9.22 32.97 -7.11
CA MET A 335 -8.62 31.66 -6.85
C MET A 335 -9.44 30.93 -5.80
N VAL A 336 -9.54 29.61 -5.95
CA VAL A 336 -10.21 28.75 -4.98
C VAL A 336 -9.16 27.88 -4.30
N ILE A 337 -9.15 27.90 -2.98
CA ILE A 337 -8.17 27.17 -2.18
C ILE A 337 -8.88 26.17 -1.30
N SER A 338 -8.36 24.94 -1.26
CA SER A 338 -8.87 23.88 -0.39
C SER A 338 -7.82 23.62 0.68
N LEU A 339 -8.14 23.97 1.92
CA LEU A 339 -7.22 23.82 3.04
C LEU A 339 -7.21 22.37 3.52
N LYS A 340 -6.22 22.04 4.35
CA LYS A 340 -6.27 20.77 5.08
C LYS A 340 -7.39 20.84 6.10
N GLY A 341 -8.18 19.76 6.19
CA GLY A 341 -9.41 19.78 6.93
C GLY A 341 -10.65 20.01 6.08
N GLY A 342 -10.47 20.44 4.83
CA GLY A 342 -11.56 20.52 3.88
C GLY A 342 -12.21 21.87 3.72
N GLU A 343 -11.70 22.90 4.38
CA GLU A 343 -12.31 24.23 4.26
C GLU A 343 -12.01 24.84 2.90
N ILE A 344 -12.99 25.55 2.35
CA ILE A 344 -12.90 26.16 1.03
C ILE A 344 -12.85 27.67 1.20
N TYR A 345 -11.85 28.30 0.58
CA TYR A 345 -11.69 29.75 0.61
C TYR A 345 -11.61 30.28 -0.81
N VAL A 346 -12.08 31.52 -0.99
CA VAL A 346 -11.97 32.23 -2.26
C VAL A 346 -11.08 33.45 -2.03
N LEU A 347 -10.04 33.57 -2.86
CA LEU A 347 -9.06 34.64 -2.73
C LEU A 347 -9.15 35.56 -3.94
N THR A 348 -9.23 36.86 -3.70
CA THR A 348 -9.32 37.85 -4.76
C THR A 348 -8.08 38.73 -4.75
N LEU A 349 -7.55 39.00 -5.95
CA LEU A 349 -6.39 39.88 -6.11
C LEU A 349 -6.91 41.29 -6.42
N ILE A 350 -6.76 42.20 -5.47
CA ILE A 350 -7.25 43.57 -5.62
C ILE A 350 -6.18 44.40 -6.30
N THR A 351 -6.50 44.94 -7.47
CA THR A 351 -5.55 45.66 -8.29
C THR A 351 -5.93 47.13 -8.39
N ASP A 352 -4.94 47.94 -8.78
CA ASP A 352 -5.13 49.36 -9.00
C ASP A 352 -5.61 49.59 -10.44
N GLY A 353 -5.58 50.84 -10.89
CA GLY A 353 -5.99 51.15 -12.25
C GLY A 353 -5.00 50.75 -13.31
N MET A 354 -3.79 50.30 -12.93
CA MET A 354 -2.76 49.88 -13.86
C MET A 354 -2.46 48.39 -13.74
N ARG A 355 -3.46 47.60 -13.31
CA ARG A 355 -3.32 46.15 -13.16
C ARG A 355 -2.16 45.79 -12.23
N SER A 356 -2.01 46.55 -11.15
CA SER A 356 -0.98 46.30 -10.15
C SER A 356 -1.65 45.84 -8.86
N VAL A 357 -1.25 44.66 -8.38
CA VAL A 357 -1.87 44.09 -7.18
C VAL A 357 -1.41 44.87 -5.95
N ARG A 358 -2.36 45.24 -5.10
CA ARG A 358 -2.07 46.02 -3.91
C ARG A 358 -2.72 45.49 -2.64
N ALA A 359 -3.59 44.49 -2.72
CA ALA A 359 -4.25 43.95 -1.53
C ALA A 359 -4.79 42.56 -1.83
N PHE A 360 -5.28 41.90 -0.80
CA PHE A 360 -5.89 40.58 -0.89
C PHE A 360 -7.24 40.59 -0.20
N HIS A 361 -8.11 39.68 -0.63
CA HIS A 361 -9.42 39.50 -0.01
C HIS A 361 -9.67 38.01 0.19
N PHE A 362 -10.04 37.63 1.41
CA PHE A 362 -10.32 36.25 1.76
C PHE A 362 -11.80 36.09 2.12
N ASP A 363 -12.41 35.02 1.62
CA ASP A 363 -13.80 34.71 1.91
C ASP A 363 -13.92 33.23 2.23
N LYS A 364 -14.57 32.91 3.35
CA LYS A 364 -14.82 31.53 3.76
C LYS A 364 -16.14 31.10 3.16
N ALA A 365 -16.10 30.12 2.25
CA ALA A 365 -17.27 29.74 1.46
C ALA A 365 -17.98 28.52 2.03
N ALA A 366 -17.27 27.39 2.17
CA ALA A 366 -17.92 26.15 2.57
C ALA A 366 -16.87 25.20 3.14
N ALA A 367 -17.28 23.96 3.37
CA ALA A 367 -16.40 22.88 3.80
C ALA A 367 -16.71 21.65 2.97
N SER A 368 -15.68 20.87 2.65
CA SER A 368 -15.87 19.76 1.71
C SER A 368 -14.86 18.65 2.05
N VAL A 369 -14.63 17.77 1.08
CA VAL A 369 -13.78 16.60 1.29
C VAL A 369 -12.31 17.00 1.27
N LEU A 370 -11.47 16.12 1.84
CA LEU A 370 -10.02 16.25 1.72
C LEU A 370 -9.58 15.83 0.33
N THR A 371 -8.86 16.71 -0.36
CA THR A 371 -8.59 16.53 -1.78
C THR A 371 -7.10 16.34 -2.04
N THR A 372 -6.81 15.76 -3.21
CA THR A 372 -5.45 15.70 -3.74
C THR A 372 -5.24 16.56 -4.98
N SER A 373 -6.31 16.96 -5.66
CA SER A 373 -6.22 17.78 -6.86
C SER A 373 -7.58 18.41 -7.14
N MET A 374 -7.58 19.44 -7.97
CA MET A 374 -8.82 20.07 -8.41
C MET A 374 -8.61 20.68 -9.79
N VAL A 375 -9.71 20.86 -10.51
CA VAL A 375 -9.66 21.43 -11.85
C VAL A 375 -11.03 22.04 -12.15
N THR A 376 -11.02 23.13 -12.92
CA THR A 376 -12.24 23.78 -13.37
C THR A 376 -12.66 23.18 -14.71
N MET A 377 -13.91 22.75 -14.80
CA MET A 377 -14.44 22.16 -16.03
C MET A 377 -15.14 23.18 -16.90
N GLU A 378 -16.25 23.73 -16.44
CA GLU A 378 -17.04 24.71 -17.15
C GLU A 378 -17.34 25.86 -16.21
N PRO A 379 -17.69 27.04 -16.74
CA PRO A 379 -18.08 28.14 -15.86
C PRO A 379 -19.18 27.72 -14.89
N GLY A 380 -18.84 27.66 -13.61
CA GLY A 380 -19.75 27.19 -12.59
C GLY A 380 -19.60 25.74 -12.18
N TYR A 381 -18.53 25.06 -12.60
CA TYR A 381 -18.33 23.66 -12.26
C TYR A 381 -16.91 23.42 -11.79
N LEU A 382 -16.77 22.65 -10.71
CA LEU A 382 -15.48 22.25 -10.15
C LEU A 382 -15.47 20.76 -9.89
N PHE A 383 -14.28 20.17 -9.97
CA PHE A 383 -14.07 18.78 -9.62
C PHE A 383 -12.99 18.68 -8.55
N LEU A 384 -13.27 17.94 -7.48
CA LEU A 384 -12.33 17.71 -6.40
C LEU A 384 -11.96 16.24 -6.38
N GLY A 385 -10.72 15.92 -6.73
CA GLY A 385 -10.23 14.56 -6.69
C GLY A 385 -9.73 14.20 -5.29
N SER A 386 -10.12 13.02 -4.83
CA SER A 386 -9.82 12.59 -3.47
C SER A 386 -9.17 11.21 -3.47
N ARG A 387 -8.19 11.06 -2.58
CA ARG A 387 -7.57 9.77 -2.31
C ARG A 387 -8.01 9.19 -0.97
N LEU A 388 -8.47 10.03 -0.04
CA LEU A 388 -8.92 9.61 1.28
C LEU A 388 -10.44 9.61 1.42
N GLY A 389 -11.16 9.97 0.38
CA GLY A 389 -12.61 10.01 0.43
C GLY A 389 -13.21 9.84 -0.94
N ASN A 390 -14.44 10.34 -1.10
CA ASN A 390 -15.15 10.27 -2.36
C ASN A 390 -14.94 11.55 -3.15
N SER A 391 -14.57 11.42 -4.42
CA SER A 391 -14.40 12.57 -5.30
C SER A 391 -15.75 13.20 -5.61
N LEU A 392 -15.77 14.54 -5.68
CA LEU A 392 -17.00 15.29 -5.77
C LEU A 392 -16.98 16.21 -6.98
N LEU A 393 -18.17 16.49 -7.51
CA LEU A 393 -18.38 17.51 -8.54
C LEU A 393 -19.28 18.59 -7.95
N LEU A 394 -18.78 19.82 -7.93
CA LEU A 394 -19.47 20.93 -7.29
C LEU A 394 -20.01 21.90 -8.33
N LYS A 395 -20.84 22.83 -7.85
CA LYS A 395 -21.42 23.87 -8.70
C LYS A 395 -21.53 25.14 -7.87
N TYR A 396 -20.91 26.22 -8.35
CA TYR A 396 -20.88 27.48 -7.62
C TYR A 396 -21.59 28.57 -8.42
N THR A 397 -22.34 29.41 -7.71
CA THR A 397 -23.03 30.54 -8.31
C THR A 397 -22.77 31.79 -7.50
N GLU A 398 -22.72 32.93 -8.18
CA GLU A 398 -22.47 34.20 -7.51
C GLU A 398 -23.70 34.66 -6.74
N LYS A 399 -23.51 35.00 -5.47
CA LYS A 399 -24.62 35.43 -4.63
C LYS A 399 -25.05 36.85 -5.00
N LEU A 400 -26.35 37.09 -4.94
CA LEU A 400 -26.90 38.41 -5.26
C LEU A 400 -27.51 39.06 -4.04
N LEU A 458 -17.75 43.50 -3.32
CA LEU A 458 -17.13 42.36 -4.00
C LEU A 458 -18.17 41.26 -4.26
N ALA A 459 -17.72 40.18 -4.89
CA ALA A 459 -18.59 39.07 -5.24
C ALA A 459 -18.40 37.91 -4.26
N THR A 460 -19.48 37.18 -4.02
CA THR A 460 -19.47 36.04 -3.10
C THR A 460 -20.11 34.86 -3.80
N TYR A 461 -19.66 33.65 -3.45
CA TYR A 461 -20.11 32.43 -4.10
C TYR A 461 -20.60 31.44 -3.06
N SER A 462 -21.50 30.55 -3.51
CA SER A 462 -21.99 29.43 -2.71
C SER A 462 -21.85 28.15 -3.53
N PHE A 463 -21.46 27.07 -2.87
CA PHE A 463 -21.17 25.81 -3.52
C PHE A 463 -22.22 24.76 -3.19
N GLU A 464 -22.29 23.74 -4.03
CA GLU A 464 -23.31 22.71 -3.91
C GLU A 464 -22.84 21.44 -4.60
N VAL A 465 -23.18 20.28 -4.02
CA VAL A 465 -22.74 18.99 -4.53
C VAL A 465 -23.67 18.53 -5.64
N CYS A 466 -23.10 17.97 -6.70
CA CYS A 466 -23.84 17.44 -7.84
C CYS A 466 -23.69 15.94 -8.02
N ASP A 467 -22.48 15.41 -7.89
CA ASP A 467 -22.23 13.99 -8.10
C ASP A 467 -21.03 13.56 -7.27
N SER A 468 -20.86 12.25 -7.12
CA SER A 468 -19.77 11.71 -6.34
C SER A 468 -19.32 10.37 -6.91
N ILE A 469 -18.07 10.01 -6.66
CA ILE A 469 -17.46 8.78 -7.15
C ILE A 469 -16.98 7.97 -5.96
N LEU A 470 -17.36 6.69 -5.94
CA LEU A 470 -17.12 5.84 -4.77
C LEU A 470 -15.65 5.46 -4.64
N ASN A 471 -15.16 5.43 -3.41
CA ASN A 471 -13.77 5.06 -3.11
C ASN A 471 -13.75 4.38 -1.75
N ILE A 472 -13.21 3.16 -1.70
CA ILE A 472 -13.12 2.43 -0.45
C ILE A 472 -11.80 2.75 0.25
N GLY A 473 -11.11 3.77 -0.26
CA GLY A 473 -10.06 4.44 0.47
C GLY A 473 -8.88 3.56 0.81
N PRO A 474 -8.01 4.03 1.71
CA PRO A 474 -6.90 3.21 2.18
C PRO A 474 -7.39 2.14 3.14
N CYS A 475 -7.17 0.88 2.77
CA CYS A 475 -7.62 -0.25 3.57
C CYS A 475 -6.58 -0.53 4.64
N ALA A 476 -6.85 -0.09 5.87
CA ALA A 476 -5.91 -0.23 6.97
C ALA A 476 -6.03 -1.57 7.69
N ASN A 477 -7.24 -2.02 7.98
CA ASN A 477 -7.47 -3.26 8.69
C ASN A 477 -8.73 -3.90 8.15
N ALA A 478 -8.80 -5.23 8.22
CA ALA A 478 -9.93 -5.96 7.67
C ALA A 478 -10.28 -7.13 8.59
N ALA A 479 -11.57 -7.49 8.59
CA ALA A 479 -12.07 -8.60 9.37
C ALA A 479 -13.09 -9.38 8.54
N VAL A 480 -13.17 -10.69 8.79
CA VAL A 480 -14.06 -11.58 8.07
C VAL A 480 -15.11 -12.10 9.05
N GLY A 481 -16.38 -12.00 8.68
CA GLY A 481 -17.46 -12.48 9.51
C GLY A 481 -18.59 -13.11 8.72
N GLU A 482 -19.70 -13.40 9.39
CA GLU A 482 -20.86 -14.02 8.76
C GLU A 482 -21.97 -13.00 8.55
N PRO A 483 -22.65 -13.05 7.41
CA PRO A 483 -23.82 -12.18 7.22
C PRO A 483 -24.92 -12.51 8.21
N ALA A 484 -25.67 -11.47 8.59
CA ALA A 484 -26.70 -11.65 9.62
C ALA A 484 -27.90 -12.42 9.09
N PHE A 485 -28.28 -12.19 7.83
CA PHE A 485 -29.50 -12.77 7.27
C PHE A 485 -29.18 -13.63 6.06
N LEU A 486 -29.77 -14.82 6.02
CA LEU A 486 -29.68 -15.70 4.87
C LEU A 486 -30.95 -16.55 4.84
N SER A 487 -31.52 -16.71 3.64
CA SER A 487 -32.77 -17.44 3.52
C SER A 487 -32.57 -18.91 3.88
N GLU A 488 -33.61 -19.50 4.45
CA GLU A 488 -33.52 -20.87 4.97
C GLU A 488 -33.25 -21.90 3.88
N GLU A 489 -33.52 -21.56 2.62
CA GLU A 489 -33.31 -22.50 1.54
C GLU A 489 -31.83 -22.74 1.25
N PHE A 490 -30.95 -21.84 1.68
CA PHE A 490 -29.52 -21.95 1.41
C PHE A 490 -28.70 -22.22 2.68
N GLN A 491 -29.34 -22.66 3.75
CA GLN A 491 -28.68 -22.82 5.04
C GLN A 491 -28.07 -24.21 5.24
N ASN A 492 -28.16 -25.09 4.24
CA ASN A 492 -27.53 -26.40 4.31
C ASN A 492 -26.39 -26.54 3.32
N SER A 493 -25.88 -25.43 2.78
CA SER A 493 -24.80 -25.48 1.81
C SER A 493 -23.50 -25.89 2.50
N PRO A 494 -22.73 -26.81 1.91
CA PRO A 494 -21.43 -27.16 2.50
C PRO A 494 -20.45 -26.00 2.54
N GLU A 495 -20.52 -25.08 1.58
CA GLU A 495 -19.63 -23.93 1.54
C GLU A 495 -20.05 -22.87 2.55
N PRO A 496 -19.09 -22.17 3.16
CA PRO A 496 -19.44 -21.13 4.13
C PRO A 496 -19.88 -19.84 3.45
N ASP A 497 -20.61 -19.03 4.21
CA ASP A 497 -21.12 -17.75 3.76
C ASP A 497 -20.40 -16.65 4.52
N LEU A 498 -19.63 -15.83 3.80
CA LEU A 498 -18.69 -14.91 4.41
C LEU A 498 -18.81 -13.52 3.80
N GLU A 499 -18.31 -12.54 4.53
CA GLU A 499 -18.25 -11.14 4.09
C GLU A 499 -17.05 -10.47 4.74
N ILE A 500 -16.65 -9.34 4.17
CA ILE A 500 -15.46 -8.61 4.60
C ILE A 500 -15.85 -7.23 5.08
N VAL A 501 -15.27 -6.81 6.20
CA VAL A 501 -15.45 -5.46 6.75
C VAL A 501 -14.08 -4.82 6.88
N VAL A 502 -13.91 -3.65 6.29
CA VAL A 502 -12.61 -2.97 6.26
C VAL A 502 -12.75 -1.57 6.83
N CYS A 503 -11.62 -1.03 7.30
CA CYS A 503 -11.53 0.34 7.79
C CYS A 503 -11.00 1.22 6.66
N SER A 504 -11.73 2.30 6.35
CA SER A 504 -11.43 3.12 5.19
C SER A 504 -11.51 4.60 5.55
N GLY A 505 -10.86 5.42 4.72
CA GLY A 505 -10.89 6.86 4.88
C GLY A 505 -9.93 7.36 5.93
N HIS A 506 -10.08 8.64 6.27
CA HIS A 506 -9.29 9.25 7.32
C HIS A 506 -9.97 10.52 7.80
N GLY A 507 -9.88 10.78 9.10
CA GLY A 507 -10.41 12.01 9.66
C GLY A 507 -11.91 12.09 9.53
N LYS A 508 -12.40 13.21 9.01
CA LYS A 508 -13.84 13.40 8.83
C LYS A 508 -14.44 12.48 7.78
N ASN A 509 -13.60 11.82 6.97
CA ASN A 509 -14.07 10.92 5.94
C ASN A 509 -13.93 9.45 6.34
N GLY A 510 -13.64 9.16 7.60
CA GLY A 510 -13.49 7.78 8.02
C GLY A 510 -14.81 7.02 7.98
N ALA A 511 -14.73 5.73 7.66
CA ALA A 511 -15.92 4.93 7.47
C ALA A 511 -15.56 3.45 7.57
N LEU A 512 -16.59 2.62 7.55
CA LEU A 512 -16.46 1.17 7.43
C LEU A 512 -17.14 0.73 6.14
N SER A 513 -16.49 -0.18 5.41
CA SER A 513 -17.02 -0.70 4.16
C SER A 513 -17.29 -2.19 4.30
N VAL A 514 -18.52 -2.59 3.99
CA VAL A 514 -18.92 -3.99 3.96
C VAL A 514 -18.94 -4.46 2.51
N LEU A 515 -18.23 -5.54 2.22
CA LEU A 515 -18.01 -5.97 0.85
C LEU A 515 -18.45 -7.41 0.64
N GLN A 516 -19.22 -7.63 -0.42
CA GLN A 516 -19.58 -8.96 -0.88
C GLN A 516 -19.28 -9.05 -2.36
N LYS A 517 -19.06 -10.27 -2.84
CA LYS A 517 -18.74 -10.48 -4.25
C LYS A 517 -19.89 -11.07 -5.06
N SER A 518 -20.64 -12.00 -4.50
CA SER A 518 -21.74 -12.64 -5.20
C SER A 518 -23.07 -12.15 -4.67
N ILE A 519 -24.11 -12.33 -5.48
CA ILE A 519 -25.47 -11.90 -5.15
C ILE A 519 -26.22 -13.08 -4.57
N ARG A 520 -26.84 -12.88 -3.41
CA ARG A 520 -27.65 -13.90 -2.76
C ARG A 520 -29.11 -13.48 -2.79
N PRO A 521 -29.97 -14.18 -3.53
CA PRO A 521 -31.38 -13.78 -3.60
C PRO A 521 -32.11 -14.02 -2.27
N GLN A 522 -33.16 -13.25 -2.07
CA GLN A 522 -34.01 -13.34 -0.88
C GLN A 522 -35.29 -14.04 -1.27
N VAL A 523 -35.36 -15.35 -1.01
CA VAL A 523 -36.47 -16.17 -1.48
C VAL A 523 -37.73 -15.84 -0.69
N VAL A 524 -38.82 -15.60 -1.42
CA VAL A 524 -40.12 -15.35 -0.79
C VAL A 524 -40.94 -16.63 -0.70
N THR A 525 -41.05 -17.37 -1.81
CA THR A 525 -41.83 -18.59 -1.87
C THR A 525 -41.18 -19.53 -2.87
N THR A 526 -41.33 -20.83 -2.65
CA THR A 526 -40.83 -21.84 -3.57
C THR A 526 -41.94 -22.82 -3.91
N PHE A 527 -41.94 -23.29 -5.15
CA PHE A 527 -42.93 -24.24 -5.65
C PHE A 527 -42.23 -25.39 -6.36
N GLU A 528 -42.88 -26.54 -6.37
CA GLU A 528 -42.36 -27.74 -7.02
C GLU A 528 -43.19 -28.02 -8.27
N LEU A 529 -42.63 -27.74 -9.44
CA LEU A 529 -43.29 -27.96 -10.72
C LEU A 529 -42.34 -28.68 -11.68
N PRO A 530 -42.09 -29.96 -11.44
CA PRO A 530 -41.22 -30.71 -12.34
C PRO A 530 -41.85 -30.90 -13.71
N GLY A 531 -41.01 -30.97 -14.73
CA GLY A 531 -41.45 -31.20 -16.09
C GLY A 531 -41.54 -29.98 -16.98
N CYS A 532 -41.10 -28.81 -16.51
CA CYS A 532 -41.13 -27.60 -17.30
C CYS A 532 -39.76 -27.29 -17.87
N TYR A 533 -39.76 -26.66 -19.05
CA TYR A 533 -38.53 -26.33 -19.76
C TYR A 533 -38.32 -24.84 -19.97
N ASP A 534 -39.37 -24.10 -20.30
CA ASP A 534 -39.28 -22.68 -20.57
C ASP A 534 -40.48 -21.97 -19.97
N MET A 535 -40.32 -20.67 -19.70
CA MET A 535 -41.39 -19.89 -19.11
C MET A 535 -41.25 -18.43 -19.53
N TRP A 536 -42.38 -17.72 -19.49
CA TRP A 536 -42.44 -16.31 -19.85
C TRP A 536 -43.44 -15.60 -18.94
N THR A 537 -43.25 -14.30 -18.77
CA THR A 537 -44.19 -13.45 -18.07
C THR A 537 -44.63 -12.32 -19.00
N VAL A 538 -45.93 -12.04 -19.03
CA VAL A 538 -46.49 -11.03 -19.92
C VAL A 538 -47.33 -10.06 -19.09
N ILE A 539 -47.21 -8.78 -19.42
CA ILE A 539 -47.99 -7.74 -18.76
C ILE A 539 -49.39 -7.73 -19.33
N ALA A 540 -50.39 -7.76 -18.46
CA ALA A 540 -51.79 -7.75 -18.89
C ALA A 540 -52.47 -6.45 -18.49
N GLY A 569 -48.64 0.44 -12.95
CA GLY A 569 -49.29 0.13 -14.20
C GLY A 569 -48.50 -0.80 -15.09
N ARG A 570 -47.52 -1.48 -14.49
CA ARG A 570 -46.64 -2.42 -15.19
C ARG A 570 -46.52 -3.72 -14.41
N ARG A 571 -47.66 -4.25 -13.97
CA ARG A 571 -47.71 -5.48 -13.20
C ARG A 571 -48.02 -6.65 -14.12
N HIS A 572 -47.26 -7.73 -13.97
CA HIS A 572 -47.46 -8.90 -14.81
C HIS A 572 -48.78 -9.58 -14.49
N GLY A 573 -49.47 -10.04 -15.53
CA GLY A 573 -50.80 -10.59 -15.36
C GLY A 573 -50.91 -12.08 -15.61
N PHE A 574 -50.00 -12.64 -16.41
CA PHE A 574 -50.05 -14.06 -16.74
C PHE A 574 -48.65 -14.66 -16.66
N LEU A 575 -48.61 -15.96 -16.37
CA LEU A 575 -47.37 -16.74 -16.38
C LEU A 575 -47.59 -17.96 -17.25
N ILE A 576 -46.75 -18.13 -18.27
CA ILE A 576 -46.87 -19.21 -19.23
C ILE A 576 -45.71 -20.18 -19.01
N LEU A 577 -46.04 -21.46 -18.87
CA LEU A 577 -45.07 -22.52 -18.65
C LEU A 577 -45.22 -23.56 -19.75
N SER A 578 -44.11 -23.97 -20.35
CA SER A 578 -44.11 -24.91 -21.47
C SER A 578 -43.65 -26.27 -20.97
N ARG A 579 -44.46 -27.29 -21.20
CA ARG A 579 -44.13 -28.67 -20.85
C ARG A 579 -43.72 -29.42 -22.12
N GLU A 580 -43.54 -30.73 -21.98
CA GLU A 580 -43.11 -31.54 -23.12
C GLU A 580 -44.14 -31.54 -24.24
N ASP A 581 -45.43 -31.68 -23.89
CA ASP A 581 -46.48 -31.69 -24.89
C ASP A 581 -47.71 -30.92 -24.42
N SER A 582 -47.53 -29.92 -23.57
CA SER A 582 -48.66 -29.14 -23.06
C SER A 582 -48.14 -27.80 -22.57
N THR A 583 -49.08 -26.88 -22.34
CA THR A 583 -48.77 -25.55 -21.84
C THR A 583 -49.72 -25.22 -20.69
N MET A 584 -49.16 -24.63 -19.63
CA MET A 584 -49.91 -24.28 -18.43
C MET A 584 -49.97 -22.76 -18.29
N ILE A 585 -51.15 -22.24 -18.00
CA ILE A 585 -51.39 -20.80 -17.92
C ILE A 585 -51.84 -20.47 -16.50
N LEU A 586 -51.20 -19.46 -15.89
CA LEU A 586 -51.50 -19.04 -14.53
C LEU A 586 -51.72 -17.53 -14.50
N GLN A 587 -52.73 -17.10 -13.76
CA GLN A 587 -52.93 -15.68 -13.48
C GLN A 587 -52.17 -15.28 -12.22
N THR A 588 -51.53 -14.12 -12.26
CA THR A 588 -50.70 -13.62 -11.18
C THR A 588 -51.33 -12.36 -10.62
N GLY A 589 -52.10 -12.52 -9.54
CA GLY A 589 -52.69 -11.39 -8.85
C GLY A 589 -52.53 -11.49 -7.35
N GLN A 590 -53.63 -11.41 -6.61
CA GLN A 590 -53.56 -11.67 -5.17
C GLN A 590 -53.20 -13.12 -4.90
N GLU A 591 -53.74 -14.04 -5.69
CA GLU A 591 -53.40 -15.45 -5.63
C GLU A 591 -53.14 -15.96 -7.04
N ILE A 592 -52.25 -16.94 -7.14
CA ILE A 592 -51.87 -17.52 -8.44
C ILE A 592 -52.73 -18.76 -8.66
N MET A 593 -53.52 -18.75 -9.74
CA MET A 593 -54.45 -19.82 -10.04
C MET A 593 -54.29 -20.25 -11.49
N GLU A 594 -54.53 -21.54 -11.74
CA GLU A 594 -54.43 -22.10 -13.08
C GLU A 594 -55.74 -21.91 -13.83
N LEU A 595 -55.64 -21.64 -15.13
CA LEU A 595 -56.79 -21.49 -16.00
C LEU A 595 -56.93 -22.73 -16.87
N ASP A 596 -58.13 -23.29 -16.92
CA ASP A 596 -58.39 -24.47 -17.73
C ASP A 596 -59.08 -24.15 -19.05
N THR A 597 -59.78 -23.02 -19.13
CA THR A 597 -60.37 -22.55 -20.38
C THR A 597 -59.91 -21.12 -20.64
N SER A 598 -59.49 -20.86 -21.87
CA SER A 598 -58.93 -19.57 -22.26
C SER A 598 -58.75 -19.56 -23.77
N GLY A 599 -58.29 -18.43 -24.29
CA GLY A 599 -57.94 -18.30 -25.68
C GLY A 599 -56.54 -18.75 -26.02
N PHE A 600 -55.76 -19.19 -25.03
CA PHE A 600 -54.42 -19.67 -25.26
C PHE A 600 -54.46 -21.09 -25.83
N ALA A 601 -53.29 -21.63 -26.13
CA ALA A 601 -53.14 -23.00 -26.61
C ALA A 601 -52.48 -23.84 -25.51
N THR A 602 -53.14 -24.93 -25.13
CA THR A 602 -52.64 -25.81 -24.08
C THR A 602 -52.32 -27.22 -24.55
N GLN A 603 -52.75 -27.60 -25.76
CA GLN A 603 -52.55 -28.96 -26.23
C GLN A 603 -51.14 -29.23 -26.73
N GLY A 604 -50.35 -28.19 -26.97
CA GLY A 604 -49.00 -28.36 -27.44
C GLY A 604 -48.06 -27.35 -26.81
N PRO A 605 -46.75 -27.60 -26.93
CA PRO A 605 -45.76 -26.66 -26.40
C PRO A 605 -45.77 -25.35 -27.16
N THR A 606 -45.33 -24.30 -26.48
CA THR A 606 -45.23 -22.98 -27.06
C THR A 606 -43.77 -22.62 -27.33
N VAL A 607 -43.55 -21.85 -28.38
CA VAL A 607 -42.20 -21.45 -28.76
C VAL A 607 -41.84 -20.11 -28.13
N PHE A 608 -42.77 -19.16 -28.10
CA PHE A 608 -42.47 -17.83 -27.57
C PHE A 608 -43.77 -17.18 -27.12
N ALA A 609 -43.65 -16.28 -26.14
CA ALA A 609 -44.78 -15.49 -25.66
C ALA A 609 -44.27 -14.11 -25.28
N GLY A 610 -45.03 -13.08 -25.65
CA GLY A 610 -44.62 -11.72 -25.37
C GLY A 610 -45.72 -10.74 -25.66
N ASN A 611 -45.39 -9.46 -25.52
CA ASN A 611 -46.33 -8.36 -25.71
C ASN A 611 -46.05 -7.65 -27.03
N ILE A 612 -47.09 -7.44 -27.83
CA ILE A 612 -46.99 -6.65 -29.04
C ILE A 612 -47.80 -5.38 -28.86
N GLY A 613 -47.52 -4.39 -29.69
CA GLY A 613 -48.15 -3.10 -29.50
C GLY A 613 -47.54 -2.37 -28.32
N ASP A 614 -48.33 -1.46 -27.76
CA ASP A 614 -47.92 -0.71 -26.57
C ASP A 614 -48.44 -1.37 -25.31
N ASN A 615 -47.98 -2.61 -25.09
CA ASN A 615 -48.40 -3.44 -23.96
C ASN A 615 -49.91 -3.65 -23.95
N ARG A 616 -50.53 -3.76 -25.12
CA ARG A 616 -51.96 -3.94 -25.22
C ARG A 616 -52.40 -5.31 -25.72
N TYR A 617 -51.50 -6.06 -26.36
CA TYR A 617 -51.81 -7.37 -26.89
C TYR A 617 -50.75 -8.38 -26.45
N ILE A 618 -51.07 -9.65 -26.62
CA ILE A 618 -50.17 -10.76 -26.30
C ILE A 618 -50.07 -11.66 -27.52
N VAL A 619 -48.85 -12.00 -27.92
CA VAL A 619 -48.60 -12.88 -29.05
C VAL A 619 -48.08 -14.22 -28.53
N GLN A 620 -48.70 -15.30 -28.98
CA GLN A 620 -48.28 -16.66 -28.63
C GLN A 620 -47.92 -17.39 -29.92
N VAL A 621 -46.72 -17.99 -29.93
CA VAL A 621 -46.20 -18.66 -31.12
C VAL A 621 -46.15 -20.16 -30.84
N SER A 622 -46.79 -20.93 -31.69
CA SER A 622 -46.82 -22.39 -31.64
C SER A 622 -46.02 -22.95 -32.81
N PRO A 623 -45.61 -24.22 -32.72
CA PRO A 623 -44.91 -24.83 -33.87
C PRO A 623 -45.75 -24.89 -35.14
N LEU A 624 -47.06 -24.66 -35.05
CA LEU A 624 -47.94 -24.73 -36.21
C LEU A 624 -48.49 -23.38 -36.64
N GLY A 625 -48.36 -22.33 -35.83
CA GLY A 625 -48.90 -21.04 -36.21
C GLY A 625 -48.66 -20.01 -35.12
N ILE A 626 -49.22 -18.82 -35.36
CA ILE A 626 -49.08 -17.69 -34.45
C ILE A 626 -50.47 -17.19 -34.08
N ARG A 627 -50.62 -16.76 -32.82
CA ARG A 627 -51.91 -16.34 -32.28
C ARG A 627 -51.80 -14.94 -31.72
N LEU A 628 -52.87 -14.17 -31.85
CA LEU A 628 -52.95 -12.81 -31.31
C LEU A 628 -54.05 -12.77 -30.27
N LEU A 629 -53.72 -12.22 -29.09
CA LEU A 629 -54.62 -12.22 -27.95
C LEU A 629 -54.66 -10.83 -27.33
N GLU A 630 -55.83 -10.46 -26.81
CA GLU A 630 -55.98 -9.22 -26.04
C GLU A 630 -55.97 -9.49 -24.54
N GLY A 631 -56.91 -10.31 -24.06
CA GLY A 631 -56.89 -10.79 -22.69
C GLY A 631 -56.80 -12.30 -22.67
N VAL A 632 -57.90 -12.95 -22.31
CA VAL A 632 -58.05 -14.39 -22.46
C VAL A 632 -58.88 -14.75 -23.68
N ASN A 633 -59.23 -13.77 -24.50
CA ASN A 633 -60.07 -13.98 -25.67
C ASN A 633 -59.23 -13.93 -26.93
N GLN A 634 -59.40 -14.94 -27.79
CA GLN A 634 -58.65 -15.01 -29.03
C GLN A 634 -59.21 -14.04 -30.06
N LEU A 635 -58.32 -13.40 -30.81
CA LEU A 635 -58.70 -12.46 -31.85
C LEU A 635 -58.40 -12.97 -33.26
N HIS A 636 -57.21 -13.51 -33.48
CA HIS A 636 -56.81 -13.95 -34.81
C HIS A 636 -55.86 -15.14 -34.68
N PHE A 637 -55.88 -16.00 -35.69
CA PHE A 637 -54.97 -17.12 -35.77
C PHE A 637 -54.48 -17.29 -37.20
N ILE A 638 -53.18 -17.47 -37.36
CA ILE A 638 -52.57 -17.61 -38.69
C ILE A 638 -51.79 -18.92 -38.76
N PRO A 639 -52.30 -19.92 -39.47
CA PRO A 639 -51.50 -21.14 -39.69
C PRO A 639 -50.24 -20.83 -40.49
N VAL A 640 -49.14 -21.48 -40.11
CA VAL A 640 -47.85 -21.26 -40.74
C VAL A 640 -47.27 -22.61 -41.14
N ASP A 641 -47.05 -22.80 -42.44
CA ASP A 641 -46.46 -24.02 -42.98
C ASP A 641 -45.35 -23.63 -43.94
N LEU A 642 -44.14 -23.46 -43.41
CA LEU A 642 -42.97 -23.09 -44.20
C LEU A 642 -42.22 -24.30 -44.72
N GLY A 643 -42.71 -25.52 -44.46
CA GLY A 643 -42.02 -26.73 -44.81
C GLY A 643 -41.29 -27.38 -43.65
N ALA A 644 -41.01 -26.62 -42.60
CA ALA A 644 -40.36 -27.11 -41.40
C ALA A 644 -41.02 -26.46 -40.19
N PRO A 645 -40.99 -27.12 -39.03
CA PRO A 645 -41.60 -26.51 -37.84
C PRO A 645 -40.85 -25.26 -37.41
N ILE A 646 -41.59 -24.34 -36.78
CA ILE A 646 -40.99 -23.12 -36.24
C ILE A 646 -40.10 -23.47 -35.06
N VAL A 647 -38.92 -22.84 -35.01
CA VAL A 647 -37.96 -23.14 -33.96
C VAL A 647 -37.55 -21.88 -33.21
N GLN A 648 -37.84 -20.70 -33.77
CA GLN A 648 -37.42 -19.47 -33.14
C GLN A 648 -38.35 -18.34 -33.56
N CYS A 649 -38.45 -17.32 -32.70
CA CYS A 649 -39.26 -16.15 -32.97
C CYS A 649 -38.65 -14.94 -32.27
N ALA A 650 -38.67 -13.80 -32.95
CA ALA A 650 -38.19 -12.54 -32.40
C ALA A 650 -39.25 -11.46 -32.58
N VAL A 651 -39.33 -10.56 -31.62
CA VAL A 651 -40.41 -9.56 -31.58
C VAL A 651 -39.79 -8.18 -31.38
N ALA A 652 -40.03 -7.28 -32.34
CA ALA A 652 -39.75 -5.87 -32.19
C ALA A 652 -41.01 -5.15 -31.72
N ASP A 653 -41.03 -3.81 -31.77
CA ASP A 653 -42.22 -3.10 -31.31
C ASP A 653 -43.41 -3.34 -32.23
N PRO A 654 -43.36 -3.04 -33.55
CA PRO A 654 -44.47 -3.45 -34.42
C PRO A 654 -44.20 -4.72 -35.22
N TYR A 655 -42.97 -5.23 -35.17
CA TYR A 655 -42.53 -6.29 -36.08
C TYR A 655 -42.41 -7.62 -35.35
N VAL A 656 -42.75 -8.70 -36.06
CA VAL A 656 -42.56 -10.07 -35.59
C VAL A 656 -41.88 -10.85 -36.70
N VAL A 657 -40.78 -11.52 -36.38
CA VAL A 657 -40.02 -12.30 -37.33
C VAL A 657 -39.87 -13.71 -36.79
N ILE A 658 -40.19 -14.72 -37.61
CA ILE A 658 -40.09 -16.12 -37.24
C ILE A 658 -39.19 -16.83 -38.24
N MET A 659 -38.58 -17.91 -37.78
CA MET A 659 -37.66 -18.69 -38.60
C MET A 659 -37.97 -20.17 -38.44
N SER A 660 -38.00 -20.90 -39.54
CA SER A 660 -38.28 -22.33 -39.52
C SER A 660 -37.01 -23.12 -39.23
N ALA A 661 -37.14 -24.44 -39.21
CA ALA A 661 -35.99 -25.30 -38.94
C ALA A 661 -35.04 -25.39 -40.13
N GLU A 662 -35.53 -25.17 -41.34
CA GLU A 662 -34.72 -25.27 -42.54
C GLU A 662 -34.08 -23.94 -42.94
N GLY A 663 -34.30 -22.88 -42.17
CA GLY A 663 -33.74 -21.58 -42.46
C GLY A 663 -34.66 -20.59 -43.14
N HIS A 664 -35.93 -20.94 -43.32
CA HIS A 664 -36.88 -20.04 -43.96
C HIS A 664 -37.29 -18.94 -42.99
N VAL A 665 -37.42 -17.72 -43.51
CA VAL A 665 -37.69 -16.54 -42.70
C VAL A 665 -38.92 -15.84 -43.25
N THR A 666 -39.87 -15.52 -42.36
CA THR A 666 -41.03 -14.72 -42.70
C THR A 666 -41.23 -13.66 -41.62
N MET A 667 -41.95 -12.59 -41.98
CA MET A 667 -42.15 -11.46 -41.10
C MET A 667 -43.63 -11.08 -41.04
N PHE A 668 -44.06 -10.60 -39.87
CA PHE A 668 -45.42 -10.14 -39.65
C PHE A 668 -45.41 -8.72 -39.12
N LEU A 669 -46.42 -7.95 -39.50
CA LEU A 669 -46.57 -6.57 -39.08
C LEU A 669 -47.94 -6.36 -38.47
N LEU A 670 -47.99 -5.56 -37.40
CA LEU A 670 -49.24 -5.26 -36.71
C LEU A 670 -49.88 -4.04 -37.36
N LYS A 671 -50.98 -4.26 -38.08
CA LYS A 671 -51.68 -3.21 -38.80
C LYS A 671 -53.05 -2.99 -38.19
N SER A 672 -53.48 -1.74 -38.12
CA SER A 672 -54.77 -1.39 -37.55
C SER A 672 -55.91 -1.71 -38.50
N HIS A 680 -56.62 -4.39 -34.04
CA HIS A 680 -55.52 -4.57 -34.97
C HIS A 680 -55.49 -5.99 -35.53
N ARG A 681 -54.49 -6.28 -36.34
CA ARG A 681 -54.33 -7.60 -36.95
C ARG A 681 -52.88 -7.76 -37.38
N LEU A 682 -52.56 -8.94 -37.91
CA LEU A 682 -51.21 -9.27 -38.36
C LEU A 682 -51.23 -9.54 -39.86
N ALA A 683 -50.30 -8.93 -40.58
CA ALA A 683 -50.19 -9.08 -42.02
C ALA A 683 -48.86 -9.73 -42.37
N LEU A 684 -48.86 -10.49 -43.47
CA LEU A 684 -47.70 -11.27 -43.88
C LEU A 684 -46.90 -10.53 -44.94
N HIS A 685 -45.58 -10.56 -44.79
CA HIS A 685 -44.66 -9.97 -45.75
C HIS A 685 -43.46 -10.90 -45.92
N LYS A 686 -43.04 -11.08 -47.17
CA LYS A 686 -41.95 -12.00 -47.47
C LYS A 686 -40.66 -11.23 -47.72
N PRO A 687 -39.66 -11.33 -46.86
CA PRO A 687 -38.41 -10.61 -47.07
C PRO A 687 -37.68 -11.09 -48.32
N PRO A 688 -37.10 -10.18 -49.10
CA PRO A 688 -36.26 -10.57 -50.25
C PRO A 688 -34.82 -10.89 -49.85
N LEU A 689 -34.61 -12.13 -49.39
CA LEU A 689 -33.32 -12.58 -48.91
C LEU A 689 -32.74 -13.62 -49.86
N HIS A 690 -31.44 -13.49 -50.13
CA HIS A 690 -30.77 -14.44 -51.02
C HIS A 690 -30.58 -15.77 -50.30
N HIS A 691 -30.35 -16.82 -51.09
CA HIS A 691 -30.26 -18.19 -50.59
C HIS A 691 -28.88 -18.79 -50.86
N GLN A 692 -27.84 -17.97 -50.85
CA GLN A 692 -26.49 -18.50 -51.05
C GLN A 692 -26.02 -19.35 -49.88
N SER A 693 -26.59 -19.15 -48.69
CA SER A 693 -26.25 -19.95 -47.53
C SER A 693 -27.43 -19.94 -46.56
N LYS A 694 -27.53 -21.00 -45.76
CA LYS A 694 -28.65 -21.15 -44.84
C LYS A 694 -28.48 -20.23 -43.64
N VAL A 695 -29.61 -19.81 -43.08
CA VAL A 695 -29.66 -18.96 -41.90
C VAL A 695 -29.82 -19.84 -40.67
N ILE A 696 -29.01 -19.57 -39.64
CA ILE A 696 -29.00 -20.37 -38.42
C ILE A 696 -29.66 -19.66 -37.25
N THR A 697 -29.33 -18.39 -37.02
CA THR A 697 -29.91 -17.61 -35.93
C THR A 697 -30.16 -16.19 -36.39
N LEU A 698 -30.99 -15.46 -35.63
CA LEU A 698 -31.30 -14.07 -35.94
C LEU A 698 -31.79 -13.38 -34.67
N CYS A 699 -31.87 -12.04 -34.74
CA CYS A 699 -32.41 -11.23 -33.67
C CYS A 699 -32.85 -9.89 -34.23
N LEU A 700 -33.71 -9.21 -33.48
CA LEU A 700 -34.26 -7.92 -33.86
C LEU A 700 -33.80 -6.84 -32.89
N TYR A 701 -33.71 -5.61 -33.37
CA TYR A 701 -33.22 -4.50 -32.56
C TYR A 701 -34.00 -3.23 -32.90
N ARG A 702 -34.29 -2.44 -31.86
CA ARG A 702 -34.91 -1.13 -32.00
C ARG A 702 -34.00 -0.10 -31.39
N ASP A 703 -33.60 0.89 -32.18
CA ASP A 703 -32.60 1.88 -31.77
C ASP A 703 -33.27 3.18 -31.35
N LEU A 704 -32.93 3.63 -30.13
CA LEU A 704 -33.42 4.91 -29.61
C LEU A 704 -32.29 5.83 -29.21
N SER A 705 -31.06 5.53 -29.64
CA SER A 705 -29.90 6.35 -29.29
C SER A 705 -29.38 7.19 -30.43
N GLY A 706 -29.75 6.90 -31.67
CA GLY A 706 -29.27 7.65 -32.81
C GLY A 706 -27.90 7.25 -33.31
N MET A 707 -27.26 6.25 -32.71
CA MET A 707 -25.95 5.82 -33.17
C MET A 707 -26.05 5.03 -34.47
N PHE A 708 -27.15 4.34 -34.70
CA PHE A 708 -27.34 3.53 -35.89
C PHE A 708 -27.89 4.41 -37.01
N THR A 709 -26.97 5.01 -37.77
CA THR A 709 -27.32 5.86 -38.89
C THR A 709 -26.51 5.46 -40.12
N THR A 710 -27.08 5.71 -41.28
CA THR A 710 -26.40 5.41 -42.55
C THR A 710 -25.93 6.68 -43.23
N PRO A 781 -37.07 6.52 -33.86
CA PRO A 781 -36.82 5.09 -33.66
C PRO A 781 -36.72 4.33 -34.99
N THR A 782 -35.68 3.51 -35.11
CA THR A 782 -35.43 2.71 -36.30
C THR A 782 -35.40 1.23 -35.92
N HIS A 783 -35.51 0.38 -36.94
CA HIS A 783 -35.58 -1.06 -36.73
C HIS A 783 -34.59 -1.78 -37.63
N TRP A 784 -33.97 -2.83 -37.09
CA TRP A 784 -32.88 -3.53 -37.75
C TRP A 784 -33.01 -5.02 -37.47
N CYS A 785 -32.28 -5.82 -38.26
CA CYS A 785 -32.25 -7.27 -38.10
C CYS A 785 -30.83 -7.77 -38.31
N LEU A 786 -30.40 -8.70 -37.45
CA LEU A 786 -29.08 -9.30 -37.53
C LEU A 786 -29.21 -10.77 -37.87
N LEU A 787 -28.38 -11.24 -38.80
CA LEU A 787 -28.43 -12.61 -39.28
C LEU A 787 -27.04 -13.23 -39.23
N VAL A 788 -27.01 -14.55 -39.00
CA VAL A 788 -25.79 -15.34 -39.08
C VAL A 788 -26.04 -16.49 -40.05
N ARG A 789 -25.09 -16.70 -40.95
CA ARG A 789 -25.22 -17.72 -41.99
C ARG A 789 -24.29 -18.90 -41.71
N GLU A 790 -24.56 -20.00 -42.41
CA GLU A 790 -23.81 -21.24 -42.17
C GLU A 790 -22.36 -21.11 -42.58
N ASN A 791 -22.06 -20.32 -43.62
CA ASN A 791 -20.69 -20.17 -44.07
C ASN A 791 -19.83 -19.37 -43.09
N GLY A 792 -20.45 -18.55 -42.24
CA GLY A 792 -19.71 -17.83 -41.24
C GLY A 792 -19.72 -16.33 -41.42
N THR A 793 -20.80 -15.80 -41.99
CA THR A 793 -20.94 -14.37 -42.26
C THR A 793 -22.10 -13.80 -41.44
N MET A 794 -21.91 -12.58 -40.95
CA MET A 794 -22.92 -11.85 -40.22
C MET A 794 -23.36 -10.62 -41.01
N GLU A 795 -24.67 -10.40 -41.08
CA GLU A 795 -25.22 -9.31 -41.87
C GLU A 795 -26.27 -8.56 -41.04
N ILE A 796 -26.45 -7.28 -41.37
CA ILE A 796 -27.43 -6.42 -40.73
C ILE A 796 -28.27 -5.77 -41.81
N TYR A 797 -29.58 -5.72 -41.59
CA TYR A 797 -30.53 -5.20 -42.58
C TYR A 797 -31.43 -4.15 -41.95
N GLN A 798 -32.09 -3.38 -42.80
CA GLN A 798 -33.16 -2.49 -42.39
C GLN A 798 -34.49 -3.22 -42.53
N LEU A 799 -35.37 -3.03 -41.55
CA LEU A 799 -36.57 -3.86 -41.45
C LEU A 799 -37.66 -3.48 -42.45
N PRO A 800 -38.03 -2.20 -42.62
CA PRO A 800 -39.06 -1.87 -43.62
C PRO A 800 -38.68 -2.31 -45.03
N ASP A 801 -37.41 -2.19 -45.40
CA ASP A 801 -36.91 -2.64 -46.69
C ASP A 801 -35.62 -3.40 -46.45
N TRP A 802 -35.63 -4.71 -46.71
CA TRP A 802 -34.51 -5.57 -46.35
C TRP A 802 -33.34 -5.31 -47.30
N ARG A 803 -32.55 -4.29 -46.96
CA ARG A 803 -31.35 -3.95 -47.71
C ARG A 803 -30.14 -4.02 -46.79
N LEU A 804 -29.02 -4.44 -47.37
CA LEU A 804 -27.81 -4.72 -46.60
C LEU A 804 -27.08 -3.43 -46.24
N VAL A 805 -26.61 -3.35 -44.98
CA VAL A 805 -25.85 -2.22 -44.51
C VAL A 805 -24.58 -2.61 -43.77
N PHE A 806 -24.34 -3.91 -43.55
CA PHE A 806 -23.18 -4.35 -42.81
C PHE A 806 -22.86 -5.78 -43.20
N LEU A 807 -21.59 -6.18 -43.04
CA LEU A 807 -21.17 -7.53 -43.38
C LEU A 807 -19.83 -7.82 -42.73
N VAL A 808 -19.76 -8.94 -42.01
CA VAL A 808 -18.52 -9.44 -41.42
C VAL A 808 -18.25 -10.82 -41.97
N LYS A 809 -17.03 -11.07 -42.41
CA LYS A 809 -16.71 -12.26 -43.19
C LYS A 809 -16.37 -13.48 -42.34
N ASN A 810 -15.83 -13.30 -41.14
CA ASN A 810 -15.35 -14.41 -40.32
C ASN A 810 -15.83 -14.27 -38.88
N PHE A 811 -17.13 -14.07 -38.71
CA PHE A 811 -17.74 -13.80 -37.41
C PHE A 811 -17.40 -14.81 -36.32
N PRO A 812 -17.51 -16.13 -36.52
CA PRO A 812 -17.35 -17.06 -35.39
C PRO A 812 -15.97 -17.07 -34.75
N VAL A 813 -14.93 -16.61 -35.44
CA VAL A 813 -13.58 -16.74 -34.90
C VAL A 813 -13.36 -15.80 -33.72
N GLY A 814 -14.03 -14.64 -33.70
CA GLY A 814 -13.91 -13.73 -32.58
C GLY A 814 -12.84 -12.66 -32.71
N GLN A 815 -12.89 -11.87 -33.79
CA GLN A 815 -11.95 -10.76 -33.94
C GLN A 815 -12.12 -9.75 -32.81
N ARG A 816 -11.04 -9.04 -32.51
CA ARG A 816 -11.09 -8.03 -31.46
C ARG A 816 -11.83 -6.78 -31.90
N VAL A 817 -11.81 -6.46 -33.20
CA VAL A 817 -12.58 -5.35 -33.75
C VAL A 817 -13.34 -5.87 -34.97
N LEU A 818 -14.63 -5.57 -35.03
CA LEU A 818 -15.49 -5.96 -36.16
C LEU A 818 -15.63 -4.78 -37.11
N VAL A 819 -15.20 -4.96 -38.36
CA VAL A 819 -15.23 -3.89 -39.34
C VAL A 819 -16.06 -4.33 -40.53
N ASP A 820 -16.63 -3.33 -41.23
CA ASP A 820 -17.45 -3.60 -42.40
C ASP A 820 -16.58 -4.05 -43.57
N SER A 821 -17.04 -5.10 -44.26
CA SER A 821 -16.31 -5.68 -45.38
C SER A 821 -17.11 -5.65 -46.67
N SER A 822 -18.07 -4.75 -46.78
CA SER A 822 -18.92 -4.67 -47.96
C SER A 822 -18.22 -3.89 -49.09
N LEU A 843 -15.58 -24.55 -38.70
CA LEU A 843 -15.81 -23.33 -37.95
C LEU A 843 -16.61 -23.60 -36.69
N PRO A 844 -16.38 -22.80 -35.65
CA PRO A 844 -17.21 -22.90 -34.44
C PRO A 844 -18.67 -22.58 -34.75
N LEU A 845 -19.57 -23.23 -34.02
CA LEU A 845 -21.00 -23.12 -34.26
C LEU A 845 -21.60 -22.04 -33.37
N VAL A 846 -22.36 -21.13 -33.99
CA VAL A 846 -23.02 -20.04 -33.28
C VAL A 846 -24.43 -20.48 -32.93
N LYS A 847 -24.83 -20.28 -31.67
CA LYS A 847 -26.12 -20.73 -31.19
C LYS A 847 -27.10 -19.60 -30.88
N GLU A 848 -26.63 -18.42 -30.52
CA GLU A 848 -27.53 -17.35 -30.11
C GLU A 848 -26.83 -16.00 -30.19
N VAL A 849 -27.59 -14.97 -30.55
CA VAL A 849 -27.13 -13.59 -30.55
C VAL A 849 -28.22 -12.72 -29.93
N LEU A 850 -27.82 -11.52 -29.50
CA LEU A 850 -28.77 -10.58 -28.92
C LEU A 850 -28.18 -9.18 -28.92
N LEU A 851 -28.93 -8.22 -29.46
CA LEU A 851 -28.61 -6.80 -29.38
C LEU A 851 -29.50 -6.12 -28.35
N VAL A 852 -28.89 -5.44 -27.39
CA VAL A 852 -29.60 -4.68 -26.38
C VAL A 852 -28.95 -3.31 -26.24
N ALA A 853 -29.72 -2.37 -25.72
CA ALA A 853 -29.23 -1.02 -25.42
C ALA A 853 -29.43 -0.76 -23.93
N LEU A 854 -28.36 -0.37 -23.26
CA LEU A 854 -28.37 -0.15 -21.83
C LEU A 854 -27.90 1.29 -21.53
N GLY A 855 -27.73 1.58 -20.25
CA GLY A 855 -27.26 2.90 -19.84
C GLY A 855 -28.39 3.83 -19.45
N SER A 856 -28.22 5.12 -19.74
CA SER A 856 -29.25 6.11 -19.50
C SER A 856 -29.94 6.44 -20.81
N ARG A 857 -31.27 6.32 -20.83
CA ARG A 857 -32.08 6.53 -22.03
C ARG A 857 -31.74 5.57 -23.15
N GLN A 858 -31.17 4.40 -22.80
CA GLN A 858 -30.84 3.35 -23.75
C GLN A 858 -29.92 3.87 -24.86
N SER A 859 -28.73 4.31 -24.45
CA SER A 859 -27.78 4.91 -25.36
C SER A 859 -26.51 4.10 -25.54
N ARG A 860 -26.42 2.90 -24.98
CA ARG A 860 -25.24 2.06 -25.06
C ARG A 860 -25.60 0.70 -25.64
N PRO A 861 -25.52 0.52 -26.96
CA PRO A 861 -25.78 -0.80 -27.54
C PRO A 861 -24.68 -1.80 -27.22
N TYR A 862 -25.09 -3.06 -27.04
CA TYR A 862 -24.17 -4.15 -26.78
C TYR A 862 -24.57 -5.37 -27.60
N LEU A 863 -23.61 -6.25 -27.86
CA LEU A 863 -23.85 -7.47 -28.62
C LEU A 863 -23.31 -8.67 -27.85
N LEU A 864 -24.15 -9.67 -27.65
CA LEU A 864 -23.78 -10.88 -26.92
C LEU A 864 -23.88 -12.08 -27.86
N VAL A 865 -22.84 -12.90 -27.88
CA VAL A 865 -22.74 -14.05 -28.78
C VAL A 865 -22.47 -15.31 -27.97
N HIS A 866 -23.19 -16.38 -28.29
CA HIS A 866 -22.95 -17.70 -27.72
C HIS A 866 -22.44 -18.60 -28.84
N VAL A 867 -21.14 -18.92 -28.80
CA VAL A 867 -20.49 -19.75 -29.81
C VAL A 867 -19.73 -20.87 -29.10
N ASP A 868 -19.90 -22.10 -29.58
CA ASP A 868 -19.32 -23.28 -28.95
C ASP A 868 -19.64 -23.31 -27.46
N GLN A 869 -18.61 -23.14 -26.63
CA GLN A 869 -18.75 -23.03 -25.19
C GLN A 869 -18.05 -21.77 -24.69
N GLU A 870 -18.16 -20.69 -25.45
CA GLU A 870 -17.54 -19.42 -25.09
C GLU A 870 -18.56 -18.31 -25.23
N LEU A 871 -18.30 -17.21 -24.52
CA LEU A 871 -19.16 -16.04 -24.52
C LEU A 871 -18.37 -14.84 -25.05
N LEU A 872 -18.94 -14.15 -26.02
CA LEU A 872 -18.34 -12.96 -26.61
C LEU A 872 -19.20 -11.74 -26.30
N ILE A 873 -18.55 -10.66 -25.88
CA ILE A 873 -19.22 -9.40 -25.57
C ILE A 873 -18.61 -8.30 -26.44
N TYR A 874 -19.47 -7.54 -27.11
CA TYR A 874 -19.05 -6.43 -27.97
C TYR A 874 -19.82 -5.18 -27.59
N GLU A 875 -19.18 -4.03 -27.79
CA GLU A 875 -19.82 -2.74 -27.61
C GLU A 875 -19.63 -1.91 -28.87
N ALA A 876 -20.63 -1.11 -29.19
CA ALA A 876 -20.68 -0.36 -30.44
C ALA A 876 -20.18 1.07 -30.23
N PHE A 877 -19.35 1.54 -31.16
CA PHE A 877 -18.90 2.92 -31.17
C PHE A 877 -18.99 3.47 -32.59
N PRO A 878 -19.32 4.74 -32.75
CA PRO A 878 -19.46 5.31 -34.10
C PRO A 878 -18.14 5.41 -34.83
N HIS A 879 -18.21 5.28 -36.15
CA HIS A 879 -17.03 5.40 -37.01
C HIS A 879 -17.54 5.83 -38.39
N ASP A 880 -17.42 7.12 -38.69
CA ASP A 880 -17.95 7.69 -39.94
C ASP A 880 -16.87 7.59 -41.01
N SER A 881 -16.73 6.39 -41.57
CA SER A 881 -15.81 6.18 -42.68
C SER A 881 -16.33 6.87 -43.93
N GLN A 882 -15.41 7.40 -44.72
CA GLN A 882 -15.74 8.07 -45.98
C GLN A 882 -15.69 7.13 -47.18
N LEU A 883 -15.88 5.83 -46.95
CA LEU A 883 -15.84 4.84 -48.01
C LEU A 883 -17.22 4.23 -48.21
N GLY A 884 -17.61 4.06 -49.47
CA GLY A 884 -18.89 3.48 -49.80
C GLY A 884 -20.04 4.45 -49.64
N GLN A 885 -21.24 3.93 -49.91
CA GLN A 885 -22.47 4.71 -49.79
C GLN A 885 -23.55 3.83 -49.21
N GLY A 886 -24.30 4.36 -48.24
CA GLY A 886 -25.35 3.61 -47.60
C GLY A 886 -24.84 2.48 -46.74
N ASN A 887 -23.97 2.81 -45.78
CA ASN A 887 -23.40 1.82 -44.88
C ASN A 887 -23.55 2.30 -43.44
N LEU A 888 -23.68 1.34 -42.53
CA LEU A 888 -23.80 1.66 -41.11
C LEU A 888 -22.48 2.21 -40.59
N LYS A 889 -22.55 3.35 -39.91
CA LYS A 889 -21.37 4.02 -39.38
C LYS A 889 -21.05 3.56 -37.96
N VAL A 890 -20.93 2.25 -37.77
CA VAL A 890 -20.73 1.65 -36.46
C VAL A 890 -19.63 0.59 -36.55
N ARG A 891 -18.88 0.44 -35.46
CA ARG A 891 -17.92 -0.65 -35.30
C ARG A 891 -18.11 -1.25 -33.91
N PHE A 892 -17.57 -2.45 -33.72
CA PHE A 892 -17.73 -3.18 -32.47
C PHE A 892 -16.37 -3.55 -31.90
N LYS A 893 -16.24 -3.45 -30.57
CA LYS A 893 -15.00 -3.75 -29.88
C LYS A 893 -15.25 -4.80 -28.79
N LYS A 894 -14.34 -5.75 -28.68
CA LYS A 894 -14.49 -6.84 -27.71
C LYS A 894 -14.22 -6.35 -26.29
N VAL A 895 -14.91 -6.96 -25.33
CA VAL A 895 -14.83 -6.59 -23.92
C VAL A 895 -14.29 -7.80 -23.15
N PRO A 896 -13.26 -7.64 -22.32
CA PRO A 896 -12.76 -8.78 -21.54
C PRO A 896 -13.67 -9.14 -20.39
N HIS A 897 -13.62 -10.42 -20.00
CA HIS A 897 -14.41 -10.95 -18.90
C HIS A 897 -13.82 -12.29 -18.48
N ASN A 898 -14.42 -12.89 -17.45
CA ASN A 898 -13.95 -14.16 -16.91
C ASN A 898 -15.11 -15.10 -16.67
N ILE A 899 -16.01 -15.22 -17.64
CA ILE A 899 -17.20 -16.07 -17.52
C ILE A 899 -16.97 -17.33 -18.33
N ASN A 900 -17.29 -18.48 -17.74
CA ASN A 900 -17.04 -19.79 -18.33
C ASN A 900 -18.35 -20.49 -18.64
N PHE A 901 -18.53 -20.90 -19.89
CA PHE A 901 -19.66 -21.72 -20.30
C PHE A 901 -19.34 -23.21 -20.37
N ARG A 902 -18.12 -23.61 -20.02
CA ARG A 902 -17.76 -25.02 -20.09
C ARG A 902 -18.51 -25.80 -19.01
N GLU A 903 -19.13 -26.90 -19.41
CA GLU A 903 -19.90 -27.74 -18.49
C GLU A 903 -19.06 -28.88 -17.95
N ARG A 927 -35.25 -24.70 -28.59
CA ARG A 927 -34.16 -23.78 -28.24
C ARG A 927 -34.55 -22.92 -27.05
N VAL A 928 -33.83 -23.09 -25.94
CA VAL A 928 -34.05 -22.31 -24.72
C VAL A 928 -33.04 -21.17 -24.71
N ALA A 929 -33.55 -19.94 -24.67
CA ALA A 929 -32.67 -18.77 -24.71
C ALA A 929 -31.83 -18.67 -23.44
N ARG A 930 -30.59 -18.24 -23.60
CA ARG A 930 -29.67 -18.06 -22.48
C ARG A 930 -29.55 -16.61 -22.03
N PHE A 931 -29.73 -15.66 -22.94
CA PHE A 931 -29.71 -14.24 -22.61
C PHE A 931 -31.13 -13.74 -22.46
N ARG A 932 -31.42 -13.09 -21.33
CA ARG A 932 -32.78 -12.65 -21.03
C ARG A 932 -32.73 -11.23 -20.50
N TYR A 933 -33.16 -10.29 -21.33
CA TYR A 933 -33.14 -8.87 -20.98
C TYR A 933 -34.22 -8.54 -19.97
N PHE A 934 -33.91 -7.66 -19.02
CA PHE A 934 -34.87 -7.19 -18.06
C PHE A 934 -34.69 -5.69 -17.84
N GLU A 935 -35.77 -5.05 -17.40
CA GLU A 935 -35.72 -3.68 -16.92
C GLU A 935 -36.52 -3.57 -15.64
N ASP A 936 -36.07 -2.68 -14.76
CA ASP A 936 -36.73 -2.40 -13.48
C ASP A 936 -36.82 -3.65 -12.61
N ILE A 937 -35.66 -4.16 -12.21
CA ILE A 937 -35.55 -5.11 -11.12
C ILE A 937 -34.85 -4.36 -9.98
N TYR A 938 -35.63 -3.95 -8.98
CA TYR A 938 -35.14 -3.11 -7.89
C TYR A 938 -34.52 -1.81 -8.43
N GLY A 939 -35.07 -1.29 -9.53
CA GLY A 939 -34.58 -0.07 -10.12
C GLY A 939 -33.42 -0.21 -11.07
N TYR A 940 -33.03 -1.43 -11.42
CA TYR A 940 -31.93 -1.68 -12.34
C TYR A 940 -32.45 -2.29 -13.65
N SER A 941 -31.68 -2.10 -14.70
CA SER A 941 -31.92 -2.74 -15.99
C SER A 941 -30.64 -3.42 -16.46
N GLY A 942 -30.80 -4.50 -17.20
CA GLY A 942 -29.64 -5.25 -17.65
C GLY A 942 -30.04 -6.56 -18.29
N VAL A 943 -29.10 -7.51 -18.30
CA VAL A 943 -29.28 -8.81 -18.91
C VAL A 943 -28.84 -9.89 -17.93
N PHE A 944 -29.64 -10.94 -17.80
CA PHE A 944 -29.31 -12.11 -16.99
C PHE A 944 -28.77 -13.21 -17.89
N ILE A 945 -27.67 -13.83 -17.47
CA ILE A 945 -27.01 -14.89 -18.24
C ILE A 945 -27.21 -16.19 -17.49
N CYS A 946 -27.93 -17.13 -18.10
CA CYS A 946 -28.17 -18.43 -17.49
C CYS A 946 -27.03 -19.40 -17.83
N GLY A 947 -27.11 -20.60 -17.28
CA GLY A 947 -26.14 -21.63 -17.57
C GLY A 947 -25.46 -22.20 -16.35
N PRO A 948 -24.32 -22.86 -16.55
CA PRO A 948 -23.59 -23.43 -15.41
C PRO A 948 -23.12 -22.39 -14.41
N SER A 949 -22.77 -21.19 -14.86
CA SER A 949 -22.32 -20.11 -13.99
C SER A 949 -23.17 -18.87 -14.27
N PRO A 950 -24.30 -18.73 -13.58
CA PRO A 950 -25.14 -17.55 -13.80
C PRO A 950 -24.44 -16.26 -13.40
N HIS A 951 -24.74 -15.20 -14.14
CA HIS A 951 -24.14 -13.89 -13.91
C HIS A 951 -25.18 -12.81 -14.15
N TRP A 952 -25.01 -11.68 -13.45
CA TRP A 952 -25.82 -10.49 -13.66
C TRP A 952 -25.00 -9.46 -14.44
N LEU A 953 -25.67 -8.74 -15.34
CA LEU A 953 -25.04 -7.73 -16.19
C LEU A 953 -25.82 -6.44 -16.05
N LEU A 954 -25.22 -5.43 -15.42
CA LEU A 954 -25.91 -4.18 -15.12
C LEU A 954 -25.12 -2.99 -15.63
N VAL A 955 -25.82 -2.06 -16.27
CA VAL A 955 -25.26 -0.77 -16.67
C VAL A 955 -26.24 0.31 -16.24
N THR A 956 -25.79 1.23 -15.40
CA THR A 956 -26.62 2.33 -14.91
C THR A 956 -26.25 3.62 -15.65
N GLY A 957 -26.79 4.74 -15.17
CA GLY A 957 -26.48 6.03 -15.75
C GLY A 957 -25.02 6.44 -15.63
N ARG A 958 -24.25 5.78 -14.77
CA ARG A 958 -22.82 6.05 -14.70
C ARG A 958 -22.11 5.64 -15.98
N GLY A 959 -22.53 4.53 -16.58
CA GLY A 959 -21.95 4.07 -17.83
C GLY A 959 -20.88 3.00 -17.72
N ALA A 960 -20.70 2.41 -16.54
CA ALA A 960 -19.71 1.36 -16.33
C ALA A 960 -20.39 0.00 -16.29
N LEU A 961 -19.77 -0.99 -16.90
CA LEU A 961 -20.31 -2.34 -16.99
C LEU A 961 -19.94 -3.14 -15.74
N ARG A 962 -20.94 -3.77 -15.13
CA ARG A 962 -20.76 -4.57 -13.92
C ARG A 962 -21.19 -6.00 -14.18
N LEU A 963 -20.39 -6.94 -13.69
CA LEU A 963 -20.66 -8.38 -13.84
C LEU A 963 -20.62 -9.02 -12.46
N HIS A 964 -21.78 -9.40 -11.94
CA HIS A 964 -21.90 -9.96 -10.59
C HIS A 964 -22.31 -11.42 -10.65
N PRO A 965 -21.51 -12.33 -10.12
CA PRO A 965 -21.90 -13.75 -10.13
C PRO A 965 -22.99 -14.07 -9.12
N MET A 966 -23.72 -15.15 -9.40
CA MET A 966 -24.71 -15.70 -8.49
C MET A 966 -24.51 -17.21 -8.47
N ALA A 967 -23.62 -17.68 -7.59
CA ALA A 967 -23.27 -19.09 -7.53
C ALA A 967 -24.07 -19.88 -6.52
N ILE A 968 -24.79 -19.21 -5.62
CA ILE A 968 -25.64 -19.92 -4.68
C ILE A 968 -26.71 -20.69 -5.46
N ASP A 969 -27.27 -21.70 -4.81
CA ASP A 969 -28.15 -22.69 -5.46
C ASP A 969 -27.28 -23.39 -6.50
N GLY A 970 -27.73 -23.55 -7.74
CA GLY A 970 -26.91 -24.18 -8.75
C GLY A 970 -27.04 -23.51 -10.10
N PRO A 971 -26.85 -24.27 -11.17
CA PRO A 971 -27.14 -23.74 -12.51
C PRO A 971 -28.61 -23.39 -12.64
N VAL A 972 -28.88 -22.32 -13.39
CA VAL A 972 -30.23 -21.80 -13.57
C VAL A 972 -30.73 -22.21 -14.94
N ASP A 973 -31.95 -22.73 -14.99
CA ASP A 973 -32.53 -23.19 -16.26
C ASP A 973 -33.15 -22.03 -17.04
N SER A 974 -34.12 -21.34 -16.42
CA SER A 974 -34.79 -20.22 -17.06
C SER A 974 -34.96 -19.10 -16.05
N PHE A 975 -35.31 -17.91 -16.54
CA PHE A 975 -35.37 -16.71 -15.73
C PHE A 975 -36.38 -15.76 -16.34
N ALA A 976 -37.05 -14.98 -15.49
CA ALA A 976 -38.04 -14.02 -15.95
C ALA A 976 -38.26 -12.98 -14.88
N PRO A 977 -38.59 -11.74 -15.25
CA PRO A 977 -38.97 -10.74 -14.25
C PRO A 977 -40.37 -10.99 -13.71
N PHE A 978 -40.64 -10.38 -12.56
CA PHE A 978 -41.93 -10.54 -11.91
C PHE A 978 -42.22 -9.34 -11.03
N HIS A 979 -43.32 -8.65 -11.29
CA HIS A 979 -43.75 -7.50 -10.51
C HIS A 979 -45.15 -7.78 -9.98
N ASN A 980 -45.24 -8.10 -8.68
CA ASN A 980 -46.50 -8.46 -8.06
C ASN A 980 -46.67 -7.67 -6.77
N VAL A 981 -47.86 -7.75 -6.18
CA VAL A 981 -48.12 -7.08 -4.92
C VAL A 981 -47.35 -7.75 -3.79
N ASN A 982 -47.24 -9.09 -3.82
CA ASN A 982 -46.44 -9.80 -2.83
C ASN A 982 -44.97 -9.86 -3.19
N CYS A 983 -44.61 -9.57 -4.43
CA CYS A 983 -43.22 -9.53 -4.89
C CYS A 983 -42.99 -8.23 -5.65
N PRO A 984 -42.80 -7.13 -4.93
CA PRO A 984 -42.59 -5.84 -5.62
C PRO A 984 -41.24 -5.77 -6.32
N ARG A 985 -41.28 -5.77 -7.67
CA ARG A 985 -40.09 -5.64 -8.51
C ARG A 985 -39.09 -6.78 -8.23
N GLY A 986 -39.60 -8.00 -8.39
CA GLY A 986 -38.78 -9.19 -8.18
C GLY A 986 -38.46 -9.93 -9.45
N PHE A 987 -38.27 -11.24 -9.36
CA PHE A 987 -37.93 -12.05 -10.53
C PHE A 987 -38.26 -13.51 -10.23
N LEU A 988 -38.23 -14.33 -11.28
CA LEU A 988 -38.48 -15.75 -11.21
C LEU A 988 -37.31 -16.51 -11.85
N TYR A 989 -37.05 -17.71 -11.34
CA TYR A 989 -36.09 -18.59 -12.00
C TYR A 989 -36.35 -20.03 -11.56
N PHE A 990 -35.92 -20.96 -12.40
CA PHE A 990 -36.05 -22.39 -12.15
C PHE A 990 -34.72 -22.97 -11.70
N ASN A 991 -34.74 -23.73 -10.61
CA ASN A 991 -33.60 -24.53 -10.22
C ASN A 991 -33.53 -25.78 -11.08
N ARG A 992 -32.39 -26.46 -11.06
CA ARG A 992 -32.23 -27.68 -11.83
C ARG A 992 -32.88 -28.89 -11.16
N GLN A 993 -33.39 -28.73 -9.93
CA GLN A 993 -34.15 -29.77 -9.26
C GLN A 993 -35.65 -29.63 -9.46
N GLY A 994 -36.07 -28.72 -10.32
CA GLY A 994 -37.49 -28.52 -10.59
C GLY A 994 -38.20 -27.56 -9.67
N GLU A 995 -37.47 -26.77 -8.89
CA GLU A 995 -38.07 -25.86 -7.94
C GLU A 995 -38.13 -24.45 -8.54
N LEU A 996 -39.31 -23.84 -8.47
CA LEU A 996 -39.52 -22.48 -8.93
C LEU A 996 -39.48 -21.55 -7.72
N ARG A 997 -38.58 -20.57 -7.76
CA ARG A 997 -38.35 -19.67 -6.63
C ARG A 997 -38.77 -18.25 -7.00
N ILE A 998 -39.43 -17.59 -6.04
CA ILE A 998 -39.81 -16.19 -6.15
C ILE A 998 -38.90 -15.41 -5.21
N SER A 999 -38.19 -14.42 -5.75
CA SER A 999 -37.13 -13.77 -4.99
C SER A 999 -37.14 -12.27 -5.25
N VAL A 1000 -36.51 -11.53 -4.33
CA VAL A 1000 -36.23 -10.11 -4.50
C VAL A 1000 -34.76 -9.87 -4.14
N LEU A 1001 -34.25 -8.73 -4.56
CA LEU A 1001 -32.85 -8.39 -4.27
C LEU A 1001 -32.76 -7.79 -2.87
N PRO A 1002 -31.79 -8.20 -2.06
CA PRO A 1002 -31.60 -7.56 -0.75
C PRO A 1002 -31.30 -6.08 -0.91
N ALA A 1003 -31.85 -5.28 0.00
CA ALA A 1003 -31.92 -3.84 -0.17
C ALA A 1003 -30.85 -3.05 0.57
N TYR A 1004 -29.93 -3.72 1.27
CA TYR A 1004 -28.92 -3.02 2.06
C TYR A 1004 -27.59 -2.87 1.33
N LEU A 1005 -27.49 -3.28 0.07
CA LEU A 1005 -26.27 -3.13 -0.71
C LEU A 1005 -26.56 -2.32 -1.97
N SER A 1006 -25.50 -1.72 -2.51
CA SER A 1006 -25.55 -1.03 -3.78
C SER A 1006 -24.75 -1.81 -4.80
N TYR A 1007 -25.36 -2.07 -5.95
CA TYR A 1007 -24.77 -2.94 -6.98
C TYR A 1007 -24.12 -2.15 -8.10
N ASP A 1008 -24.02 -0.83 -7.97
CA ASP A 1008 -23.33 0.00 -8.96
C ASP A 1008 -21.88 0.22 -8.51
N ALA A 1009 -21.14 -0.88 -8.47
CA ALA A 1009 -19.76 -0.88 -8.01
C ALA A 1009 -19.10 -2.16 -8.48
N PRO A 1010 -17.77 -2.23 -8.48
CA PRO A 1010 -17.10 -3.49 -8.83
C PRO A 1010 -17.55 -4.68 -7.98
N TRP A 1011 -17.76 -4.45 -6.69
CA TRP A 1011 -18.38 -5.40 -5.78
C TRP A 1011 -19.54 -4.70 -5.09
N PRO A 1012 -20.62 -5.42 -4.77
CA PRO A 1012 -21.66 -4.84 -3.93
C PRO A 1012 -21.09 -4.40 -2.58
N VAL A 1013 -21.43 -3.19 -2.17
CA VAL A 1013 -20.75 -2.54 -1.05
C VAL A 1013 -21.73 -1.66 -0.30
N ARG A 1014 -21.51 -1.53 1.00
CA ARG A 1014 -22.22 -0.57 1.86
C ARG A 1014 -21.20 0.19 2.69
N LYS A 1015 -21.32 1.51 2.70
CA LYS A 1015 -20.41 2.38 3.45
C LYS A 1015 -21.15 2.97 4.65
N ILE A 1016 -20.54 2.85 5.82
CA ILE A 1016 -21.10 3.36 7.07
C ILE A 1016 -20.19 4.49 7.56
N PRO A 1017 -20.60 5.75 7.40
CA PRO A 1017 -19.75 6.86 7.85
C PRO A 1017 -19.60 6.88 9.36
N LEU A 1018 -18.40 7.24 9.82
CA LEU A 1018 -18.10 7.34 11.24
C LEU A 1018 -17.74 8.75 11.69
N ARG A 1019 -17.37 9.63 10.77
CA ARG A 1019 -16.92 11.00 11.07
C ARG A 1019 -15.66 11.02 11.92
N CYS A 1020 -14.89 9.94 11.93
CA CYS A 1020 -13.66 9.86 12.71
C CYS A 1020 -12.80 8.74 12.13
N THR A 1021 -11.53 8.75 12.52
CA THR A 1021 -10.60 7.74 12.03
C THR A 1021 -10.88 6.38 12.67
N ALA A 1022 -10.87 5.34 11.84
CA ALA A 1022 -11.02 3.96 12.29
C ALA A 1022 -9.67 3.27 12.17
N HIS A 1023 -9.23 2.64 13.26
CA HIS A 1023 -7.90 2.03 13.32
C HIS A 1023 -7.94 0.51 13.23
N TYR A 1024 -8.72 -0.15 14.09
CA TYR A 1024 -8.77 -1.60 14.13
C TYR A 1024 -10.22 -2.07 14.21
N VAL A 1025 -10.46 -3.27 13.67
CA VAL A 1025 -11.77 -3.92 13.73
C VAL A 1025 -11.56 -5.40 14.01
N ALA A 1026 -12.39 -5.95 14.88
CA ALA A 1026 -12.33 -7.37 15.23
C ALA A 1026 -13.73 -7.94 15.33
N TYR A 1027 -13.86 -9.22 15.02
CA TYR A 1027 -15.14 -9.92 15.01
C TYR A 1027 -15.20 -10.91 16.17
N HIS A 1028 -16.25 -10.84 16.96
CA HIS A 1028 -16.47 -11.73 18.10
C HIS A 1028 -17.43 -12.84 17.67
N VAL A 1029 -16.93 -14.08 17.64
CA VAL A 1029 -17.70 -15.18 17.07
C VAL A 1029 -18.91 -15.50 17.94
N GLU A 1030 -18.72 -15.59 19.26
CA GLU A 1030 -19.80 -16.01 20.14
C GLU A 1030 -20.94 -15.01 20.16
N SER A 1031 -20.63 -13.72 20.17
CA SER A 1031 -21.66 -12.70 20.25
C SER A 1031 -22.12 -12.20 18.88
N LYS A 1032 -21.34 -12.45 17.83
CA LYS A 1032 -21.67 -12.04 16.47
C LYS A 1032 -21.79 -10.52 16.35
N VAL A 1033 -20.81 -9.81 16.91
CA VAL A 1033 -20.72 -8.36 16.83
C VAL A 1033 -19.29 -7.97 16.49
N TYR A 1034 -19.11 -6.69 16.17
CA TYR A 1034 -17.81 -6.14 15.79
C TYR A 1034 -17.38 -5.09 16.80
N ALA A 1035 -16.08 -5.01 17.06
CA ALA A 1035 -15.49 -3.99 17.90
C ALA A 1035 -14.56 -3.12 17.06
N VAL A 1036 -14.71 -1.80 17.17
CA VAL A 1036 -13.94 -0.85 16.37
C VAL A 1036 -13.28 0.15 17.31
N ALA A 1037 -11.99 0.42 17.09
CA ALA A 1037 -11.24 1.42 17.84
C ALA A 1037 -11.14 2.68 16.99
N THR A 1038 -11.67 3.78 17.51
CA THR A 1038 -11.75 5.04 16.77
C THR A 1038 -11.06 6.16 17.53
N SER A 1039 -10.71 7.21 16.80
CA SER A 1039 -10.00 8.35 17.38
C SER A 1039 -10.55 9.64 16.79
N THR A 1040 -10.44 10.72 17.57
CA THR A 1040 -10.87 12.05 17.13
C THR A 1040 -9.93 13.09 17.73
N ASN A 1041 -9.94 14.28 17.13
CA ASN A 1041 -8.97 15.31 17.46
C ASN A 1041 -9.60 16.44 18.27
N THR A 1042 -8.81 16.99 19.20
CA THR A 1042 -9.21 18.08 20.06
C THR A 1042 -8.01 19.00 20.26
N PRO A 1043 -8.24 20.29 20.53
CA PRO A 1043 -7.10 21.21 20.75
C PRO A 1043 -6.29 20.83 21.97
N CYS A 1044 -4.98 21.06 21.87
CA CYS A 1044 -4.06 20.80 22.97
C CYS A 1044 -3.92 22.05 23.84
N ALA A 1045 -3.80 21.83 25.15
CA ALA A 1045 -3.80 22.94 26.10
C ALA A 1045 -2.72 22.87 27.16
N ARG A 1046 -2.05 21.73 27.35
CA ARG A 1046 -1.06 21.58 28.41
C ARG A 1046 0.15 20.82 27.89
N ILE A 1047 1.30 21.13 28.49
CA ILE A 1047 2.57 20.48 28.13
C ILE A 1047 3.07 19.68 29.33
N PRO A 1048 3.02 18.35 29.29
CA PRO A 1048 3.49 17.55 30.42
C PRO A 1048 4.99 17.69 30.63
N ARG A 1049 5.40 17.59 31.89
CA ARG A 1049 6.81 17.64 32.27
C ARG A 1049 7.08 16.58 33.32
N MET A 1050 8.30 16.03 33.29
CA MET A 1050 8.73 15.00 34.22
C MET A 1050 9.93 15.47 35.04
N THR A 1051 10.06 16.77 35.24
CA THR A 1051 11.23 17.32 35.92
C THR A 1051 11.21 16.98 37.41
N GLY A 1052 10.07 17.16 38.07
CA GLY A 1052 9.96 16.95 39.49
C GLY A 1052 9.66 15.50 39.85
N GLU A 1053 9.41 15.29 41.14
CA GLU A 1053 9.07 13.95 41.62
C GLU A 1053 7.75 13.47 41.01
N GLU A 1054 6.77 14.36 40.92
CA GLU A 1054 5.50 14.07 40.29
C GLU A 1054 5.40 14.79 38.95
N LYS A 1055 4.55 14.27 38.08
CA LYS A 1055 4.36 14.89 36.77
C LYS A 1055 3.72 16.26 36.92
N GLU A 1056 4.28 17.25 36.23
CA GLU A 1056 3.78 18.61 36.26
C GLU A 1056 3.31 19.01 34.86
N PHE A 1057 2.43 20.01 34.82
CA PHE A 1057 1.85 20.48 33.58
C PHE A 1057 1.96 22.00 33.49
N GLU A 1058 2.17 22.49 32.27
CA GLU A 1058 2.28 23.91 31.99
C GLU A 1058 1.14 24.32 31.07
N THR A 1059 0.47 25.42 31.41
CA THR A 1059 -0.62 25.94 30.61
C THR A 1059 -0.07 26.84 29.51
N ILE A 1060 -0.48 26.58 28.27
CA ILE A 1060 -0.03 27.38 27.14
C ILE A 1060 -0.77 28.71 27.14
N GLU A 1061 0.00 29.80 27.08
CA GLU A 1061 -0.56 31.15 27.10
C GLU A 1061 -0.01 31.92 25.90
N ARG A 1062 -0.88 32.17 24.92
CA ARG A 1062 -0.50 32.88 23.70
C ARG A 1062 -1.55 33.95 23.40
N ASP A 1063 -1.39 34.60 22.25
CA ASP A 1063 -2.28 35.69 21.85
C ASP A 1063 -3.54 35.11 21.22
N GLU A 1064 -4.33 35.98 20.57
CA GLU A 1064 -5.59 35.59 19.96
C GLU A 1064 -5.44 35.13 18.52
N ARG A 1065 -4.24 35.23 17.94
CA ARG A 1065 -3.97 34.79 16.57
C ARG A 1065 -3.14 33.51 16.54
N TYR A 1066 -3.12 32.76 17.63
CA TYR A 1066 -2.31 31.55 17.74
C TYR A 1066 -3.08 30.34 17.25
N ILE A 1067 -2.38 29.43 16.56
CA ILE A 1067 -2.94 28.18 16.07
C ILE A 1067 -2.56 27.08 17.06
N HIS A 1068 -3.56 26.40 17.61
CA HIS A 1068 -3.32 25.38 18.63
C HIS A 1068 -2.93 24.04 17.98
N PRO A 1069 -2.04 23.29 18.61
CA PRO A 1069 -1.75 21.93 18.14
C PRO A 1069 -2.89 20.97 18.47
N GLN A 1070 -2.95 19.88 17.69
CA GLN A 1070 -4.03 18.92 17.82
C GLN A 1070 -3.66 17.81 18.79
N GLN A 1071 -4.68 17.25 19.44
CA GLN A 1071 -4.52 16.14 20.36
C GLN A 1071 -5.60 15.11 20.08
N GLU A 1072 -5.23 13.82 20.16
CA GLU A 1072 -6.11 12.73 19.79
C GLU A 1072 -6.65 12.02 21.03
N ALA A 1073 -7.91 11.60 20.96
CA ALA A 1073 -8.56 10.83 22.01
C ALA A 1073 -9.18 9.58 21.42
N PHE A 1074 -9.01 8.45 22.09
CA PHE A 1074 -9.39 7.14 21.56
C PHE A 1074 -10.61 6.58 22.27
N SER A 1075 -11.28 5.65 21.59
CA SER A 1075 -12.46 4.98 22.12
C SER A 1075 -12.62 3.63 21.43
N ILE A 1076 -13.43 2.76 22.04
CA ILE A 1076 -13.80 1.47 21.47
C ILE A 1076 -15.32 1.33 21.58
N GLN A 1077 -15.96 0.91 20.49
CA GLN A 1077 -17.41 0.78 20.45
C GLN A 1077 -17.79 -0.49 19.70
N LEU A 1078 -19.03 -0.93 19.93
CA LEU A 1078 -19.57 -2.14 19.34
C LEU A 1078 -20.53 -1.80 18.21
N ILE A 1079 -20.45 -2.58 17.13
CA ILE A 1079 -21.30 -2.42 15.95
C ILE A 1079 -22.07 -3.70 15.72
N SER A 1080 -23.36 -3.57 15.45
CA SER A 1080 -24.22 -4.72 15.22
C SER A 1080 -24.39 -4.98 13.72
N PRO A 1081 -24.27 -6.25 13.28
CA PRO A 1081 -24.43 -6.54 11.85
C PRO A 1081 -25.87 -6.65 11.40
N VAL A 1082 -26.83 -6.82 12.31
CA VAL A 1082 -28.24 -6.89 11.91
C VAL A 1082 -28.68 -5.57 11.29
N SER A 1083 -28.42 -4.47 12.00
CA SER A 1083 -28.51 -3.12 11.44
C SER A 1083 -27.18 -2.44 11.73
N TRP A 1084 -26.49 -1.99 10.69
CA TRP A 1084 -25.12 -1.54 10.83
C TRP A 1084 -25.11 -0.20 11.58
N GLU A 1085 -25.30 -0.29 12.89
CA GLU A 1085 -25.38 0.86 13.76
C GLU A 1085 -24.69 0.55 15.08
N ALA A 1086 -24.28 1.59 15.78
CA ALA A 1086 -23.58 1.44 17.04
C ALA A 1086 -24.55 1.11 18.17
N ILE A 1087 -24.14 0.19 19.03
CA ILE A 1087 -24.98 -0.21 20.17
C ILE A 1087 -24.85 0.84 21.28
N PRO A 1088 -25.96 1.39 21.75
CA PRO A 1088 -25.88 2.43 22.79
C PRO A 1088 -25.36 1.88 24.11
N ASN A 1089 -24.69 2.76 24.86
CA ASN A 1089 -24.19 2.46 26.20
C ASN A 1089 -23.23 1.27 26.20
N ALA A 1090 -22.42 1.17 25.15
CA ALA A 1090 -21.42 0.11 25.03
C ALA A 1090 -20.11 0.70 24.54
N ARG A 1091 -19.69 1.80 25.16
CA ARG A 1091 -18.53 2.57 24.74
C ARG A 1091 -17.48 2.58 25.84
N ILE A 1092 -16.22 2.45 25.46
CA ILE A 1092 -15.10 2.48 26.38
C ILE A 1092 -14.22 3.67 26.03
N GLU A 1093 -13.93 4.50 27.03
CA GLU A 1093 -13.08 5.68 26.85
C GLU A 1093 -11.78 5.48 27.59
N LEU A 1094 -10.67 5.82 26.93
CA LEU A 1094 -9.34 5.68 27.51
C LEU A 1094 -8.92 6.99 28.19
N GLN A 1095 -7.66 7.03 28.64
CA GLN A 1095 -7.15 8.18 29.35
C GLN A 1095 -6.76 9.29 28.37
N GLU A 1096 -6.20 10.38 28.91
CA GLU A 1096 -6.05 11.61 28.13
C GLU A 1096 -5.07 11.44 26.98
N TRP A 1097 -3.88 10.91 27.25
CA TRP A 1097 -2.83 10.81 26.25
C TRP A 1097 -2.59 9.36 25.81
N GLU A 1098 -3.62 8.53 25.89
CA GLU A 1098 -3.48 7.10 25.66
C GLU A 1098 -3.80 6.75 24.21
N HIS A 1099 -2.90 6.04 23.55
CA HIS A 1099 -3.04 5.64 22.16
C HIS A 1099 -3.16 4.12 22.08
N VAL A 1100 -4.09 3.65 21.24
CA VAL A 1100 -4.24 2.21 21.00
C VAL A 1100 -3.23 1.79 19.94
N THR A 1101 -2.39 0.81 20.29
CA THR A 1101 -1.36 0.33 19.38
C THR A 1101 -1.72 -0.98 18.70
N CYS A 1102 -2.68 -1.74 19.25
CA CYS A 1102 -3.07 -3.02 18.68
C CYS A 1102 -4.38 -3.46 19.32
N MET A 1103 -5.15 -4.25 18.58
CA MET A 1103 -6.41 -4.81 19.08
C MET A 1103 -6.76 -6.03 18.26
N LYS A 1104 -6.94 -7.17 18.92
CA LYS A 1104 -7.13 -8.45 18.24
C LYS A 1104 -8.14 -9.29 18.99
N THR A 1105 -8.69 -10.28 18.29
CA THR A 1105 -9.47 -11.35 18.90
C THR A 1105 -8.54 -12.50 19.25
N VAL A 1106 -8.60 -12.95 20.50
CA VAL A 1106 -7.63 -13.89 21.05
C VAL A 1106 -8.37 -15.03 21.72
N SER A 1107 -7.90 -16.26 21.48
CA SER A 1107 -8.49 -17.47 22.04
C SER A 1107 -7.62 -17.96 23.20
N LEU A 1108 -8.18 -17.95 24.41
CA LEU A 1108 -7.44 -18.27 25.62
C LEU A 1108 -8.03 -19.51 26.30
N ARG A 1109 -7.23 -20.10 27.19
CA ARG A 1109 -7.65 -21.29 27.90
C ARG A 1109 -8.78 -20.98 28.89
N SER A 1110 -9.76 -21.87 28.95
CA SER A 1110 -10.89 -21.71 29.85
C SER A 1110 -11.42 -23.08 30.24
N GLU A 1111 -11.63 -23.30 31.53
CA GLU A 1111 -12.17 -24.57 32.03
C GLU A 1111 -13.69 -24.50 32.18
N GLU A 1112 -14.37 -24.00 31.15
CA GLU A 1112 -15.83 -23.91 31.18
C GLU A 1112 -16.47 -24.27 29.85
N THR A 1113 -15.71 -24.72 28.86
CA THR A 1113 -16.22 -25.08 27.55
C THR A 1113 -15.90 -26.54 27.26
N VAL A 1114 -16.30 -26.99 26.07
CA VAL A 1114 -16.04 -28.37 25.65
C VAL A 1114 -14.79 -28.50 24.81
N SER A 1115 -14.17 -27.39 24.40
CA SER A 1115 -12.96 -27.41 23.61
C SER A 1115 -11.74 -26.91 24.37
N GLY A 1116 -11.93 -26.30 25.53
CA GLY A 1116 -10.82 -25.78 26.31
C GLY A 1116 -10.35 -24.39 25.93
N LEU A 1117 -11.07 -23.69 25.07
CA LEU A 1117 -10.68 -22.36 24.63
C LEU A 1117 -11.89 -21.44 24.66
N LYS A 1118 -11.63 -20.14 24.80
CA LYS A 1118 -12.67 -19.13 24.81
C LYS A 1118 -12.16 -17.87 24.12
N GLY A 1119 -13.07 -17.13 23.51
CA GLY A 1119 -12.74 -15.96 22.72
C GLY A 1119 -12.84 -14.67 23.52
N TYR A 1120 -11.84 -13.81 23.36
CA TYR A 1120 -11.78 -12.51 24.00
C TYR A 1120 -11.27 -11.47 23.02
N VAL A 1121 -11.47 -10.21 23.35
CA VAL A 1121 -10.88 -9.09 22.62
C VAL A 1121 -9.82 -8.44 23.50
N ALA A 1122 -8.61 -8.31 22.98
CA ALA A 1122 -7.48 -7.79 23.73
C ALA A 1122 -6.91 -6.57 23.02
N ALA A 1123 -6.48 -5.58 23.80
CA ALA A 1123 -5.92 -4.35 23.27
C ALA A 1123 -4.69 -3.95 24.06
N GLY A 1124 -3.78 -3.25 23.39
CA GLY A 1124 -2.61 -2.69 24.05
C GLY A 1124 -2.51 -1.21 23.76
N THR A 1125 -2.01 -0.47 24.76
CA THR A 1125 -1.99 0.98 24.69
C THR A 1125 -0.64 1.51 25.15
N CYS A 1126 -0.40 2.78 24.84
CA CYS A 1126 0.77 3.52 25.33
C CYS A 1126 0.37 4.97 25.55
N LEU A 1127 1.09 5.64 26.44
CA LEU A 1127 0.89 7.06 26.70
C LEU A 1127 2.00 7.86 26.04
N MET A 1128 1.62 8.79 25.16
CA MET A 1128 2.56 9.61 24.41
C MET A 1128 2.60 11.01 25.00
N GLN A 1129 3.75 11.40 25.53
CA GLN A 1129 3.94 12.73 26.12
C GLN A 1129 5.31 13.29 25.76
N GLY A 1130 5.75 13.05 24.53
CA GLY A 1130 7.03 13.59 24.07
C GLY A 1130 8.19 12.64 24.30
N GLU A 1131 9.37 13.11 23.91
CA GLU A 1131 10.60 12.34 23.98
C GLU A 1131 11.25 12.36 25.35
N GLU A 1132 10.86 13.28 26.23
CA GLU A 1132 11.53 13.49 27.50
C GLU A 1132 10.78 12.89 28.68
N VAL A 1133 9.75 12.08 28.42
CA VAL A 1133 8.99 11.40 29.47
C VAL A 1133 8.96 9.92 29.15
N THR A 1134 9.21 9.09 30.17
CA THR A 1134 9.22 7.65 29.99
C THR A 1134 7.85 7.15 29.56
N CYS A 1135 7.83 6.26 28.57
CA CYS A 1135 6.60 5.74 28.00
C CYS A 1135 6.25 4.40 28.64
N ARG A 1136 5.01 4.27 29.10
CA ARG A 1136 4.52 3.05 29.70
C ARG A 1136 3.15 2.72 29.13
N GLY A 1137 2.77 1.45 29.21
CA GLY A 1137 1.56 0.99 28.57
C GLY A 1137 0.58 0.24 29.45
N ARG A 1138 -0.47 -0.31 28.85
CA ARG A 1138 -1.53 -0.99 29.57
C ARG A 1138 -2.04 -2.13 28.70
N ILE A 1139 -2.59 -3.16 29.35
CA ILE A 1139 -3.17 -4.32 28.67
C ILE A 1139 -4.62 -4.44 29.09
N LEU A 1140 -5.52 -4.54 28.11
CA LEU A 1140 -6.95 -4.63 28.34
C LEU A 1140 -7.48 -5.93 27.75
N ILE A 1141 -8.29 -6.64 28.53
CA ILE A 1141 -8.95 -7.87 28.09
C ILE A 1141 -10.44 -7.73 28.35
N MET A 1142 -11.25 -7.88 27.30
CA MET A 1142 -12.68 -7.62 27.37
C MET A 1142 -13.47 -8.82 26.87
N ASP A 1143 -14.73 -8.89 27.32
CA ASP A 1143 -15.66 -9.91 26.92
C ASP A 1143 -16.98 -9.26 26.53
N VAL A 1144 -17.74 -9.93 25.66
CA VAL A 1144 -19.05 -9.46 25.23
C VAL A 1144 -20.09 -10.43 25.77
N ILE A 1145 -21.03 -9.92 26.56
CA ILE A 1145 -22.03 -10.76 27.21
C ILE A 1145 -23.43 -10.40 26.71
N GLU A 1146 -24.43 -11.14 27.15
CA GLU A 1146 -25.82 -10.90 26.79
C GLU A 1146 -26.61 -10.56 28.05
N VAL A 1147 -27.32 -9.44 28.01
CA VAL A 1147 -28.10 -8.98 29.15
C VAL A 1147 -29.56 -8.81 28.74
N VAL A 1148 -30.41 -8.39 29.68
CA VAL A 1148 -31.83 -8.17 29.41
C VAL A 1148 -31.98 -6.86 28.64
N PRO A 1149 -32.62 -6.88 27.46
CA PRO A 1149 -32.75 -5.64 26.69
C PRO A 1149 -33.62 -4.61 27.40
N GLU A 1150 -33.26 -3.34 27.19
CA GLU A 1150 -34.05 -2.26 27.74
C GLU A 1150 -35.37 -2.14 26.99
N PRO A 1151 -36.42 -1.64 27.65
CA PRO A 1151 -37.71 -1.46 26.96
C PRO A 1151 -37.57 -0.52 25.76
N GLY A 1152 -38.19 -0.91 24.66
CA GLY A 1152 -38.11 -0.12 23.44
C GLY A 1152 -36.71 0.00 22.87
N GLN A 1153 -35.91 -1.06 23.00
CA GLN A 1153 -34.53 -1.04 22.50
C GLN A 1153 -34.03 -2.47 22.34
N PRO A 1154 -34.38 -3.15 21.24
CA PRO A 1154 -33.93 -4.53 21.05
C PRO A 1154 -32.46 -4.67 20.72
N LEU A 1155 -31.74 -3.56 20.58
CA LEU A 1155 -30.31 -3.58 20.24
C LEU A 1155 -29.40 -3.54 21.45
N THR A 1156 -29.94 -3.30 22.64
CA THR A 1156 -29.15 -3.14 23.86
C THR A 1156 -29.02 -4.45 24.64
N LYS A 1157 -28.99 -5.58 23.95
CA LYS A 1157 -28.82 -6.88 24.59
C LYS A 1157 -27.36 -7.31 24.66
N ASN A 1158 -26.43 -6.44 24.29
CA ASN A 1158 -25.00 -6.75 24.35
C ASN A 1158 -24.27 -5.62 25.05
N LYS A 1159 -23.21 -5.99 25.77
CA LYS A 1159 -22.41 -5.00 26.50
C LYS A 1159 -21.01 -5.57 26.73
N PHE A 1160 -20.08 -4.67 27.04
CA PHE A 1160 -18.73 -5.07 27.38
C PHE A 1160 -18.66 -5.61 28.81
N LYS A 1161 -17.56 -6.30 29.10
CA LYS A 1161 -17.25 -6.76 30.44
C LYS A 1161 -15.73 -6.84 30.55
N VAL A 1162 -15.14 -5.96 31.35
CA VAL A 1162 -13.70 -5.85 31.47
C VAL A 1162 -13.21 -6.80 32.55
N LEU A 1163 -12.21 -7.61 32.22
CA LEU A 1163 -11.62 -8.55 33.17
C LEU A 1163 -10.25 -8.12 33.67
N TYR A 1164 -9.47 -7.43 32.84
CA TYR A 1164 -8.10 -7.05 33.17
C TYR A 1164 -7.81 -5.69 32.57
N GLU A 1165 -7.39 -4.74 33.41
CA GLU A 1165 -7.03 -3.40 32.96
C GLU A 1165 -5.84 -2.86 33.73
N LYS A 1166 -4.80 -3.69 33.92
CA LYS A 1166 -3.65 -3.30 34.71
C LYS A 1166 -2.55 -2.70 33.84
N GLU A 1167 -1.72 -1.87 34.46
CA GLU A 1167 -0.60 -1.22 33.79
C GLU A 1167 0.65 -2.07 33.88
N GLN A 1168 1.49 -1.99 32.84
CA GLN A 1168 2.70 -2.79 32.74
C GLN A 1168 3.93 -1.91 32.89
N LYS A 1169 5.09 -2.56 32.97
CA LYS A 1169 6.36 -1.87 33.17
C LYS A 1169 7.03 -1.57 31.83
N GLY A 1170 6.29 -0.85 30.98
CA GLY A 1170 6.78 -0.50 29.67
C GLY A 1170 5.67 -0.39 28.65
N PRO A 1171 6.00 0.08 27.45
CA PRO A 1171 4.97 0.22 26.40
C PRO A 1171 4.64 -1.12 25.76
N VAL A 1172 3.34 -1.30 25.48
CA VAL A 1172 2.84 -2.52 24.86
C VAL A 1172 2.65 -2.23 23.37
N THR A 1173 3.35 -2.98 22.52
CA THR A 1173 3.38 -2.68 21.09
C THR A 1173 2.76 -3.77 20.22
N ALA A 1174 2.68 -5.01 20.67
CA ALA A 1174 2.09 -6.08 19.87
C ALA A 1174 1.47 -7.12 20.79
N LEU A 1175 0.46 -7.82 20.27
CA LEU A 1175 -0.24 -8.86 21.01
C LEU A 1175 -0.51 -10.03 20.08
N CYS A 1176 -0.65 -11.22 20.68
CA CYS A 1176 -0.89 -12.46 19.95
C CYS A 1176 -1.27 -13.54 20.96
N HIS A 1177 -1.62 -14.72 20.46
CA HIS A 1177 -1.88 -15.87 21.31
C HIS A 1177 -1.15 -17.09 20.76
N CYS A 1178 -0.76 -17.98 21.66
CA CYS A 1178 0.03 -19.16 21.30
C CYS A 1178 -0.42 -20.32 22.19
N ASN A 1179 -1.24 -21.21 21.63
CA ASN A 1179 -1.67 -22.44 22.30
C ASN A 1179 -2.33 -22.15 23.65
N GLY A 1180 -3.25 -21.18 23.66
CA GLY A 1180 -4.01 -20.84 24.84
C GLY A 1180 -3.38 -19.81 25.75
N HIS A 1181 -2.17 -19.37 25.45
CA HIS A 1181 -1.49 -18.36 26.24
C HIS A 1181 -1.50 -17.01 25.52
N LEU A 1182 -1.23 -15.95 26.27
CA LEU A 1182 -1.17 -14.60 25.73
C LEU A 1182 0.29 -14.20 25.54
N VAL A 1183 0.59 -13.63 24.37
CA VAL A 1183 1.94 -13.21 24.01
C VAL A 1183 1.92 -11.71 23.81
N SER A 1184 2.85 -11.01 24.47
CA SER A 1184 2.89 -9.55 24.42
C SER A 1184 4.33 -9.08 24.22
N ALA A 1185 4.47 -7.97 23.51
CA ALA A 1185 5.75 -7.30 23.31
C ALA A 1185 5.76 -6.05 24.19
N ILE A 1186 6.59 -6.06 25.23
CA ILE A 1186 6.69 -4.96 26.18
C ILE A 1186 8.14 -4.47 26.16
N GLY A 1187 8.37 -3.30 25.59
CA GLY A 1187 9.72 -2.82 25.44
C GLY A 1187 10.48 -3.66 24.43
N GLN A 1188 11.70 -4.05 24.79
CA GLN A 1188 12.53 -4.91 23.97
C GLN A 1188 12.52 -6.35 24.47
N LYS A 1189 11.39 -6.81 25.00
CA LYS A 1189 11.21 -8.18 25.46
C LYS A 1189 9.85 -8.69 25.02
N ILE A 1190 9.72 -10.01 24.96
CA ILE A 1190 8.47 -10.67 24.64
C ILE A 1190 8.13 -11.63 25.78
N PHE A 1191 6.89 -11.53 26.27
CA PHE A 1191 6.44 -12.29 27.43
C PHE A 1191 5.28 -13.19 27.07
N LEU A 1192 5.19 -14.34 27.74
CA LEU A 1192 4.01 -15.19 27.71
C LEU A 1192 3.31 -15.18 29.06
N TRP A 1193 1.98 -15.10 29.03
CA TRP A 1193 1.18 -14.94 30.23
C TRP A 1193 0.18 -16.09 30.34
N SER A 1194 -0.36 -16.26 31.53
CA SER A 1194 -1.42 -17.22 31.80
C SER A 1194 -2.52 -16.51 32.57
N LEU A 1195 -3.77 -16.71 32.16
CA LEU A 1195 -4.91 -16.00 32.74
C LEU A 1195 -5.74 -16.95 33.58
N ARG A 1196 -5.99 -16.57 34.83
CA ARG A 1196 -6.80 -17.37 35.74
C ARG A 1196 -7.40 -16.46 36.79
N ALA A 1197 -8.73 -16.40 36.84
CA ALA A 1197 -9.47 -15.57 37.79
C ALA A 1197 -9.05 -14.11 37.68
N SER A 1198 -8.96 -13.61 36.45
CA SER A 1198 -8.62 -12.22 36.17
C SER A 1198 -7.25 -11.85 36.73
N GLU A 1199 -6.26 -12.68 36.43
CA GLU A 1199 -4.88 -12.42 36.84
C GLU A 1199 -3.94 -13.00 35.79
N LEU A 1200 -2.91 -12.24 35.44
CA LEU A 1200 -1.92 -12.67 34.46
C LEU A 1200 -0.64 -13.08 35.17
N THR A 1201 -0.18 -14.29 34.91
CA THR A 1201 1.03 -14.84 35.51
C THR A 1201 2.07 -15.07 34.43
N GLY A 1202 3.29 -14.60 34.67
CA GLY A 1202 4.36 -14.76 33.70
C GLY A 1202 4.93 -16.16 33.71
N MET A 1203 5.31 -16.62 32.51
CA MET A 1203 5.85 -17.97 32.33
C MET A 1203 7.23 -17.97 31.70
N ALA A 1204 7.49 -17.09 30.73
CA ALA A 1204 8.78 -17.08 30.04
C ALA A 1204 8.98 -15.71 29.42
N PHE A 1205 10.22 -15.45 29.01
CA PHE A 1205 10.55 -14.19 28.33
C PHE A 1205 11.79 -14.42 27.48
N ILE A 1206 12.03 -13.47 26.57
CA ILE A 1206 13.20 -13.50 25.69
C ILE A 1206 13.52 -12.07 25.26
N ASP A 1207 14.78 -11.82 24.98
CA ASP A 1207 15.24 -10.52 24.48
C ASP A 1207 15.08 -10.46 22.96
N THR A 1208 14.73 -9.28 22.46
CA THR A 1208 14.42 -9.11 21.05
C THR A 1208 15.05 -7.82 20.54
N GLN A 1209 14.63 -7.41 19.35
CA GLN A 1209 15.23 -6.27 18.64
C GLN A 1209 14.67 -4.93 19.08
N LEU A 1210 14.92 -3.90 18.26
CA LEU A 1210 14.63 -2.52 18.63
C LEU A 1210 13.14 -2.30 18.93
N TYR A 1211 12.27 -2.69 18.01
CA TYR A 1211 10.85 -2.38 18.14
C TYR A 1211 10.04 -3.42 17.37
N ILE A 1212 9.13 -4.11 18.06
CA ILE A 1212 8.31 -5.16 17.47
C ILE A 1212 6.89 -4.63 17.33
N HIS A 1213 6.36 -4.63 16.11
CA HIS A 1213 5.02 -4.11 15.86
C HIS A 1213 4.05 -5.13 15.26
N GLN A 1214 4.51 -6.34 14.93
CA GLN A 1214 3.63 -7.37 14.40
C GLN A 1214 4.06 -8.73 14.95
N MET A 1215 3.06 -9.56 15.30
CA MET A 1215 3.30 -10.93 15.72
C MET A 1215 2.17 -11.83 15.24
N ILE A 1216 2.53 -13.00 14.73
CA ILE A 1216 1.58 -14.04 14.35
C ILE A 1216 2.11 -15.38 14.87
N SER A 1217 1.22 -16.35 14.97
CA SER A 1217 1.60 -17.65 15.52
C SER A 1217 0.85 -18.77 14.84
N VAL A 1218 1.55 -19.87 14.58
CA VAL A 1218 0.95 -21.12 14.13
C VAL A 1218 1.45 -22.23 15.04
N LYS A 1219 0.51 -23.02 15.57
CA LYS A 1219 0.81 -24.08 16.53
C LYS A 1219 1.60 -23.54 17.73
N ASN A 1220 2.85 -23.98 17.89
CA ASN A 1220 3.70 -23.52 18.98
C ASN A 1220 4.88 -22.70 18.47
N PHE A 1221 4.71 -22.02 17.35
CA PHE A 1221 5.74 -21.16 16.77
C PHE A 1221 5.22 -19.74 16.65
N ILE A 1222 6.13 -18.77 16.75
CA ILE A 1222 5.78 -17.36 16.70
C ILE A 1222 6.67 -16.66 15.68
N LEU A 1223 6.05 -15.81 14.84
CA LEU A 1223 6.77 -15.00 13.88
C LEU A 1223 6.63 -13.53 14.29
N ALA A 1224 7.76 -12.85 14.46
CA ALA A 1224 7.80 -11.48 14.94
C ALA A 1224 8.46 -10.58 13.91
N ALA A 1225 7.90 -9.38 13.73
CA ALA A 1225 8.39 -8.42 12.76
C ALA A 1225 8.96 -7.19 13.46
N ASP A 1226 10.02 -6.63 12.88
CA ASP A 1226 10.70 -5.47 13.43
C ASP A 1226 10.55 -4.29 12.47
N VAL A 1227 10.69 -3.09 13.03
CA VAL A 1227 10.53 -1.87 12.24
C VAL A 1227 11.67 -1.72 11.24
N MET A 1228 12.89 -2.05 11.64
CA MET A 1228 14.06 -1.87 10.79
C MET A 1228 14.95 -3.10 10.65
N LYS A 1229 14.68 -4.19 11.38
CA LYS A 1229 15.60 -5.33 11.42
C LYS A 1229 14.92 -6.63 11.01
N SER A 1230 13.93 -6.55 10.12
CA SER A 1230 13.33 -7.72 9.48
C SER A 1230 12.59 -8.63 10.46
N ILE A 1231 12.61 -9.94 10.20
CA ILE A 1231 11.75 -10.89 10.89
C ILE A 1231 12.60 -11.93 11.62
N SER A 1232 11.94 -12.67 12.52
CA SER A 1232 12.59 -13.74 13.27
C SER A 1232 11.54 -14.78 13.67
N LEU A 1233 12.00 -15.99 13.95
CA LEU A 1233 11.14 -17.13 14.25
C LEU A 1233 11.46 -17.67 15.64
N LEU A 1234 10.41 -17.95 16.41
CA LEU A 1234 10.54 -18.36 17.80
C LEU A 1234 9.78 -19.65 18.04
N ARG A 1235 10.23 -20.41 19.04
CA ARG A 1235 9.62 -21.68 19.41
C ARG A 1235 9.41 -21.72 20.92
N TYR A 1236 8.33 -22.37 21.35
CA TYR A 1236 8.00 -22.51 22.76
C TYR A 1236 7.85 -23.97 23.14
N GLN A 1237 8.46 -24.35 24.27
CA GLN A 1237 8.38 -25.70 24.80
C GLN A 1237 7.60 -25.68 26.10
N GLU A 1238 6.48 -26.39 26.14
CA GLU A 1238 5.58 -26.31 27.29
C GLU A 1238 6.09 -27.09 28.48
N GLU A 1239 6.75 -28.22 28.26
CA GLU A 1239 7.17 -29.08 29.37
C GLU A 1239 8.20 -28.38 30.25
N SER A 1240 9.19 -27.71 29.64
CA SER A 1240 10.21 -27.01 30.39
C SER A 1240 9.95 -25.52 30.53
N LYS A 1241 8.92 -25.00 29.87
CA LYS A 1241 8.55 -23.59 29.93
C LYS A 1241 9.71 -22.68 29.49
N THR A 1242 10.17 -22.92 28.27
CA THR A 1242 11.31 -22.19 27.71
C THR A 1242 10.96 -21.61 26.35
N LEU A 1243 11.42 -20.38 26.11
CA LEU A 1243 11.23 -19.67 24.85
C LEU A 1243 12.59 -19.48 24.20
N SER A 1244 12.70 -19.87 22.93
CA SER A 1244 14.00 -19.89 22.26
C SER A 1244 13.85 -19.36 20.84
N LEU A 1245 14.97 -18.89 20.29
CA LEU A 1245 15.04 -18.42 18.92
C LEU A 1245 15.44 -19.57 18.00
N VAL A 1246 14.72 -19.73 16.88
CA VAL A 1246 15.01 -20.77 15.92
C VAL A 1246 15.92 -20.22 14.82
N SER A 1247 15.46 -19.17 14.15
CA SER A 1247 16.19 -18.59 13.04
C SER A 1247 15.72 -17.16 12.82
N ARG A 1248 16.51 -16.40 12.08
CA ARG A 1248 16.16 -15.03 11.78
C ARG A 1248 16.85 -14.59 10.50
N ASP A 1249 16.37 -13.47 9.96
CA ASP A 1249 16.96 -12.87 8.77
C ASP A 1249 17.98 -11.82 9.19
N ALA A 1250 19.20 -11.94 8.66
CA ALA A 1250 20.32 -11.10 9.11
C ALA A 1250 20.48 -9.82 8.30
N LYS A 1251 19.58 -9.55 7.35
CA LYS A 1251 19.72 -8.35 6.55
C LYS A 1251 18.64 -7.32 6.90
N PRO A 1252 18.94 -6.03 6.77
CA PRO A 1252 17.94 -5.01 7.09
C PRO A 1252 16.75 -5.05 6.16
N LEU A 1253 15.58 -4.67 6.70
CA LEU A 1253 14.35 -4.60 5.92
C LEU A 1253 13.32 -3.82 6.72
N GLU A 1254 12.59 -2.93 6.03
CA GLU A 1254 11.49 -2.19 6.64
C GLU A 1254 10.20 -2.94 6.35
N VAL A 1255 9.70 -3.65 7.36
CA VAL A 1255 8.57 -4.55 7.20
C VAL A 1255 7.28 -3.79 7.42
N TYR A 1256 6.26 -4.12 6.63
CA TYR A 1256 4.91 -3.60 6.82
C TYR A 1256 3.99 -4.59 7.52
N SER A 1257 3.94 -5.84 7.06
CA SER A 1257 3.09 -6.86 7.67
C SER A 1257 3.61 -8.23 7.28
N VAL A 1258 3.12 -9.26 7.98
CA VAL A 1258 3.56 -10.63 7.78
C VAL A 1258 2.36 -11.58 7.83
N ASP A 1259 2.51 -12.74 7.18
CA ASP A 1259 1.53 -13.82 7.23
C ASP A 1259 2.22 -15.13 6.86
N PHE A 1260 1.44 -16.16 6.57
CA PHE A 1260 1.93 -17.51 6.28
C PHE A 1260 1.50 -17.95 4.88
N MET A 1261 2.20 -18.97 4.38
CA MET A 1261 1.84 -19.67 3.15
C MET A 1261 1.81 -21.16 3.44
N VAL A 1262 0.70 -21.82 3.10
CA VAL A 1262 0.47 -23.22 3.44
C VAL A 1262 0.10 -23.97 2.17
N ASP A 1263 1.02 -24.78 1.64
CA ASP A 1263 0.67 -25.53 0.45
C ASP A 1263 0.22 -26.95 0.76
N ASN A 1264 1.13 -27.84 1.16
CA ASN A 1264 0.70 -29.15 1.65
C ASN A 1264 1.31 -29.43 3.02
N ALA A 1265 2.65 -29.38 3.08
CA ALA A 1265 3.40 -29.50 4.31
C ALA A 1265 4.52 -28.50 4.38
N GLN A 1266 4.70 -27.69 3.34
CA GLN A 1266 5.67 -26.60 3.34
C GLN A 1266 5.06 -25.37 3.98
N LEU A 1267 5.84 -24.70 4.83
CA LEU A 1267 5.42 -23.50 5.52
C LEU A 1267 6.32 -22.35 5.08
N GLY A 1268 5.71 -21.30 4.54
CA GLY A 1268 6.45 -20.13 4.13
C GLY A 1268 6.02 -18.88 4.86
N PHE A 1269 6.90 -17.90 4.96
CA PHE A 1269 6.61 -16.64 5.64
C PHE A 1269 6.53 -15.53 4.61
N LEU A 1270 5.38 -14.87 4.54
CA LEU A 1270 5.12 -13.83 3.55
C LEU A 1270 5.27 -12.46 4.20
N VAL A 1271 6.03 -11.59 3.55
CA VAL A 1271 6.43 -10.31 4.14
C VAL A 1271 6.11 -9.18 3.16
N SER A 1272 5.58 -8.08 3.69
CA SER A 1272 5.41 -6.84 2.93
C SER A 1272 6.62 -5.93 3.12
N ASP A 1273 6.72 -4.93 2.27
CA ASP A 1273 7.91 -4.09 2.20
C ASP A 1273 7.52 -2.62 2.04
N ARG A 1274 8.44 -1.74 2.42
CA ARG A 1274 8.25 -0.32 2.15
C ARG A 1274 8.40 0.00 0.67
N ASP A 1275 9.23 -0.76 -0.04
CA ASP A 1275 9.44 -0.58 -1.47
C ASP A 1275 8.37 -1.27 -2.31
N ARG A 1276 7.27 -1.71 -1.69
CA ARG A 1276 6.14 -2.34 -2.37
C ARG A 1276 6.55 -3.65 -3.04
N ASN A 1277 7.07 -4.56 -2.23
CA ASN A 1277 7.44 -5.90 -2.69
C ASN A 1277 6.78 -6.95 -1.80
N LEU A 1278 6.84 -8.19 -2.28
CA LEU A 1278 6.39 -9.35 -1.50
C LEU A 1278 7.46 -10.42 -1.59
N MET A 1279 7.80 -11.02 -0.45
CA MET A 1279 8.86 -12.02 -0.37
C MET A 1279 8.38 -13.20 0.47
N VAL A 1280 8.91 -14.37 0.16
CA VAL A 1280 8.62 -15.60 0.90
C VAL A 1280 9.92 -16.16 1.44
N TYR A 1281 9.95 -16.49 2.73
CA TYR A 1281 11.11 -17.04 3.40
C TYR A 1281 10.83 -18.46 3.87
N MET A 1282 11.87 -19.29 3.89
CA MET A 1282 11.73 -20.67 4.30
C MET A 1282 12.87 -21.04 5.24
N TYR A 1283 12.62 -22.04 6.08
CA TYR A 1283 13.59 -22.55 7.05
C TYR A 1283 14.12 -23.88 6.52
N LEU A 1284 15.39 -23.89 6.13
CA LEU A 1284 16.01 -25.05 5.46
C LEU A 1284 17.31 -25.39 6.18
N PRO A 1285 17.26 -26.23 7.22
CA PRO A 1285 18.48 -26.54 7.98
C PRO A 1285 19.57 -27.22 7.15
N GLU A 1286 19.20 -28.05 6.18
CA GLU A 1286 20.17 -28.83 5.43
C GLU A 1286 20.81 -28.06 4.28
N ALA A 1287 20.27 -26.91 3.90
CA ALA A 1287 20.87 -26.10 2.85
C ALA A 1287 22.19 -25.52 3.33
N LYS A 1288 23.15 -25.45 2.41
CA LYS A 1288 24.48 -24.95 2.78
C LYS A 1288 24.49 -23.44 3.01
N GLU A 1289 23.56 -22.70 2.42
CA GLU A 1289 23.52 -21.25 2.55
C GLU A 1289 22.86 -20.78 3.85
N SER A 1290 22.30 -21.69 4.64
CA SER A 1290 21.66 -21.33 5.89
C SER A 1290 22.60 -21.37 7.09
N PHE A 1291 23.84 -21.82 6.90
CA PHE A 1291 24.83 -21.91 7.98
C PHE A 1291 24.31 -22.73 9.15
N GLY A 1292 23.74 -23.89 8.85
CA GLY A 1292 23.21 -24.76 9.87
C GLY A 1292 21.81 -24.43 10.36
N GLY A 1293 21.08 -23.58 9.64
CA GLY A 1293 19.74 -23.21 10.03
C GLY A 1293 19.60 -21.88 10.76
N MET A 1294 20.67 -21.10 10.85
CA MET A 1294 20.63 -19.84 11.57
C MET A 1294 20.08 -18.69 10.74
N ARG A 1295 19.92 -18.87 9.43
CA ARG A 1295 19.45 -17.80 8.55
C ARG A 1295 18.27 -18.28 7.73
N LEU A 1296 17.28 -17.40 7.57
CA LEU A 1296 16.14 -17.68 6.72
C LEU A 1296 16.47 -17.34 5.27
N LEU A 1297 16.03 -18.19 4.36
CA LEU A 1297 16.39 -18.09 2.95
C LEU A 1297 15.19 -17.64 2.13
N ARG A 1298 15.41 -16.65 1.26
CA ARG A 1298 14.35 -16.13 0.41
C ARG A 1298 14.10 -17.06 -0.76
N ARG A 1299 12.83 -17.33 -1.05
CA ARG A 1299 12.47 -18.32 -2.06
C ARG A 1299 11.51 -17.82 -3.14
N ALA A 1300 10.84 -16.69 -2.94
CA ALA A 1300 9.93 -16.16 -3.95
C ALA A 1300 10.00 -14.63 -3.92
N ASP A 1301 9.63 -14.04 -5.05
CA ASP A 1301 9.73 -12.59 -5.22
C ASP A 1301 8.65 -12.10 -6.16
N PHE A 1302 8.10 -10.92 -5.87
CA PHE A 1302 7.12 -10.27 -6.73
C PHE A 1302 6.96 -8.81 -6.34
N HIS A 1303 7.00 -7.91 -7.31
CA HIS A 1303 6.80 -6.48 -7.06
C HIS A 1303 5.37 -6.12 -7.41
N VAL A 1304 4.56 -5.85 -6.40
CA VAL A 1304 3.24 -5.26 -6.57
C VAL A 1304 3.36 -3.76 -6.35
N GLY A 1305 2.65 -2.98 -7.15
CA GLY A 1305 2.78 -1.54 -7.07
C GLY A 1305 1.96 -0.89 -5.98
N ALA A 1306 1.85 -1.53 -4.82
CA ALA A 1306 1.06 -0.97 -3.73
C ALA A 1306 1.60 -1.46 -2.40
N HIS A 1307 1.26 -0.73 -1.34
CA HIS A 1307 1.60 -1.10 0.02
C HIS A 1307 0.51 -1.98 0.60
N VAL A 1308 0.91 -2.99 1.37
CA VAL A 1308 -0.01 -3.96 1.96
C VAL A 1308 0.15 -3.91 3.47
N ASN A 1309 -0.98 -3.79 4.19
CA ASN A 1309 -0.96 -3.69 5.64
C ASN A 1309 -1.83 -4.73 6.34
N THR A 1310 -2.50 -5.62 5.61
CA THR A 1310 -3.38 -6.60 6.23
C THR A 1310 -3.45 -7.86 5.38
N PHE A 1311 -3.62 -9.00 6.05
CA PHE A 1311 -3.64 -10.31 5.41
C PHE A 1311 -4.74 -11.15 6.03
N TRP A 1312 -5.22 -12.15 5.27
CA TRP A 1312 -6.08 -13.20 5.82
C TRP A 1312 -6.06 -14.39 4.87
N ARG A 1313 -6.51 -15.53 5.39
CA ARG A 1313 -6.41 -16.81 4.68
C ARG A 1313 -7.78 -17.49 4.61
N THR A 1314 -7.91 -18.39 3.64
CA THR A 1314 -9.11 -19.20 3.48
C THR A 1314 -8.73 -20.46 2.71
N PRO A 1315 -9.46 -21.55 2.89
CA PRO A 1315 -9.18 -22.76 2.10
C PRO A 1315 -9.71 -22.65 0.67
N CYS A 1316 -9.22 -23.55 -0.17
CA CYS A 1316 -9.63 -23.58 -1.57
C CYS A 1316 -11.07 -24.06 -1.69
N ARG A 1317 -11.79 -23.52 -2.68
CA ARG A 1317 -13.17 -23.92 -2.92
C ARG A 1317 -13.24 -25.19 -3.76
N TRP A 1330 -5.30 -29.45 -4.57
CA TRP A 1330 -6.06 -28.48 -3.80
C TRP A 1330 -6.52 -29.08 -2.48
N GLU A 1331 -5.81 -30.12 -2.02
CA GLU A 1331 -6.24 -30.84 -0.83
C GLU A 1331 -6.05 -30.01 0.42
N ASN A 1332 -4.80 -29.65 0.72
CA ASN A 1332 -4.47 -28.95 1.96
C ASN A 1332 -3.84 -27.58 1.68
N LYS A 1333 -4.22 -26.95 0.57
CA LYS A 1333 -3.71 -25.64 0.20
C LYS A 1333 -4.65 -24.55 0.68
N HIS A 1334 -4.08 -23.40 1.03
CA HIS A 1334 -4.84 -22.23 1.42
C HIS A 1334 -4.48 -21.05 0.53
N ILE A 1335 -5.41 -20.11 0.43
CA ILE A 1335 -5.22 -18.89 -0.34
C ILE A 1335 -5.02 -17.74 0.64
N THR A 1336 -4.00 -16.91 0.39
CA THR A 1336 -3.71 -15.75 1.21
C THR A 1336 -4.20 -14.49 0.48
N TRP A 1337 -5.13 -13.78 1.10
CA TRP A 1337 -5.66 -12.54 0.55
C TRP A 1337 -5.05 -11.34 1.26
N PHE A 1338 -5.11 -10.19 0.59
CA PHE A 1338 -4.64 -8.94 1.19
C PHE A 1338 -5.38 -7.77 0.58
N ALA A 1339 -5.35 -6.66 1.30
CA ALA A 1339 -5.91 -5.39 0.85
C ALA A 1339 -4.83 -4.32 0.88
N THR A 1340 -4.82 -3.46 -0.13
CA THR A 1340 -3.78 -2.47 -0.30
C THR A 1340 -4.23 -1.10 0.20
N LEU A 1341 -3.24 -0.23 0.41
CA LEU A 1341 -3.51 1.14 0.84
C LEU A 1341 -4.00 2.03 -0.29
N ASP A 1342 -4.06 1.51 -1.52
CA ASP A 1342 -4.65 2.21 -2.64
C ASP A 1342 -6.05 1.70 -2.97
N GLY A 1343 -6.65 0.88 -2.10
CA GLY A 1343 -8.03 0.47 -2.26
C GLY A 1343 -8.27 -0.78 -3.09
N GLY A 1344 -7.27 -1.63 -3.29
CA GLY A 1344 -7.42 -2.84 -4.05
C GLY A 1344 -7.42 -4.09 -3.19
N ILE A 1345 -7.69 -5.22 -3.83
CA ILE A 1345 -7.70 -6.53 -3.18
C ILE A 1345 -6.96 -7.51 -4.09
N GLY A 1346 -6.06 -8.31 -3.50
CA GLY A 1346 -5.31 -9.30 -4.24
C GLY A 1346 -5.23 -10.61 -3.47
N LEU A 1347 -4.61 -11.60 -4.11
CA LEU A 1347 -4.46 -12.92 -3.51
C LEU A 1347 -3.28 -13.65 -4.14
N LEU A 1348 -2.77 -14.64 -3.40
CA LEU A 1348 -1.69 -15.50 -3.85
C LEU A 1348 -2.13 -16.96 -3.72
N LEU A 1349 -1.91 -17.76 -4.75
CA LEU A 1349 -2.37 -19.14 -4.78
C LEU A 1349 -1.22 -20.07 -5.11
N PRO A 1350 -0.91 -21.05 -4.27
CA PRO A 1350 0.19 -21.97 -4.57
C PRO A 1350 -0.10 -22.84 -5.79
N MET A 1351 0.97 -23.23 -6.49
CA MET A 1351 0.85 -23.97 -7.73
C MET A 1351 1.88 -25.09 -7.75
N GLN A 1352 1.58 -26.14 -8.52
CA GLN A 1352 2.50 -27.24 -8.72
C GLN A 1352 3.63 -26.84 -9.67
N GLU A 1353 4.77 -27.51 -9.54
CA GLU A 1353 5.96 -27.11 -10.30
C GLU A 1353 5.75 -27.29 -11.79
N LYS A 1354 5.14 -28.40 -12.21
CA LYS A 1354 4.96 -28.66 -13.64
C LYS A 1354 4.06 -27.63 -14.29
N THR A 1355 2.95 -27.28 -13.62
CA THR A 1355 2.05 -26.28 -14.16
C THR A 1355 2.73 -24.91 -14.22
N TYR A 1356 3.53 -24.58 -13.21
CA TYR A 1356 4.25 -23.31 -13.22
C TYR A 1356 5.22 -23.23 -14.38
N ARG A 1357 5.98 -24.30 -14.61
CA ARG A 1357 6.93 -24.31 -15.71
C ARG A 1357 6.23 -24.29 -17.06
N ARG A 1358 5.05 -24.90 -17.15
CA ARG A 1358 4.29 -24.85 -18.39
C ARG A 1358 3.76 -23.45 -18.68
N LEU A 1359 3.29 -22.76 -17.64
CA LEU A 1359 2.73 -21.42 -17.84
C LEU A 1359 3.80 -20.33 -17.96
N LEU A 1360 5.03 -20.61 -17.52
CA LEU A 1360 6.09 -19.61 -17.64
C LEU A 1360 6.42 -19.34 -19.11
N MET A 1361 6.42 -20.37 -19.95
CA MET A 1361 6.66 -20.19 -21.38
C MET A 1361 5.56 -19.34 -22.01
N LEU A 1362 4.30 -19.59 -21.64
CA LEU A 1362 3.22 -18.76 -22.15
C LEU A 1362 3.38 -17.31 -21.70
N GLN A 1363 3.79 -17.10 -20.45
CA GLN A 1363 4.01 -15.74 -19.96
C GLN A 1363 5.10 -15.04 -20.76
N ASN A 1364 6.19 -15.74 -21.04
CA ASN A 1364 7.28 -15.13 -21.82
C ASN A 1364 6.82 -14.80 -23.24
N ALA A 1365 6.07 -15.71 -23.87
CA ALA A 1365 5.59 -15.45 -25.22
C ALA A 1365 4.63 -14.25 -25.25
N LEU A 1366 3.73 -14.18 -24.27
CA LEU A 1366 2.81 -13.04 -24.20
C LEU A 1366 3.56 -11.75 -23.95
N THR A 1367 4.62 -11.79 -23.15
CA THR A 1367 5.43 -10.60 -22.91
C THR A 1367 6.10 -10.13 -24.19
N THR A 1368 6.65 -11.05 -24.97
CA THR A 1368 7.50 -10.65 -26.08
C THR A 1368 6.75 -10.50 -27.41
N MET A 1369 5.51 -10.94 -27.52
CA MET A 1369 4.84 -10.96 -28.82
C MET A 1369 3.55 -10.14 -28.85
N LEU A 1370 3.34 -9.25 -27.89
CA LEU A 1370 2.15 -8.41 -27.89
C LEU A 1370 2.53 -6.96 -27.60
N PRO A 1371 1.75 -6.01 -28.12
CA PRO A 1371 1.94 -4.61 -27.74
C PRO A 1371 1.19 -4.25 -26.46
N HIS A 1372 1.73 -3.29 -25.73
CA HIS A 1372 1.18 -2.89 -24.44
C HIS A 1372 1.00 -1.38 -24.41
N HIS A 1373 0.07 -0.93 -23.57
CA HIS A 1373 -0.24 0.49 -23.48
C HIS A 1373 0.95 1.27 -22.96
N ALA A 1374 1.17 2.45 -23.56
CA ALA A 1374 2.26 3.37 -23.27
C ALA A 1374 3.64 2.80 -23.62
N GLY A 1375 3.70 1.60 -24.22
CA GLY A 1375 4.98 1.00 -24.55
C GLY A 1375 5.75 0.44 -23.37
N LEU A 1376 5.06 0.15 -22.26
CA LEU A 1376 5.73 -0.36 -21.08
C LEU A 1376 6.03 -1.85 -21.21
N ASN A 1377 6.96 -2.32 -20.38
CA ASN A 1377 7.41 -3.71 -20.40
C ASN A 1377 6.83 -4.45 -19.20
N PRO A 1378 5.97 -5.45 -19.40
CA PRO A 1378 5.41 -6.17 -18.25
C PRO A 1378 6.45 -6.88 -17.40
N ARG A 1379 7.51 -7.41 -18.00
CA ARG A 1379 8.48 -8.19 -17.24
C ARG A 1379 9.28 -7.31 -16.29
N ALA A 1380 9.62 -6.09 -16.73
CA ALA A 1380 10.39 -5.19 -15.89
C ALA A 1380 9.58 -4.66 -14.72
N PHE A 1381 8.26 -4.51 -14.90
CA PHE A 1381 7.42 -3.96 -13.83
C PHE A 1381 7.38 -4.86 -12.62
N ARG A 1382 7.27 -6.17 -12.83
CA ARG A 1382 7.14 -7.12 -11.73
C ARG A 1382 8.48 -7.55 -11.14
N MET A 1383 9.59 -7.04 -11.69
CA MET A 1383 10.91 -7.37 -11.16
C MET A 1383 11.11 -6.68 -9.82
N LEU A 1384 11.80 -7.38 -8.91
CA LEU A 1384 11.97 -6.89 -7.55
C LEU A 1384 12.80 -5.61 -7.53
N HIS A 1385 12.39 -4.67 -6.68
CA HIS A 1385 13.11 -3.42 -6.48
C HIS A 1385 14.00 -3.55 -5.25
N VAL A 1386 15.29 -3.32 -5.43
CA VAL A 1386 16.25 -3.48 -4.35
C VAL A 1386 16.74 -2.11 -3.88
N ASN A 1393 19.78 -10.35 -5.53
CA ASN A 1393 19.26 -10.96 -6.75
C ASN A 1393 17.86 -11.50 -6.55
N ALA A 1394 17.03 -11.40 -7.58
CA ALA A 1394 15.66 -11.87 -7.51
C ALA A 1394 15.59 -13.36 -7.84
N VAL A 1395 14.59 -14.03 -7.27
CA VAL A 1395 14.40 -15.45 -7.48
C VAL A 1395 13.23 -15.76 -8.40
N ARG A 1396 12.21 -14.91 -8.47
CA ARG A 1396 11.22 -14.91 -9.55
C ARG A 1396 10.48 -16.25 -9.66
N ASN A 1397 9.71 -16.56 -8.61
CA ASN A 1397 8.94 -17.81 -8.58
C ASN A 1397 7.45 -17.55 -8.47
N VAL A 1398 6.99 -16.40 -8.97
CA VAL A 1398 5.58 -16.02 -8.92
C VAL A 1398 5.13 -15.61 -10.32
N LEU A 1399 3.96 -16.09 -10.73
CA LEU A 1399 3.40 -15.77 -12.04
C LEU A 1399 2.50 -14.54 -11.95
N ASP A 1400 2.38 -13.83 -13.06
CA ASP A 1400 1.56 -12.63 -13.16
C ASP A 1400 0.24 -12.99 -13.83
N GLY A 1401 -0.83 -13.01 -13.05
CA GLY A 1401 -2.13 -13.42 -13.56
C GLY A 1401 -2.84 -12.40 -14.42
N GLU A 1402 -2.47 -11.13 -14.30
CA GLU A 1402 -3.09 -10.10 -15.14
C GLU A 1402 -2.55 -10.14 -16.56
N LEU A 1403 -1.30 -10.55 -16.74
CA LEU A 1403 -0.77 -10.74 -18.07
C LEU A 1403 -1.28 -12.03 -18.72
N LEU A 1404 -1.49 -13.07 -17.92
CA LEU A 1404 -2.02 -14.33 -18.45
C LEU A 1404 -3.45 -14.20 -18.92
N ASN A 1405 -4.17 -13.17 -18.48
CA ASN A 1405 -5.54 -12.95 -18.93
C ASN A 1405 -5.62 -12.51 -20.38
N ARG A 1406 -4.51 -12.03 -20.95
CA ARG A 1406 -4.51 -11.61 -22.35
C ARG A 1406 -4.64 -12.78 -23.31
N TYR A 1407 -4.39 -14.00 -22.86
CA TYR A 1407 -4.57 -15.17 -23.72
C TYR A 1407 -6.05 -15.42 -24.01
N LEU A 1408 -6.92 -15.11 -23.05
CA LEU A 1408 -8.36 -15.27 -23.27
C LEU A 1408 -8.92 -14.20 -24.18
N TYR A 1409 -8.24 -13.06 -24.32
CA TYR A 1409 -8.71 -11.96 -25.15
C TYR A 1409 -8.42 -12.15 -26.63
N LEU A 1410 -7.52 -13.07 -26.98
CA LEU A 1410 -7.18 -13.32 -28.37
C LEU A 1410 -8.26 -14.13 -29.06
N SER A 1411 -8.25 -14.11 -30.39
CA SER A 1411 -9.12 -14.96 -31.17
C SER A 1411 -8.55 -16.37 -31.26
N THR A 1412 -9.38 -17.31 -31.72
CA THR A 1412 -8.96 -18.70 -31.76
C THR A 1412 -7.82 -18.93 -32.75
N MET A 1413 -7.81 -18.19 -33.86
CA MET A 1413 -6.74 -18.35 -34.84
C MET A 1413 -5.39 -17.98 -34.25
N GLU A 1414 -5.29 -16.78 -33.66
CA GLU A 1414 -4.02 -16.38 -33.06
C GLU A 1414 -3.72 -17.18 -31.80
N ARG A 1415 -4.75 -17.66 -31.11
CA ARG A 1415 -4.52 -18.56 -29.98
C ARG A 1415 -3.81 -19.83 -30.43
N SER A 1416 -4.30 -20.46 -31.50
CA SER A 1416 -3.66 -21.66 -32.02
C SER A 1416 -2.29 -21.36 -32.59
N GLU A 1417 -2.12 -20.19 -33.22
CA GLU A 1417 -0.81 -19.82 -33.73
C GLU A 1417 0.21 -19.67 -32.61
N LEU A 1418 -0.19 -19.05 -31.50
CA LEU A 1418 0.73 -18.86 -30.38
C LEU A 1418 1.01 -20.18 -29.66
N ALA A 1419 0.00 -21.05 -29.55
CA ALA A 1419 0.19 -22.31 -28.86
C ALA A 1419 1.19 -23.20 -29.59
N LYS A 1420 1.12 -23.21 -30.94
CA LYS A 1420 2.03 -24.05 -31.71
C LYS A 1420 3.47 -23.57 -31.60
N LYS A 1421 3.68 -22.27 -31.39
CA LYS A 1421 5.04 -21.73 -31.31
C LYS A 1421 5.78 -22.23 -30.08
N ILE A 1422 5.08 -22.67 -29.04
CA ILE A 1422 5.71 -23.16 -27.83
C ILE A 1422 5.43 -24.66 -27.63
N GLY A 1423 4.96 -25.35 -28.66
CA GLY A 1423 4.79 -26.79 -28.63
C GLY A 1423 3.77 -27.32 -27.65
N THR A 1424 2.58 -26.73 -27.60
CA THR A 1424 1.53 -27.20 -26.73
C THR A 1424 0.19 -27.12 -27.47
N THR A 1425 -0.90 -27.28 -26.71
CA THR A 1425 -2.25 -27.29 -27.25
C THR A 1425 -3.11 -26.27 -26.49
N PRO A 1426 -3.97 -25.53 -27.20
CA PRO A 1426 -4.81 -24.53 -26.52
C PRO A 1426 -5.71 -25.11 -25.44
N ASP A 1427 -6.14 -26.37 -25.58
CA ASP A 1427 -7.04 -26.95 -24.60
C ASP A 1427 -6.37 -27.08 -23.23
N ILE A 1428 -5.12 -27.50 -23.21
CA ILE A 1428 -4.40 -27.65 -21.94
C ILE A 1428 -4.22 -26.31 -21.27
N ILE A 1429 -3.85 -25.29 -22.04
CA ILE A 1429 -3.67 -23.94 -21.49
C ILE A 1429 -4.99 -23.42 -20.94
N LEU A 1430 -6.09 -23.64 -21.67
CA LEU A 1430 -7.39 -23.18 -21.19
C LEU A 1430 -7.78 -23.89 -19.90
N ASP A 1431 -7.53 -25.20 -19.81
CA ASP A 1431 -7.84 -25.94 -18.58
C ASP A 1431 -7.04 -25.39 -17.41
N ASP A 1432 -5.73 -25.15 -17.62
CA ASP A 1432 -4.90 -24.62 -16.55
C ASP A 1432 -5.36 -23.24 -16.11
N LEU A 1433 -5.74 -22.39 -17.07
CA LEU A 1433 -6.15 -21.04 -16.73
C LEU A 1433 -7.51 -21.01 -16.04
N LEU A 1434 -8.41 -21.93 -16.39
CA LEU A 1434 -9.74 -21.93 -15.79
C LEU A 1434 -9.79 -22.62 -14.44
N GLU A 1435 -8.87 -23.55 -14.16
CA GLU A 1435 -8.86 -24.19 -12.84
C GLU A 1435 -8.60 -23.18 -11.74
N THR A 1436 -7.65 -22.27 -11.95
CA THR A 1436 -7.34 -21.25 -10.95
C THR A 1436 -8.53 -20.32 -10.72
N ASP A 1437 -9.24 -19.96 -11.79
CA ASP A 1437 -10.45 -19.16 -11.62
C ASP A 1437 -11.52 -19.92 -10.85
N ARG A 1438 -11.63 -21.23 -11.07
CA ARG A 1438 -12.64 -22.01 -10.36
C ARG A 1438 -12.33 -22.10 -8.87
N VAL A 1439 -11.07 -22.32 -8.51
CA VAL A 1439 -10.75 -22.62 -7.10
C VAL A 1439 -10.67 -21.39 -6.21
N THR A 1440 -10.82 -20.18 -6.75
CA THR A 1440 -10.68 -18.95 -5.97
C THR A 1440 -11.96 -18.13 -5.96
N ALA A 1441 -13.11 -18.78 -5.98
CA ALA A 1441 -14.41 -18.09 -6.03
C ALA A 1441 -14.99 -18.06 -4.62
N HIS A 1442 -14.54 -17.09 -3.83
CA HIS A 1442 -14.99 -16.90 -2.46
C HIS A 1442 -15.72 -15.58 -2.32
N PHE A 1443 -16.34 -15.40 -1.16
CA PHE A 1443 -17.08 -14.19 -0.81
C PHE A 1443 -18.15 -13.86 -1.85
N THR B 42 35.03 3.16 46.90
CA THR B 42 34.69 1.77 46.63
C THR B 42 33.17 1.59 46.58
N PHE B 43 32.69 1.03 45.47
CA PHE B 43 31.27 0.83 45.23
C PHE B 43 31.00 -0.65 45.02
N ASP B 44 30.02 -1.18 45.76
CA ASP B 44 29.66 -2.58 45.65
C ASP B 44 28.15 -2.81 45.61
N GLY B 45 27.36 -1.76 45.42
CA GLY B 45 25.91 -1.89 45.37
C GLY B 45 25.27 -2.32 46.67
N LYS B 46 25.81 -1.86 47.81
CA LYS B 46 25.26 -2.20 49.12
C LYS B 46 25.03 -0.96 49.97
N ARG B 47 25.04 0.23 49.37
CA ARG B 47 24.84 1.49 50.08
C ARG B 47 23.44 2.02 49.80
N MET B 48 22.72 2.39 50.86
CA MET B 48 21.36 2.87 50.70
C MET B 48 21.35 4.24 50.03
N ARG B 49 20.45 4.41 49.06
CA ARG B 49 20.33 5.65 48.31
C ARG B 49 18.85 6.04 48.21
N LYS B 50 18.62 7.33 48.05
CA LYS B 50 17.25 7.83 47.90
C LYS B 50 16.79 7.70 46.45
N ALA B 51 15.47 7.78 46.27
CA ALA B 51 14.90 7.70 44.94
C ALA B 51 15.31 8.91 44.10
N VAL B 52 15.61 8.65 42.83
CA VAL B 52 16.13 9.67 41.93
C VAL B 52 15.33 9.65 40.63
N ASN B 53 15.02 10.83 40.11
CA ASN B 53 14.40 10.98 38.80
C ASN B 53 15.49 11.22 37.76
N ARG B 54 15.42 10.48 36.66
CA ARG B 54 16.46 10.50 35.64
C ARG B 54 15.96 11.18 34.38
N LYS B 55 16.81 12.01 33.78
CA LYS B 55 16.55 12.52 32.45
C LYS B 55 16.57 11.37 31.44
N THR B 56 15.79 11.52 30.38
CA THR B 56 15.69 10.45 29.40
C THR B 56 15.44 11.03 28.02
N ILE B 57 15.78 10.24 27.01
CA ILE B 57 15.39 10.46 25.62
C ILE B 57 14.77 9.16 25.14
N ASP B 58 13.46 9.14 24.98
CA ASP B 58 12.71 7.93 24.65
C ASP B 58 12.18 8.04 23.23
N TYR B 59 12.51 7.05 22.40
CA TYR B 59 12.15 7.09 20.99
C TYR B 59 10.80 6.46 20.67
N ASN B 60 10.15 5.84 21.64
CA ASN B 60 8.90 5.13 21.36
C ASN B 60 7.78 6.02 20.83
N PRO B 61 7.50 7.20 21.43
CA PRO B 61 6.42 8.03 20.87
C PRO B 61 6.62 8.43 19.43
N SER B 62 7.86 8.72 19.03
CA SER B 62 8.13 9.08 17.65
C SER B 62 7.87 7.92 16.70
N VAL B 63 8.25 6.70 17.11
CA VAL B 63 8.00 5.53 16.29
C VAL B 63 6.51 5.28 16.15
N ILE B 64 5.75 5.43 17.24
CA ILE B 64 4.30 5.24 17.19
C ILE B 64 3.67 6.27 16.25
N LYS B 65 4.09 7.53 16.37
CA LYS B 65 3.57 8.58 15.51
C LYS B 65 3.89 8.31 14.04
N TYR B 66 5.10 7.84 13.75
CA TYR B 66 5.46 7.50 12.38
C TYR B 66 4.64 6.35 11.85
N LEU B 67 4.37 5.34 12.70
CA LEU B 67 3.56 4.21 12.27
C LEU B 67 2.13 4.65 11.96
N GLU B 68 1.59 5.58 12.74
CA GLU B 68 0.25 6.09 12.45
C GLU B 68 0.22 6.93 11.18
N ASN B 69 1.28 7.71 10.94
CA ASN B 69 1.28 8.65 9.81
C ASN B 69 1.33 7.94 8.47
N ARG B 70 2.11 6.86 8.36
CA ARG B 70 2.39 6.26 7.07
C ARG B 70 1.21 5.50 6.49
N ILE B 71 0.12 5.34 7.24
CA ILE B 71 -1.04 4.64 6.72
C ILE B 71 -1.75 5.46 5.67
N TRP B 72 -1.94 6.76 5.91
CA TRP B 72 -2.70 7.61 5.01
C TRP B 72 -1.86 8.61 4.24
N GLN B 73 -0.54 8.61 4.41
CA GLN B 73 0.36 9.50 3.70
C GLN B 73 1.17 8.71 2.69
N ARG B 74 1.21 9.19 1.45
CA ARG B 74 1.99 8.51 0.42
C ARG B 74 3.49 8.61 0.71
N ASP B 75 3.95 9.80 1.09
CA ASP B 75 5.36 10.09 1.36
C ASP B 75 5.40 11.44 2.07
N GLN B 76 6.60 12.01 2.17
CA GLN B 76 6.76 13.30 2.84
C GLN B 76 6.06 14.44 2.11
N ARG B 77 5.64 14.22 0.87
CA ARG B 77 4.83 15.21 0.17
C ARG B 77 3.51 15.46 0.89
N ASP B 78 2.94 14.45 1.53
CA ASP B 78 1.66 14.55 2.22
C ASP B 78 1.80 14.92 3.69
N MET B 79 3.03 15.02 4.21
CA MET B 79 3.23 15.22 5.63
C MET B 79 2.99 16.67 6.01
N ARG B 80 2.21 16.89 7.06
CA ARG B 80 1.93 18.24 7.53
C ARG B 80 3.15 18.83 8.23
N ALA B 81 3.22 20.16 8.21
CA ALA B 81 4.38 20.86 8.74
C ALA B 81 4.38 20.89 10.26
N ILE B 82 5.57 20.94 10.83
CA ILE B 82 5.77 21.06 12.27
C ILE B 82 6.13 22.51 12.58
N GLN B 83 5.29 23.17 13.36
CA GLN B 83 5.51 24.57 13.67
C GLN B 83 6.65 24.72 14.68
N PRO B 84 7.44 25.79 14.56
CA PRO B 84 8.52 26.05 15.53
C PRO B 84 7.99 26.65 16.84
N ASP B 85 7.16 25.88 17.53
CA ASP B 85 6.57 26.29 18.80
C ASP B 85 6.71 25.18 19.81
N ALA B 86 6.75 25.55 21.09
CA ALA B 86 6.99 24.59 22.15
C ALA B 86 5.83 23.63 22.37
N GLY B 87 4.64 23.97 21.90
CA GLY B 87 3.49 23.10 22.08
C GLY B 87 3.39 21.93 21.13
N TYR B 88 4.28 21.87 20.13
CA TYR B 88 4.26 20.80 19.14
C TYR B 88 5.29 19.74 19.49
N TYR B 89 5.04 19.03 20.59
CA TYR B 89 5.98 18.02 21.08
C TYR B 89 5.63 16.61 20.64
N ASN B 90 4.40 16.35 20.19
CA ASN B 90 3.99 15.02 19.76
C ASN B 90 3.95 14.89 18.25
N ASP B 91 4.57 15.81 17.51
CA ASP B 91 4.59 15.76 16.06
C ASP B 91 5.92 15.26 15.49
N LEU B 92 6.83 14.80 16.34
CA LEU B 92 8.14 14.36 15.89
C LEU B 92 8.07 12.94 15.32
N VAL B 93 8.95 12.69 14.36
CA VAL B 93 9.11 11.35 13.79
C VAL B 93 10.60 11.04 13.73
N PRO B 94 10.97 9.76 13.71
CA PRO B 94 12.38 9.39 13.60
C PRO B 94 12.95 9.80 12.26
N PRO B 95 14.27 9.73 12.07
CA PRO B 95 14.86 10.13 10.79
C PRO B 95 14.33 9.35 9.58
N ILE B 96 13.83 8.14 9.78
CA ILE B 96 13.28 7.36 8.65
C ILE B 96 12.03 7.99 8.06
N GLY B 97 11.38 8.89 8.78
CA GLY B 97 10.22 9.61 8.27
C GLY B 97 10.51 10.97 7.69
N MET B 98 11.79 11.33 7.53
CA MET B 98 12.19 12.63 7.00
C MET B 98 13.31 12.46 5.98
N LEU B 99 13.11 11.55 5.03
CA LEU B 99 14.16 11.22 4.07
C LEU B 99 14.52 12.39 3.16
N ASN B 100 13.62 13.36 2.99
CA ASN B 100 13.89 14.50 2.11
C ASN B 100 14.54 15.67 2.83
N ASN B 101 14.64 15.64 4.15
CA ASN B 101 15.26 16.72 4.93
C ASN B 101 16.23 16.11 5.93
N PRO B 102 17.45 15.78 5.50
CA PRO B 102 18.45 15.24 6.44
C PRO B 102 18.95 16.23 7.47
N MET B 103 18.57 17.50 7.40
CA MET B 103 19.00 18.49 8.38
C MET B 103 18.40 18.26 9.75
N ASN B 104 17.39 17.39 9.87
CA ASN B 104 16.80 17.10 11.16
C ASN B 104 17.75 16.35 12.08
N ALA B 105 18.79 15.73 11.54
CA ALA B 105 19.69 14.88 12.30
C ALA B 105 21.01 15.55 12.66
N VAL B 106 21.04 16.88 12.64
CA VAL B 106 22.21 17.62 13.12
C VAL B 106 22.05 17.76 14.64
N THR B 107 22.74 16.89 15.39
CA THR B 107 22.54 16.76 16.83
C THR B 107 23.48 17.72 17.54
N THR B 108 22.95 18.90 17.91
CA THR B 108 23.73 19.93 18.58
C THR B 108 23.10 20.32 19.93
N LYS B 109 22.40 19.40 20.57
CA LYS B 109 21.79 19.63 21.87
C LYS B 109 22.44 18.71 22.90
N PHE B 110 23.02 19.30 23.94
CA PHE B 110 23.72 18.53 24.95
C PHE B 110 22.74 17.77 25.84
N VAL B 111 23.11 16.55 26.23
CA VAL B 111 22.24 15.72 27.04
C VAL B 111 22.89 15.39 28.37
N ARG B 112 24.02 14.68 28.34
CA ARG B 112 24.64 14.24 29.60
C ARG B 112 26.11 13.92 29.38
N THR B 113 26.88 14.01 30.46
CA THR B 113 28.28 13.62 30.50
C THR B 113 28.44 12.40 31.41
N SER B 114 29.10 11.37 30.91
CA SER B 114 29.32 10.14 31.66
C SER B 114 30.81 9.98 31.95
N THR B 115 31.14 9.79 33.23
CA THR B 115 32.53 9.72 33.66
C THR B 115 32.71 8.61 34.68
N ASN B 116 33.85 7.92 34.60
CA ASN B 116 34.20 6.88 35.56
C ASN B 116 34.71 7.49 36.86
N LYS B 117 34.64 6.68 37.93
CA LYS B 117 35.19 7.12 39.21
C LYS B 117 36.69 7.30 39.13
N VAL B 118 37.38 6.31 38.58
CA VAL B 118 38.82 6.39 38.29
C VAL B 118 38.92 6.71 36.81
N LYS B 119 39.05 8.00 36.48
CA LYS B 119 38.93 8.45 35.11
C LYS B 119 40.25 8.36 34.36
N CYS B 120 40.17 8.03 33.07
CA CYS B 120 41.32 7.90 32.20
C CYS B 120 40.85 8.14 30.77
N PRO B 121 41.77 8.48 29.85
CA PRO B 121 41.33 8.84 28.50
C PRO B 121 40.56 7.73 27.82
N VAL B 122 39.52 8.13 27.07
CA VAL B 122 38.62 7.22 26.38
C VAL B 122 39.05 7.12 24.93
N PHE B 123 39.13 5.89 24.41
CA PHE B 123 39.60 5.65 23.05
C PHE B 123 38.54 5.13 22.10
N VAL B 124 37.66 4.23 22.54
CA VAL B 124 36.66 3.62 21.67
C VAL B 124 35.30 3.71 22.34
N VAL B 125 34.27 4.04 21.55
CA VAL B 125 32.88 3.96 21.98
C VAL B 125 32.09 3.25 20.87
N ARG B 126 31.25 2.30 21.26
CA ARG B 126 30.45 1.55 20.31
C ARG B 126 29.08 1.27 20.90
N TRP B 127 28.10 1.07 20.03
CA TRP B 127 26.74 0.74 20.44
C TRP B 127 26.48 -0.75 20.26
N THR B 128 25.71 -1.32 21.18
CA THR B 128 25.26 -2.69 21.04
C THR B 128 24.36 -2.79 19.81
N PRO B 129 24.44 -3.90 19.05
CA PRO B 129 23.76 -3.95 17.74
C PRO B 129 22.29 -3.52 17.72
N GLU B 130 21.55 -3.68 18.82
CA GLU B 130 20.17 -3.22 18.88
C GLU B 130 20.01 -1.94 19.68
N GLY B 131 21.12 -1.30 20.07
CA GLY B 131 21.06 -0.03 20.75
C GLY B 131 20.64 -0.08 22.19
N ARG B 132 20.78 -1.23 22.85
CA ARG B 132 20.39 -1.36 24.25
C ARG B 132 21.39 -0.72 25.19
N ARG B 133 22.69 -0.75 24.84
CA ARG B 133 23.73 -0.25 25.73
C ARG B 133 24.82 0.42 24.91
N LEU B 134 25.64 1.21 25.59
CA LEU B 134 26.83 1.81 25.03
C LEU B 134 28.05 1.30 25.77
N VAL B 135 29.07 0.86 25.02
CA VAL B 135 30.28 0.28 25.59
C VAL B 135 31.45 1.21 25.32
N THR B 136 32.30 1.40 26.33
CA THR B 136 33.42 2.32 26.29
C THR B 136 34.72 1.55 26.53
N GLY B 137 35.73 1.83 25.70
CA GLY B 137 37.05 1.26 25.89
C GLY B 137 38.08 2.30 26.27
N ALA B 138 38.65 2.17 27.47
CA ALA B 138 39.54 3.17 28.03
C ALA B 138 40.99 2.68 28.01
N SER B 139 41.90 3.54 28.47
CA SER B 139 43.33 3.24 28.46
C SER B 139 43.76 2.32 29.58
N SER B 140 42.89 2.00 30.53
CA SER B 140 43.20 1.06 31.59
C SER B 140 42.84 -0.37 31.21
N GLY B 141 42.34 -0.60 30.01
CA GLY B 141 41.94 -1.93 29.60
C GLY B 141 40.62 -2.39 30.15
N GLU B 142 39.71 -1.46 30.45
CA GLU B 142 38.43 -1.78 31.05
C GLU B 142 37.29 -1.41 30.12
N PHE B 143 36.20 -2.18 30.20
CA PHE B 143 34.97 -1.88 29.49
C PHE B 143 33.97 -1.30 30.47
N THR B 144 33.21 -0.29 30.03
CA THR B 144 32.17 0.32 30.84
C THR B 144 30.88 0.33 30.05
N LEU B 145 29.78 -0.02 30.71
CA LEU B 145 28.47 -0.16 30.09
C LEU B 145 27.53 0.90 30.65
N TRP B 146 26.80 1.56 29.74
CA TRP B 146 25.85 2.61 30.11
C TRP B 146 24.51 2.30 29.49
N ASN B 147 23.43 2.60 30.23
CA ASN B 147 22.09 2.32 29.75
C ASN B 147 21.74 3.23 28.58
N GLY B 148 21.06 2.65 27.58
CA GLY B 148 20.80 3.37 26.34
C GLY B 148 19.69 4.40 26.40
N LEU B 149 18.78 4.29 27.37
CA LEU B 149 17.68 5.24 27.53
C LEU B 149 18.01 6.33 28.54
N THR B 150 18.34 5.93 29.77
CA THR B 150 18.84 6.84 30.80
C THR B 150 20.31 6.52 31.00
N PHE B 151 21.18 7.45 30.59
CA PHE B 151 22.60 7.16 30.41
C PHE B 151 23.31 7.10 31.77
N ASN B 152 23.05 6.01 32.49
CA ASN B 152 23.59 5.81 33.83
C ASN B 152 24.41 4.52 33.87
N PHE B 153 25.24 4.42 34.91
CA PHE B 153 26.18 3.31 35.04
C PHE B 153 25.46 1.99 35.27
N GLU B 154 25.92 0.95 34.58
CA GLU B 154 25.37 -0.39 34.74
C GLU B 154 26.37 -1.40 35.27
N THR B 155 27.53 -1.54 34.63
CA THR B 155 28.51 -2.54 35.06
C THR B 155 29.87 -2.15 34.51
N ILE B 156 30.91 -2.81 35.04
CA ILE B 156 32.28 -2.58 34.63
C ILE B 156 33.06 -3.88 34.78
N LEU B 157 34.05 -4.07 33.91
CA LEU B 157 34.90 -5.24 33.99
C LEU B 157 36.26 -4.94 33.37
N GLN B 158 37.27 -5.69 33.80
CA GLN B 158 38.62 -5.58 33.27
C GLN B 158 38.76 -6.55 32.11
N ALA B 159 39.06 -6.02 30.92
CA ALA B 159 39.13 -6.82 29.71
C ALA B 159 40.55 -7.08 29.23
N HIS B 160 41.40 -6.06 29.21
CA HIS B 160 42.75 -6.18 28.70
C HIS B 160 43.75 -5.67 29.73
N ASP B 161 44.99 -6.12 29.59
CA ASP B 161 46.10 -5.61 30.40
C ASP B 161 46.81 -4.42 29.75
N SER B 162 46.32 -3.97 28.61
CA SER B 162 46.88 -2.85 27.85
C SER B 162 45.73 -1.96 27.40
N PRO B 163 46.00 -0.70 27.01
CA PRO B 163 44.91 0.16 26.54
C PRO B 163 44.15 -0.46 25.37
N VAL B 164 42.84 -0.30 25.39
CA VAL B 164 41.98 -0.84 24.34
C VAL B 164 41.99 0.11 23.15
N ARG B 165 42.25 -0.43 21.96
CA ARG B 165 42.40 0.37 20.75
C ARG B 165 41.29 0.15 19.73
N ALA B 166 40.76 -1.06 19.61
CA ALA B 166 39.79 -1.38 18.57
C ALA B 166 38.60 -2.12 19.15
N MET B 167 37.46 -1.99 18.48
CA MET B 167 36.23 -2.65 18.90
C MET B 167 35.24 -2.64 17.74
N THR B 168 34.75 -3.82 17.35
CA THR B 168 33.81 -3.95 16.25
C THR B 168 32.83 -5.07 16.53
N TRP B 169 31.68 -5.01 15.84
CA TRP B 169 30.64 -6.03 15.93
C TRP B 169 30.46 -6.68 14.57
N SER B 170 30.08 -7.95 14.58
CA SER B 170 29.85 -8.69 13.35
C SER B 170 28.56 -8.23 12.67
N HIS B 171 28.42 -8.60 11.39
CA HIS B 171 27.22 -8.27 10.63
C HIS B 171 26.01 -9.10 11.05
N ASN B 172 26.22 -10.26 11.67
CA ASN B 172 25.13 -11.08 12.15
C ASN B 172 24.81 -10.82 13.62
N ASP B 173 25.47 -9.84 14.24
CA ASP B 173 25.21 -9.39 15.61
C ASP B 173 25.57 -10.43 16.65
N MET B 174 26.44 -11.38 16.33
CA MET B 174 26.74 -12.49 17.24
C MET B 174 28.06 -12.34 17.97
N TRP B 175 29.03 -11.62 17.42
CA TRP B 175 30.37 -11.58 17.96
C TRP B 175 30.88 -10.15 18.08
N MET B 176 31.72 -9.93 19.09
CA MET B 176 32.44 -8.67 19.26
C MET B 176 33.94 -8.95 19.28
N LEU B 177 34.71 -8.09 18.62
CA LEU B 177 36.15 -8.27 18.47
C LEU B 177 36.86 -7.03 18.98
N THR B 178 37.87 -7.23 19.82
CA THR B 178 38.65 -6.13 20.38
C THR B 178 40.14 -6.43 20.27
N ALA B 179 40.95 -5.38 20.28
CA ALA B 179 42.40 -5.49 20.25
C ALA B 179 42.99 -4.43 21.17
N ASP B 180 44.22 -4.66 21.63
CA ASP B 180 44.85 -3.80 22.61
C ASP B 180 46.23 -3.37 22.12
N HIS B 181 46.89 -2.55 22.95
CA HIS B 181 48.22 -2.04 22.62
C HIS B 181 49.29 -3.13 22.62
N GLY B 182 49.03 -4.27 23.25
CA GLY B 182 49.99 -5.35 23.31
C GLY B 182 49.98 -6.29 22.13
N GLY B 183 49.02 -6.18 21.23
CA GLY B 183 48.94 -7.04 20.08
C GLY B 183 48.05 -8.26 20.21
N TYR B 184 47.12 -8.27 21.16
CA TYR B 184 46.25 -9.42 21.38
C TYR B 184 44.84 -9.14 20.86
N VAL B 185 44.16 -10.22 20.48
CA VAL B 185 42.78 -10.15 19.98
C VAL B 185 41.92 -11.08 20.81
N LYS B 186 40.73 -10.62 21.19
CA LYS B 186 39.83 -11.38 22.04
C LYS B 186 38.46 -11.48 21.40
N TYR B 187 37.78 -12.59 21.68
CA TYR B 187 36.42 -12.85 21.19
C TYR B 187 35.45 -12.72 22.36
N TRP B 188 34.35 -12.00 22.14
CA TRP B 188 33.35 -11.77 23.17
C TRP B 188 31.96 -12.08 22.63
N GLN B 189 31.04 -12.33 23.54
CA GLN B 189 29.62 -12.50 23.23
C GLN B 189 28.82 -11.39 23.90
N SER B 190 27.51 -11.40 23.64
CA SER B 190 26.65 -10.32 24.13
C SER B 190 26.59 -10.24 25.64
N ASN B 191 26.87 -11.35 26.34
CA ASN B 191 26.88 -11.36 27.80
C ASN B 191 28.25 -11.00 28.38
N MET B 192 29.17 -10.54 27.53
CA MET B 192 30.51 -10.13 27.95
C MET B 192 31.30 -11.30 28.53
N ASN B 193 31.33 -12.41 27.79
CA ASN B 193 32.08 -13.60 28.16
C ASN B 193 33.17 -13.82 27.12
N ASN B 194 34.41 -13.98 27.59
CA ASN B 194 35.55 -14.19 26.70
C ASN B 194 35.71 -15.68 26.41
N VAL B 195 35.82 -16.01 25.12
CA VAL B 195 35.91 -17.40 24.69
C VAL B 195 37.20 -17.72 23.94
N LYS B 196 37.96 -16.72 23.51
CA LYS B 196 39.17 -16.96 22.75
C LYS B 196 40.12 -15.79 22.90
N MET B 197 41.42 -16.08 22.83
CA MET B 197 42.46 -15.07 22.98
C MET B 197 43.72 -15.56 22.31
N PHE B 198 44.35 -14.71 21.49
CA PHE B 198 45.60 -15.03 20.84
C PHE B 198 46.30 -13.74 20.44
N GLN B 199 47.58 -13.85 20.11
CA GLN B 199 48.40 -12.70 19.74
C GLN B 199 48.53 -12.64 18.22
N ALA B 200 48.11 -11.52 17.63
CA ALA B 200 48.15 -11.31 16.19
C ALA B 200 49.40 -10.59 15.72
N HIS B 201 49.79 -9.52 16.42
CA HIS B 201 50.98 -8.76 16.08
C HIS B 201 51.86 -8.62 17.33
N LYS B 202 53.13 -8.28 17.10
CA LYS B 202 54.05 -8.02 18.20
C LYS B 202 54.06 -6.56 18.62
N GLU B 203 53.24 -5.71 17.99
CA GLU B 203 53.16 -4.31 18.35
C GLU B 203 51.70 -3.86 18.45
N ALA B 204 51.48 -2.56 18.61
CA ALA B 204 50.14 -2.05 18.82
C ALA B 204 49.27 -2.25 17.59
N ILE B 205 48.02 -2.63 17.82
CA ILE B 205 47.01 -2.79 16.77
C ILE B 205 46.10 -1.58 16.81
N ARG B 206 45.81 -1.00 15.64
CA ARG B 206 45.03 0.23 15.59
C ARG B 206 43.58 0.01 15.17
N GLU B 207 43.28 -0.96 14.32
CA GLU B 207 41.91 -1.15 13.85
C GLU B 207 41.73 -2.55 13.30
N ALA B 208 40.46 -2.98 13.24
CA ALA B 208 40.08 -4.25 12.64
C ALA B 208 38.73 -4.10 11.95
N SER B 209 38.47 -4.96 10.97
CA SER B 209 37.22 -4.90 10.22
C SER B 209 36.89 -6.29 9.68
N PHE B 210 35.59 -6.56 9.56
CA PHE B 210 35.09 -7.87 9.13
C PHE B 210 34.84 -7.91 7.62
N SER B 211 34.80 -9.12 7.09
CA SER B 211 34.41 -9.36 5.71
C SER B 211 32.89 -9.33 5.57
N PRO B 212 32.36 -9.23 4.35
CA PRO B 212 30.89 -9.16 4.21
C PRO B 212 30.14 -10.33 4.83
N THR B 213 30.68 -11.54 4.75
CA THR B 213 30.09 -12.69 5.42
C THR B 213 30.73 -12.95 6.78
N ASP B 214 31.53 -11.99 7.27
CA ASP B 214 32.27 -12.01 8.54
C ASP B 214 32.82 -13.38 8.90
N ASN B 215 33.46 -14.04 7.94
CA ASN B 215 34.29 -15.20 8.19
C ASN B 215 35.78 -14.90 8.10
N LYS B 216 36.13 -13.71 7.62
CA LYS B 216 37.50 -13.22 7.58
C LYS B 216 37.54 -11.82 8.19
N PHE B 217 38.71 -11.44 8.68
CA PHE B 217 38.90 -10.07 9.16
C PHE B 217 40.35 -9.67 8.97
N ALA B 218 40.57 -8.36 8.93
CA ALA B 218 41.90 -7.79 8.70
C ALA B 218 42.27 -6.86 9.85
N THR B 219 43.58 -6.79 10.12
CA THR B 219 44.10 -5.93 11.18
C THR B 219 45.27 -5.12 10.63
N CYS B 220 45.53 -3.98 11.28
CA CYS B 220 46.67 -3.13 10.97
C CYS B 220 47.44 -2.87 12.26
N SER B 221 48.74 -2.66 12.12
CA SER B 221 49.61 -2.54 13.29
C SER B 221 50.71 -1.53 13.03
N ASP B 222 51.38 -1.12 14.10
CA ASP B 222 52.50 -0.18 14.01
C ASP B 222 53.73 -0.79 13.36
N ASP B 223 53.77 -2.11 13.16
CA ASP B 223 54.88 -2.72 12.46
C ASP B 223 54.87 -2.46 10.96
N GLY B 224 53.78 -1.88 10.43
CA GLY B 224 53.72 -1.54 9.03
C GLY B 224 53.19 -2.62 8.12
N THR B 225 52.33 -3.50 8.62
CA THR B 225 51.80 -4.60 7.83
C THR B 225 50.31 -4.73 8.07
N VAL B 226 49.63 -5.36 7.11
CA VAL B 226 48.23 -5.70 7.20
C VAL B 226 48.12 -7.21 7.01
N ARG B 227 47.35 -7.88 7.86
CA ARG B 227 47.24 -9.33 7.84
C ARG B 227 45.78 -9.74 7.75
N ILE B 228 45.54 -10.88 7.10
CA ILE B 228 44.21 -11.45 6.93
C ILE B 228 44.12 -12.72 7.75
N TRP B 229 43.01 -12.88 8.47
CA TRP B 229 42.84 -13.96 9.42
C TRP B 229 41.57 -14.75 9.12
N ASP B 230 41.58 -16.02 9.49
CA ASP B 230 40.38 -16.86 9.48
C ASP B 230 39.74 -16.82 10.86
N PHE B 231 38.47 -16.45 10.92
CA PHE B 231 37.82 -16.21 12.21
C PHE B 231 37.71 -17.50 13.03
N LEU B 232 37.18 -18.56 12.42
CA LEU B 232 36.89 -19.78 13.18
C LEU B 232 38.15 -20.57 13.55
N ARG B 233 39.25 -20.38 12.82
CA ARG B 233 40.47 -21.11 13.09
C ARG B 233 41.59 -20.25 13.65
N CYS B 234 41.44 -18.93 13.67
CA CYS B 234 42.48 -18.01 14.15
C CYS B 234 43.80 -18.24 13.42
N HIS B 235 43.71 -18.43 12.11
CA HIS B 235 44.85 -18.82 11.28
C HIS B 235 45.21 -17.68 10.34
N GLU B 236 46.50 -17.32 10.33
CA GLU B 236 46.99 -16.29 9.43
C GLU B 236 47.02 -16.79 8.00
N GLU B 237 46.65 -15.93 7.06
CA GLU B 237 46.55 -16.31 5.66
C GLU B 237 47.41 -15.47 4.73
N ARG B 238 47.49 -14.15 4.94
CA ARG B 238 48.24 -13.27 4.07
C ARG B 238 48.91 -12.17 4.88
N ILE B 239 50.01 -11.65 4.35
CA ILE B 239 50.67 -10.48 4.89
C ILE B 239 50.82 -9.47 3.76
N LEU B 240 50.37 -8.24 3.98
CA LEU B 240 50.40 -7.19 2.97
C LEU B 240 51.45 -6.16 3.38
N ARG B 241 52.51 -6.06 2.59
CA ARG B 241 53.61 -5.14 2.84
C ARG B 241 53.72 -4.11 1.72
N GLY B 242 54.20 -2.93 2.06
CA GLY B 242 54.40 -1.89 1.07
C GLY B 242 54.15 -0.48 1.54
N HIS B 243 53.57 -0.31 2.74
CA HIS B 243 53.36 1.04 3.26
C HIS B 243 54.67 1.73 3.59
N GLY B 244 55.57 1.04 4.29
CA GLY B 244 56.84 1.62 4.67
C GLY B 244 56.85 2.38 5.98
N ALA B 245 55.71 2.49 6.66
CA ALA B 245 55.64 3.14 7.96
C ALA B 245 54.43 2.58 8.70
N ASP B 246 54.06 3.23 9.80
CA ASP B 246 52.95 2.74 10.62
C ASP B 246 51.64 2.80 9.84
N VAL B 247 50.80 1.80 10.05
CA VAL B 247 49.47 1.72 9.45
C VAL B 247 48.47 2.06 10.54
N LYS B 248 47.64 3.07 10.28
CA LYS B 248 46.74 3.61 11.31
C LYS B 248 45.28 3.24 11.13
N CYS B 249 44.87 2.82 9.93
CA CYS B 249 43.46 2.53 9.69
C CYS B 249 43.34 1.52 8.56
N VAL B 250 42.22 0.80 8.56
CA VAL B 250 41.94 -0.23 7.57
C VAL B 250 40.43 -0.41 7.47
N ASP B 251 39.97 -0.82 6.29
CA ASP B 251 38.55 -1.00 6.04
C ASP B 251 38.35 -2.06 4.98
N TRP B 252 37.21 -2.75 5.06
CA TRP B 252 36.82 -3.79 4.11
C TRP B 252 35.60 -3.32 3.33
N HIS B 253 35.58 -3.62 2.03
CA HIS B 253 34.49 -3.17 1.19
C HIS B 253 33.18 -3.84 1.59
N PRO B 254 32.05 -3.15 1.45
CA PRO B 254 30.76 -3.76 1.82
C PRO B 254 30.44 -5.05 1.07
N THR B 255 30.74 -5.15 -0.22
CA THR B 255 30.35 -6.34 -0.97
C THR B 255 31.45 -6.93 -1.84
N LYS B 256 32.37 -6.09 -2.32
CA LYS B 256 33.25 -6.49 -3.41
C LYS B 256 34.48 -7.28 -2.96
N GLY B 257 34.80 -7.29 -1.68
CA GLY B 257 36.01 -7.97 -1.24
C GLY B 257 37.26 -7.19 -1.58
N LEU B 258 37.35 -5.98 -1.03
CA LEU B 258 38.47 -5.08 -1.24
C LEU B 258 38.86 -4.46 0.09
N VAL B 259 40.15 -4.18 0.26
CA VAL B 259 40.68 -3.67 1.51
C VAL B 259 41.46 -2.39 1.23
N VAL B 260 41.19 -1.34 2.02
CA VAL B 260 41.86 -0.06 1.91
C VAL B 260 42.59 0.23 3.21
N SER B 261 43.80 0.77 3.10
CA SER B 261 44.63 1.06 4.26
C SER B 261 45.20 2.47 4.17
N GLY B 262 45.33 3.10 5.32
CA GLY B 262 45.97 4.41 5.41
C GLY B 262 47.13 4.37 6.37
N SER B 263 48.21 5.05 5.99
CA SER B 263 49.47 4.95 6.71
C SER B 263 50.02 6.33 7.02
N LYS B 264 51.16 6.35 7.71
CA LYS B 264 51.86 7.59 8.04
C LYS B 264 52.89 7.98 6.99
N ASP B 265 53.40 7.01 6.23
CA ASP B 265 54.37 7.30 5.18
C ASP B 265 53.78 8.27 4.16
N SER B 266 54.58 9.27 3.77
CA SER B 266 54.17 10.25 2.78
C SER B 266 54.31 9.74 1.35
N GLN B 267 55.13 8.71 1.13
CA GLN B 267 55.25 8.14 -0.22
C GLN B 267 54.07 7.25 -0.55
N GLN B 268 53.54 6.52 0.44
CA GLN B 268 52.44 5.58 0.25
C GLN B 268 51.37 5.88 1.28
N PRO B 269 50.57 6.93 1.08
CA PRO B 269 49.56 7.27 2.09
C PRO B 269 48.36 6.32 2.10
N ILE B 270 47.83 5.96 0.93
CA ILE B 270 46.64 5.13 0.83
C ILE B 270 46.88 4.06 -0.23
N LYS B 271 46.53 2.82 0.09
CA LYS B 271 46.75 1.70 -0.82
C LYS B 271 45.50 0.82 -0.88
N PHE B 272 45.37 0.12 -2.00
CA PHE B 272 44.26 -0.81 -2.22
C PHE B 272 44.83 -2.21 -2.39
N TRP B 273 44.18 -3.19 -1.76
CA TRP B 273 44.70 -4.56 -1.70
C TRP B 273 43.63 -5.54 -2.17
N ASP B 274 44.10 -6.70 -2.61
CA ASP B 274 43.24 -7.84 -2.94
C ASP B 274 43.41 -8.91 -1.88
N PRO B 275 42.43 -9.15 -1.01
CA PRO B 275 42.63 -10.11 0.09
C PRO B 275 42.91 -11.53 -0.36
N LYS B 276 42.34 -11.96 -1.49
CA LYS B 276 42.52 -13.35 -1.94
C LYS B 276 43.97 -13.63 -2.33
N THR B 277 44.58 -12.73 -3.09
CA THR B 277 45.93 -12.95 -3.59
C THR B 277 47.00 -12.18 -2.82
N GLY B 278 46.62 -11.12 -2.12
CA GLY B 278 47.59 -10.34 -1.37
C GLY B 278 48.38 -9.34 -2.18
N GLN B 279 48.02 -9.12 -3.44
CA GLN B 279 48.75 -8.20 -4.30
C GLN B 279 48.16 -6.80 -4.20
N SER B 280 48.99 -5.80 -4.44
CA SER B 280 48.58 -4.41 -4.41
C SER B 280 47.93 -4.02 -5.73
N LEU B 281 46.97 -3.09 -5.65
CA LEU B 281 46.20 -2.67 -6.82
C LEU B 281 46.47 -1.23 -7.22
N ALA B 282 46.47 -0.29 -6.27
CA ALA B 282 46.65 1.11 -6.61
C ALA B 282 47.17 1.86 -5.40
N THR B 283 47.70 3.05 -5.65
CA THR B 283 48.20 3.95 -4.61
C THR B 283 47.57 5.33 -4.81
N LEU B 284 47.18 5.96 -3.71
CA LEU B 284 46.50 7.25 -3.74
C LEU B 284 47.32 8.26 -2.95
N HIS B 285 47.69 9.37 -3.60
CA HIS B 285 48.41 10.45 -2.95
C HIS B 285 47.45 11.56 -2.53
N ALA B 286 46.53 11.21 -1.64
CA ALA B 286 45.45 12.11 -1.28
C ALA B 286 45.91 13.24 -0.37
N HIS B 287 46.77 12.94 0.61
CA HIS B 287 47.17 13.91 1.62
C HIS B 287 48.68 13.97 1.72
N LYS B 288 49.16 15.10 2.22
CA LYS B 288 50.59 15.32 2.47
C LYS B 288 50.99 15.05 3.91
N ASN B 289 50.05 14.60 4.75
CA ASN B 289 50.35 14.31 6.15
C ASN B 289 49.79 12.96 6.54
N THR B 290 49.81 12.65 7.84
CA THR B 290 49.33 11.35 8.31
C THR B 290 47.83 11.21 8.09
N VAL B 291 47.43 10.03 7.62
CA VAL B 291 46.02 9.71 7.39
C VAL B 291 45.48 9.03 8.64
N MET B 292 44.41 9.58 9.20
CA MET B 292 43.88 9.13 10.47
C MET B 292 42.68 8.19 10.33
N GLU B 293 41.77 8.47 9.39
CA GLU B 293 40.57 7.67 9.21
C GLU B 293 40.37 7.38 7.74
N VAL B 294 39.83 6.20 7.45
CA VAL B 294 39.45 5.84 6.09
C VAL B 294 38.21 4.95 6.12
N LYS B 295 37.06 5.51 5.71
CA LYS B 295 35.77 4.84 5.80
C LYS B 295 35.10 4.78 4.43
N LEU B 296 34.41 3.68 4.16
CA LEU B 296 33.71 3.45 2.91
C LEU B 296 32.21 3.56 3.15
N ASN B 297 31.52 4.29 2.27
CA ASN B 297 30.08 4.40 2.34
C ASN B 297 29.43 3.06 2.00
N LEU B 298 28.22 2.84 2.53
CA LEU B 298 27.51 1.59 2.29
C LEU B 298 26.93 1.49 0.89
N ASN B 299 26.93 2.56 0.11
CA ASN B 299 26.48 2.47 -1.28
C ASN B 299 27.52 1.84 -2.19
N GLY B 300 28.76 1.69 -1.73
CA GLY B 300 29.81 1.06 -2.50
C GLY B 300 30.55 1.95 -3.47
N ASN B 301 30.29 3.25 -3.47
CA ASN B 301 30.90 4.17 -4.42
C ASN B 301 31.90 5.12 -3.80
N TRP B 302 31.68 5.59 -2.59
CA TRP B 302 32.42 6.71 -2.03
C TRP B 302 33.43 6.24 -0.99
N LEU B 303 34.49 7.04 -0.84
CA LEU B 303 35.52 6.83 0.17
C LEU B 303 35.76 8.15 0.90
N LEU B 304 35.77 8.10 2.23
CA LEU B 304 35.96 9.27 3.07
C LEU B 304 37.29 9.17 3.79
N THR B 305 38.02 10.28 3.83
CA THR B 305 39.36 10.31 4.39
C THR B 305 39.52 11.52 5.32
N ALA B 306 40.26 11.33 6.40
CA ALA B 306 40.62 12.40 7.31
C ALA B 306 42.14 12.39 7.52
N SER B 307 42.71 13.57 7.71
CA SER B 307 44.16 13.70 7.77
C SER B 307 44.55 14.78 8.76
N ARG B 308 45.86 14.90 8.98
CA ARG B 308 46.43 15.87 9.91
C ARG B 308 46.69 17.22 9.26
N ASP B 309 46.38 17.39 7.98
CA ASP B 309 46.50 18.69 7.31
C ASP B 309 45.20 19.49 7.38
N HIS B 310 44.37 19.24 8.38
CA HIS B 310 43.13 19.94 8.67
C HIS B 310 42.04 19.69 7.63
N LEU B 311 42.14 18.63 6.84
CA LEU B 311 41.25 18.44 5.70
C LEU B 311 40.58 17.08 5.73
N CYS B 312 39.38 17.01 5.15
CA CYS B 312 38.69 15.77 4.84
C CYS B 312 38.36 15.78 3.35
N LYS B 313 38.44 14.60 2.72
CA LYS B 313 38.26 14.50 1.28
C LYS B 313 37.35 13.34 0.94
N LEU B 314 36.74 13.42 -0.24
CA LEU B 314 35.86 12.39 -0.76
C LEU B 314 36.37 11.91 -2.11
N PHE B 315 36.25 10.60 -2.35
CA PHE B 315 36.74 10.00 -3.58
C PHE B 315 35.70 9.04 -4.14
N ASP B 316 35.73 8.84 -5.45
CA ASP B 316 34.95 7.82 -6.12
C ASP B 316 35.89 6.69 -6.52
N ILE B 317 35.62 5.49 -6.00
CA ILE B 317 36.55 4.38 -6.20
C ILE B 317 36.52 3.85 -7.62
N ARG B 318 35.46 4.16 -8.39
CA ARG B 318 35.43 3.75 -9.79
C ARG B 318 36.39 4.56 -10.64
N ASN B 319 36.59 5.84 -10.31
CA ASN B 319 37.50 6.72 -11.04
C ASN B 319 38.35 7.47 -10.03
N LEU B 320 39.61 7.04 -9.85
CA LEU B 320 40.51 7.62 -8.88
C LEU B 320 41.43 8.67 -9.47
N LYS B 321 41.08 9.22 -10.64
CA LYS B 321 41.96 10.18 -11.29
C LYS B 321 41.93 11.54 -10.59
N GLU B 322 40.76 11.96 -10.11
CA GLU B 322 40.62 13.27 -9.48
C GLU B 322 39.72 13.17 -8.26
N GLU B 323 39.83 14.17 -7.40
CA GLU B 323 39.03 14.23 -6.19
C GLU B 323 37.59 14.62 -6.50
N LEU B 324 36.69 14.29 -5.57
CA LEU B 324 35.28 14.67 -5.68
C LEU B 324 34.95 15.93 -4.90
N GLN B 325 35.37 16.02 -3.64
CA GLN B 325 35.05 17.16 -2.81
C GLN B 325 36.11 17.30 -1.72
N VAL B 326 36.33 18.53 -1.28
CA VAL B 326 37.22 18.84 -0.18
C VAL B 326 36.43 19.61 0.87
N PHE B 327 36.50 19.17 2.12
CA PHE B 327 35.75 19.77 3.22
C PHE B 327 36.74 20.56 4.09
N ARG B 328 36.63 21.88 4.06
CA ARG B 328 37.47 22.77 4.84
C ARG B 328 36.64 23.41 5.96
N GLY B 329 37.30 23.70 7.07
CA GLY B 329 36.61 24.31 8.19
C GLY B 329 37.13 23.90 9.55
N HIS B 330 37.92 22.83 9.60
CA HIS B 330 38.58 22.44 10.84
C HIS B 330 39.82 23.30 11.06
N LYS B 331 39.87 23.97 12.21
CA LYS B 331 41.02 24.80 12.55
C LYS B 331 42.23 24.00 12.96
N LYS B 332 42.06 22.70 13.25
CA LYS B 332 43.15 21.82 13.63
C LYS B 332 42.95 20.49 12.92
N GLU B 333 43.67 19.47 13.37
CA GLU B 333 43.63 18.17 12.71
C GLU B 333 42.24 17.53 12.83
N ALA B 334 41.91 16.71 11.84
CA ALA B 334 40.69 15.92 11.85
C ALA B 334 41.02 14.50 12.25
N THR B 335 40.35 13.98 13.29
CA THR B 335 40.72 12.72 13.89
C THR B 335 39.62 11.67 13.92
N ALA B 336 38.40 11.98 13.50
CA ALA B 336 37.33 11.00 13.56
C ALA B 336 36.25 11.37 12.55
N VAL B 337 35.60 10.34 12.00
CA VAL B 337 34.48 10.51 11.08
C VAL B 337 33.46 9.39 11.34
N ALA B 338 32.23 9.62 10.90
CA ALA B 338 31.17 8.63 11.07
C ALA B 338 30.03 8.93 10.12
N TRP B 339 29.69 7.98 9.25
CA TRP B 339 28.55 8.12 8.36
C TRP B 339 27.24 7.93 9.13
N HIS B 340 26.20 8.65 8.70
CA HIS B 340 24.89 8.48 9.32
C HIS B 340 24.26 7.16 8.91
N PRO B 341 23.63 6.44 9.84
CA PRO B 341 23.07 5.12 9.49
C PRO B 341 21.87 5.17 8.56
N VAL B 342 21.20 6.32 8.41
CA VAL B 342 19.96 6.40 7.64
C VAL B 342 20.10 7.33 6.45
N HIS B 343 20.74 8.49 6.62
CA HIS B 343 20.88 9.46 5.55
C HIS B 343 22.17 9.21 4.78
N GLU B 344 22.05 9.03 3.46
CA GLU B 344 23.16 8.54 2.66
C GLU B 344 24.32 9.53 2.61
N GLY B 345 24.03 10.83 2.50
CA GLY B 345 25.05 11.82 2.29
C GLY B 345 25.48 12.65 3.49
N LEU B 346 25.13 12.24 4.70
CA LEU B 346 25.41 13.00 5.90
C LEU B 346 26.43 12.29 6.78
N PHE B 347 27.38 13.04 7.32
CA PHE B 347 28.37 12.50 8.24
C PHE B 347 28.83 13.59 9.20
N ALA B 348 29.49 13.16 10.27
CA ALA B 348 30.01 14.04 11.29
C ALA B 348 31.49 13.79 11.49
N SER B 349 32.22 14.83 11.90
CA SER B 349 33.66 14.73 12.08
C SER B 349 34.07 15.39 13.39
N GLY B 350 35.20 14.94 13.93
CA GLY B 350 35.74 15.48 15.16
C GLY B 350 37.15 15.99 14.98
N GLY B 351 37.62 16.85 15.91
CA GLY B 351 38.90 17.49 15.77
C GLY B 351 39.77 17.29 16.99
N SER B 352 41.05 17.62 16.83
CA SER B 352 42.01 17.51 17.92
C SER B 352 41.90 18.65 18.92
N ASP B 353 41.17 19.71 18.59
CA ASP B 353 40.93 20.81 19.52
C ASP B 353 39.61 20.68 20.26
N GLY B 354 38.86 19.61 20.02
CA GLY B 354 37.58 19.42 20.66
C GLY B 354 36.37 19.87 19.87
N SER B 355 36.54 20.17 18.58
CA SER B 355 35.44 20.63 17.75
C SER B 355 34.60 19.45 17.23
N LEU B 356 33.44 19.77 16.69
CA LEU B 356 32.51 18.76 16.18
C LEU B 356 31.68 19.41 15.09
N LEU B 357 31.85 18.95 13.85
CA LEU B 357 31.20 19.56 12.69
C LEU B 357 30.37 18.53 11.92
N PHE B 358 29.44 19.03 11.11
CA PHE B 358 28.55 18.21 10.31
C PHE B 358 28.64 18.64 8.85
N TRP B 359 28.60 17.67 7.94
CA TRP B 359 28.75 17.93 6.52
C TRP B 359 27.73 17.13 5.72
N HIS B 360 27.47 17.59 4.50
CA HIS B 360 26.62 16.89 3.56
C HIS B 360 27.31 16.85 2.19
N VAL B 361 27.20 15.70 1.52
CA VAL B 361 27.80 15.54 0.21
C VAL B 361 27.08 16.42 -0.80
N GLY B 362 27.84 17.21 -1.56
CA GLY B 362 27.27 18.14 -2.51
C GLY B 362 27.14 19.56 -2.02
N VAL B 363 27.33 19.79 -0.73
CA VAL B 363 27.28 21.13 -0.13
C VAL B 363 28.70 21.57 0.17
N GLU B 364 28.96 22.87 0.00
CA GLU B 364 30.32 23.37 0.12
C GLU B 364 30.73 23.58 1.57
N LYS B 365 29.91 24.28 2.35
CA LYS B 365 30.22 24.61 3.73
C LYS B 365 29.54 23.64 4.68
N GLU B 366 29.95 23.73 5.95
CA GLU B 366 29.37 22.89 6.99
C GLU B 366 27.91 23.25 7.23
N VAL B 367 27.12 22.24 7.62
CA VAL B 367 25.71 22.44 7.90
C VAL B 367 25.44 22.63 9.39
N GLY B 368 26.47 22.66 10.21
CA GLY B 368 26.31 22.88 11.64
C GLY B 368 27.52 22.41 12.39
N GLY B 369 27.56 22.76 13.67
CA GLY B 369 28.65 22.32 14.52
C GLY B 369 28.71 23.14 15.79
N MET B 370 29.78 22.90 16.55
CA MET B 370 30.03 23.63 17.79
C MET B 370 31.53 23.70 18.03
N GLU B 371 32.01 24.87 18.44
CA GLU B 371 33.45 25.10 18.54
C GLU B 371 34.06 24.30 19.68
N MET B 372 33.43 24.31 20.84
CA MET B 372 33.97 23.68 22.05
C MET B 372 32.96 22.66 22.58
N ALA B 373 32.99 21.46 22.02
CA ALA B 373 32.19 20.36 22.54
C ALA B 373 32.92 19.58 23.60
N HIS B 374 34.19 19.28 23.37
CA HIS B 374 35.06 18.60 24.32
C HIS B 374 36.31 19.45 24.55
N GLU B 375 37.02 19.11 25.61
CA GLU B 375 38.36 19.62 25.85
C GLU B 375 39.36 18.54 25.47
N GLY B 376 40.38 18.91 24.73
CA GLY B 376 41.31 17.92 24.23
C GLY B 376 40.78 17.20 23.00
N MET B 377 41.53 16.19 22.59
CA MET B 377 41.28 15.52 21.32
C MET B 377 40.12 14.54 21.40
N ILE B 378 39.29 14.52 20.36
CA ILE B 378 38.20 13.56 20.24
C ILE B 378 38.73 12.33 19.51
N TRP B 379 38.50 11.16 20.08
CA TRP B 379 39.07 9.91 19.57
C TRP B 379 38.11 9.13 18.68
N SER B 380 36.82 9.08 19.00
CA SER B 380 35.89 8.28 18.24
C SER B 380 34.49 8.84 18.34
N LEU B 381 33.65 8.46 17.37
CA LEU B 381 32.24 8.83 17.32
C LEU B 381 31.41 7.59 17.00
N ALA B 382 30.14 7.61 17.42
CA ALA B 382 29.27 6.47 17.19
C ALA B 382 27.81 6.92 17.15
N TRP B 383 27.11 6.54 16.08
CA TRP B 383 25.70 6.87 15.92
C TRP B 383 24.82 5.78 16.52
N HIS B 384 23.71 6.20 17.13
CA HIS B 384 22.69 5.26 17.56
C HIS B 384 22.05 4.60 16.33
N PRO B 385 21.64 3.34 16.45
CA PRO B 385 21.04 2.65 15.29
C PRO B 385 19.85 3.37 14.66
N LEU B 386 19.04 4.07 15.46
CA LEU B 386 17.98 4.89 14.87
C LEU B 386 18.53 6.16 14.24
N GLY B 387 19.66 6.65 14.73
CA GLY B 387 20.27 7.85 14.18
C GLY B 387 19.82 9.15 14.80
N HIS B 388 19.20 9.12 15.97
CA HIS B 388 18.75 10.33 16.64
C HIS B 388 19.64 10.73 17.81
N ILE B 389 20.67 9.95 18.13
CA ILE B 389 21.60 10.25 19.21
C ILE B 389 23.02 9.97 18.72
N LEU B 390 23.96 10.83 19.10
CA LEU B 390 25.37 10.66 18.79
C LEU B 390 26.19 10.69 20.07
N CYS B 391 27.24 9.88 20.12
CA CYS B 391 28.12 9.80 21.27
C CYS B 391 29.55 10.15 20.88
N SER B 392 30.28 10.74 21.83
CA SER B 392 31.65 11.17 21.62
C SER B 392 32.54 10.64 22.73
N GLY B 393 33.81 10.39 22.38
CA GLY B 393 34.81 10.00 23.35
C GLY B 393 36.08 10.80 23.17
N SER B 394 36.59 11.39 24.25
CA SER B 394 37.67 12.36 24.16
C SER B 394 38.79 12.04 25.13
N ASN B 395 39.88 12.80 25.01
CA ASN B 395 41.06 12.66 25.86
C ASN B 395 40.91 13.34 27.21
N ASP B 396 39.81 14.07 27.44
CA ASP B 396 39.56 14.73 28.72
C ASP B 396 38.81 13.83 29.70
N HIS B 397 38.87 12.51 29.52
CA HIS B 397 38.37 11.54 30.49
C HIS B 397 36.83 11.55 30.53
N THR B 398 36.20 11.77 29.39
CA THR B 398 34.78 12.06 29.37
C THR B 398 34.12 11.53 28.10
N SER B 399 32.91 11.03 28.24
CA SER B 399 32.02 10.69 27.12
C SER B 399 30.75 11.52 27.23
N LYS B 400 30.23 11.97 26.08
CA LYS B 400 29.08 12.85 26.05
C LYS B 400 28.05 12.38 25.03
N PHE B 401 26.81 12.80 25.24
CA PHE B 401 25.68 12.43 24.40
C PHE B 401 25.00 13.67 23.85
N TRP B 402 24.59 13.59 22.57
CA TRP B 402 23.96 14.70 21.88
C TRP B 402 22.72 14.21 21.15
N THR B 403 21.77 15.11 20.94
CA THR B 403 20.50 14.75 20.31
C THR B 403 19.99 15.93 19.50
N ARG B 404 18.86 15.70 18.82
CA ARG B 404 18.28 16.71 17.94
C ARG B 404 17.65 17.85 18.73
N ASN B 405 17.68 19.04 18.14
CA ASN B 405 17.09 20.22 18.77
C ASN B 405 15.57 20.14 18.75
N ARG B 406 14.94 20.59 19.83
CA ARG B 406 13.50 20.59 19.95
C ARG B 406 12.89 21.83 19.29
N PRO B 407 11.70 21.71 18.71
CA PRO B 407 11.05 22.90 18.14
C PRO B 407 10.77 23.95 19.22
N GLY B 408 10.97 25.21 18.84
CA GLY B 408 10.80 26.32 19.76
C GLY B 408 11.99 26.63 20.63
N ASP B 409 13.11 25.94 20.45
CA ASP B 409 14.29 26.20 21.25
C ASP B 409 14.90 27.56 20.90
N LYS B 410 15.31 28.30 21.93
CA LYS B 410 15.97 29.59 21.72
C LYS B 410 17.41 29.43 21.28
N MET B 411 18.05 28.29 21.57
CA MET B 411 19.39 27.97 21.10
C MET B 411 20.40 29.05 21.48
N ARG B 412 20.33 29.51 22.72
CA ARG B 412 21.24 30.54 23.20
C ARG B 412 21.95 30.10 24.49
N ALA C 47 -9.53 -21.24 8.62
CA ALA C 47 -8.54 -22.14 8.05
C ALA C 47 -7.70 -22.80 9.13
N SER C 48 -8.02 -24.05 9.42
CA SER C 48 -7.32 -24.80 10.46
C SER C 48 -6.14 -25.56 9.87
N VAL C 49 -5.12 -25.75 10.70
CA VAL C 49 -3.90 -26.45 10.29
C VAL C 49 -3.59 -27.55 11.29
N ASP C 50 -4.61 -28.01 12.01
CA ASP C 50 -4.41 -29.02 13.04
C ASP C 50 -4.30 -30.44 12.49
N HIS C 51 -4.58 -30.64 11.20
CA HIS C 51 -4.51 -31.95 10.57
C HIS C 51 -3.32 -32.06 9.63
N ILE C 52 -2.35 -31.16 9.75
CA ILE C 52 -1.19 -31.11 8.86
C ILE C 52 0.08 -31.21 9.69
N LYS C 53 0.99 -32.08 9.29
CA LYS C 53 2.29 -32.23 9.93
C LYS C 53 3.34 -31.57 9.04
N PHE C 54 3.80 -30.38 9.43
CA PHE C 54 4.73 -29.62 8.63
C PHE C 54 6.15 -30.21 8.71
N ASP C 55 6.95 -29.91 7.69
CA ASP C 55 8.35 -30.33 7.71
C ASP C 55 9.14 -29.56 8.75
N LEU C 56 8.72 -28.34 9.09
CA LEU C 56 9.39 -27.55 10.12
C LEU C 56 9.36 -28.27 11.46
N GLU C 57 8.20 -28.84 11.83
CA GLU C 57 8.08 -29.55 13.10
C GLU C 57 9.00 -30.76 13.15
N ILE C 58 9.04 -31.55 12.07
CA ILE C 58 9.90 -32.73 12.04
C ILE C 58 11.37 -32.32 12.11
N ALA C 59 11.75 -31.29 11.36
CA ALA C 59 13.14 -30.85 11.37
C ALA C 59 13.55 -30.36 12.75
N VAL C 60 12.67 -29.64 13.44
CA VAL C 60 13.00 -29.14 14.77
C VAL C 60 13.06 -30.28 15.78
N GLU C 61 12.13 -31.24 15.67
CA GLU C 61 12.10 -32.35 16.63
C GLU C 61 13.28 -33.28 16.44
N GLN C 62 13.78 -33.45 15.21
CA GLN C 62 14.88 -34.36 14.95
C GLN C 62 16.25 -33.69 15.02
N GLN C 63 16.31 -32.39 15.32
CA GLN C 63 17.58 -31.65 15.44
C GLN C 63 18.42 -31.76 14.17
N LEU C 64 17.76 -31.63 13.02
CA LEU C 64 18.47 -31.75 11.75
C LEU C 64 19.35 -30.53 11.51
N GLY C 65 20.58 -30.77 11.07
CA GLY C 65 21.51 -29.70 10.75
C GLY C 65 22.31 -29.16 11.91
N ALA C 66 22.13 -29.69 13.12
CA ALA C 66 22.86 -29.21 14.27
C ALA C 66 24.34 -29.55 14.17
N GLN C 67 25.18 -28.61 14.59
CA GLN C 67 26.63 -28.77 14.56
C GLN C 67 27.21 -28.44 15.93
N PRO C 68 28.34 -29.03 16.29
CA PRO C 68 28.95 -28.73 17.59
C PRO C 68 29.39 -27.27 17.68
N LEU C 69 29.42 -26.78 18.91
CA LEU C 69 29.83 -25.40 19.14
C LEU C 69 31.28 -25.22 18.74
N PRO C 70 31.65 -24.07 18.16
CA PRO C 70 33.04 -23.89 17.69
C PRO C 70 34.04 -23.67 18.81
N PHE C 71 33.65 -22.98 19.88
CA PHE C 71 34.58 -22.69 20.95
C PHE C 71 34.05 -23.23 22.28
N PRO C 72 34.93 -23.74 23.14
CA PRO C 72 34.48 -24.20 24.46
C PRO C 72 34.21 -23.03 25.40
N GLY C 73 33.13 -23.15 26.16
CA GLY C 73 32.74 -22.14 27.11
C GLY C 73 31.64 -21.20 26.64
N MET C 74 31.13 -21.39 25.43
CA MET C 74 30.04 -20.55 24.94
C MET C 74 28.78 -20.78 25.77
N ASP C 75 28.05 -19.70 26.03
CA ASP C 75 26.81 -19.80 26.80
C ASP C 75 25.67 -20.20 25.87
N LYS C 76 24.84 -21.13 26.35
CA LYS C 76 23.64 -21.54 25.61
C LYS C 76 22.41 -20.84 26.19
N SER C 77 22.42 -19.52 26.09
CA SER C 77 21.32 -18.69 26.56
C SER C 77 20.43 -18.33 25.39
N GLY C 78 19.12 -18.51 25.57
CA GLY C 78 18.19 -18.34 24.48
C GLY C 78 18.05 -19.55 23.58
N ALA C 79 18.71 -20.65 23.90
CA ALA C 79 18.65 -21.88 23.13
C ALA C 79 17.61 -22.83 23.71
N ALA C 80 17.18 -23.78 22.89
CA ALA C 80 16.18 -24.75 23.30
C ALA C 80 16.78 -25.80 24.23
N VAL C 81 15.92 -26.56 24.87
CA VAL C 81 16.33 -27.62 25.79
C VAL C 81 16.51 -28.90 24.98
N CYS C 82 17.64 -29.58 25.20
CA CYS C 82 17.94 -30.82 24.49
C CYS C 82 16.99 -31.92 24.93
N GLU C 83 16.16 -32.38 23.99
CA GLU C 83 15.22 -33.45 24.30
C GLU C 83 15.91 -34.81 24.35
N PHE C 84 16.99 -34.99 23.61
CA PHE C 84 17.70 -36.27 23.62
C PHE C 84 18.36 -36.53 24.97
N PHE C 85 18.88 -35.47 25.61
CA PHE C 85 19.62 -35.65 26.86
C PHE C 85 18.70 -36.19 27.96
N LEU C 86 17.44 -35.73 27.99
CA LEU C 86 16.52 -36.18 29.02
C LEU C 86 16.13 -37.64 28.89
N LYS C 87 16.40 -38.28 27.74
CA LYS C 87 16.01 -39.66 27.51
C LYS C 87 17.24 -40.56 27.28
N ALA C 88 18.33 -40.26 27.99
CA ALA C 88 19.56 -41.06 27.95
C ALA C 88 20.09 -41.19 26.52
N ALA C 89 20.40 -40.05 25.93
CA ALA C 89 20.89 -39.97 24.56
C ALA C 89 21.81 -38.76 24.47
N CYS C 90 22.02 -38.26 23.25
CA CYS C 90 22.86 -37.09 23.00
C CYS C 90 24.32 -37.37 23.41
N GLY C 91 24.93 -38.27 22.66
CA GLY C 91 26.35 -38.50 22.81
C GLY C 91 27.17 -37.38 22.21
N LYS C 92 27.07 -36.19 22.82
CA LYS C 92 27.81 -35.02 22.36
C LYS C 92 28.59 -34.33 23.47
N GLY C 93 28.36 -34.68 24.74
CA GLY C 93 29.10 -34.04 25.81
C GLY C 93 28.74 -32.57 25.96
N GLY C 94 29.75 -31.77 26.28
CA GLY C 94 29.57 -30.34 26.47
C GLY C 94 29.54 -29.51 25.22
N MET C 95 29.69 -30.13 24.05
CA MET C 95 29.69 -29.40 22.78
C MET C 95 28.31 -29.30 22.16
N CYS C 96 27.27 -29.79 22.83
CA CYS C 96 25.92 -29.70 22.30
C CYS C 96 25.47 -28.24 22.25
N PRO C 97 24.82 -27.81 21.16
CA PRO C 97 24.30 -26.44 21.12
C PRO C 97 23.08 -26.20 21.99
N PHE C 98 22.47 -27.25 22.54
CA PHE C 98 21.25 -27.14 23.33
C PHE C 98 21.56 -27.35 24.81
N ARG C 99 20.62 -26.92 25.64
CA ARG C 99 20.81 -26.93 27.09
C ARG C 99 20.62 -28.33 27.65
N HIS C 100 21.56 -28.77 28.47
CA HIS C 100 21.41 -29.98 29.28
C HIS C 100 21.07 -29.55 30.70
N ILE C 101 19.89 -29.97 31.18
CA ILE C 101 19.30 -29.42 32.39
C ILE C 101 19.60 -30.35 33.57
N SER C 102 20.12 -29.77 34.64
CA SER C 102 20.32 -30.46 35.91
C SER C 102 19.35 -29.93 36.94
N GLY C 103 19.01 -30.77 37.92
CA GLY C 103 18.00 -30.45 38.91
C GLY C 103 18.57 -29.73 40.12
N GLU C 104 17.71 -29.62 41.14
CA GLU C 104 18.06 -29.00 42.42
C GLU C 104 18.44 -27.52 42.25
N LYS C 105 17.50 -26.74 41.72
CA LYS C 105 17.64 -25.30 41.61
C LYS C 105 16.34 -24.65 42.04
N THR C 106 16.44 -23.65 42.92
CA THR C 106 15.24 -23.06 43.51
C THR C 106 15.30 -21.54 43.65
N VAL C 107 16.34 -20.88 43.15
CA VAL C 107 16.45 -19.42 43.24
C VAL C 107 16.71 -18.88 41.84
N VAL C 108 15.98 -17.84 41.46
CA VAL C 108 16.14 -17.24 40.14
C VAL C 108 17.46 -16.50 40.05
N CYS C 109 18.16 -16.68 38.94
CA CYS C 109 19.44 -16.01 38.72
C CYS C 109 19.20 -14.54 38.38
N LYS C 110 19.77 -13.65 39.20
CA LYS C 110 19.57 -12.22 38.99
C LYS C 110 20.37 -11.69 37.81
N HIS C 111 21.56 -12.25 37.56
CA HIS C 111 22.33 -11.84 36.39
C HIS C 111 21.63 -12.21 35.10
N TRP C 112 21.01 -13.39 35.06
CA TRP C 112 20.29 -13.82 33.86
C TRP C 112 19.13 -12.89 33.53
N LEU C 113 18.53 -12.26 34.54
CA LEU C 113 17.46 -11.31 34.30
C LEU C 113 17.96 -10.10 33.53
N ARG C 114 19.17 -9.62 33.85
CA ARG C 114 19.77 -8.50 33.13
C ARG C 114 20.46 -8.94 31.85
N GLY C 115 20.55 -10.24 31.58
CA GLY C 115 21.22 -10.72 30.39
C GLY C 115 22.73 -10.67 30.45
N LEU C 116 23.31 -10.95 31.63
CA LEU C 116 24.76 -10.90 31.81
C LEU C 116 25.27 -12.13 32.54
N CYS C 117 24.65 -13.29 32.32
CA CYS C 117 25.05 -14.53 32.96
C CYS C 117 26.18 -15.17 32.16
N LYS C 118 27.27 -15.53 32.84
CA LYS C 118 28.44 -16.10 32.19
C LYS C 118 28.59 -17.60 32.39
N LYS C 119 28.02 -18.16 33.46
CA LYS C 119 28.23 -19.57 33.75
C LYS C 119 27.44 -20.47 32.81
N GLY C 120 26.22 -20.07 32.46
CA GLY C 120 25.42 -20.84 31.52
C GLY C 120 24.86 -22.14 32.09
N ASP C 121 25.31 -23.27 31.56
CA ASP C 121 24.83 -24.56 32.04
C ASP C 121 25.32 -24.84 33.46
N GLN C 122 26.50 -24.35 33.83
CA GLN C 122 27.04 -24.58 35.15
C GLN C 122 26.50 -23.62 36.19
N CYS C 123 25.66 -22.67 35.80
CA CYS C 123 25.02 -21.78 36.76
C CYS C 123 24.14 -22.57 37.71
N GLU C 124 24.26 -22.28 39.00
CA GLU C 124 23.56 -23.02 40.04
C GLU C 124 22.25 -22.37 40.45
N PHE C 125 21.79 -21.37 39.70
CA PHE C 125 20.54 -20.67 39.99
C PHE C 125 19.55 -20.89 38.85
N LEU C 126 18.28 -20.85 39.20
CA LEU C 126 17.23 -21.16 38.23
C LEU C 126 17.17 -20.11 37.13
N HIS C 127 17.07 -20.59 35.88
CA HIS C 127 16.99 -19.72 34.71
C HIS C 127 15.58 -19.71 34.14
N GLU C 128 14.59 -19.70 35.01
CA GLU C 128 13.18 -19.63 34.62
C GLU C 128 12.56 -18.36 35.18
N TYR C 129 11.48 -17.93 34.52
CA TYR C 129 10.76 -16.71 34.92
C TYR C 129 9.69 -17.11 35.94
N ASP C 130 10.06 -17.06 37.22
CA ASP C 130 9.15 -17.38 38.31
C ASP C 130 9.32 -16.31 39.39
N MET C 131 8.27 -15.50 39.60
CA MET C 131 8.35 -14.40 40.54
C MET C 131 8.20 -14.82 41.99
N THR C 132 7.77 -16.06 42.26
CA THR C 132 7.66 -16.54 43.63
C THR C 132 8.97 -17.06 44.19
N LYS C 133 9.98 -17.27 43.33
CA LYS C 133 11.27 -17.78 43.75
C LYS C 133 12.38 -16.73 43.62
N MET C 134 12.02 -15.45 43.65
CA MET C 134 13.01 -14.40 43.55
C MET C 134 13.81 -14.29 44.85
N PRO C 135 15.04 -13.79 44.78
CA PRO C 135 15.84 -13.61 46.00
C PRO C 135 15.26 -12.53 46.90
N GLU C 136 15.58 -12.64 48.18
CA GLU C 136 15.12 -11.66 49.16
C GLU C 136 15.85 -10.33 48.96
N CYS C 137 15.13 -9.24 49.26
CA CYS C 137 15.70 -7.91 49.11
C CYS C 137 16.77 -7.65 50.16
N TYR C 138 17.92 -7.14 49.71
CA TYR C 138 19.01 -6.86 50.63
C TYR C 138 18.71 -5.66 51.51
N PHE C 139 18.19 -4.58 50.92
CA PHE C 139 17.97 -3.35 51.66
C PHE C 139 16.79 -3.47 52.62
N TYR C 140 15.72 -4.14 52.19
CA TYR C 140 14.56 -4.31 53.07
C TYR C 140 14.85 -5.26 54.22
N SER C 141 15.84 -6.13 54.09
CA SER C 141 16.19 -7.07 55.15
C SER C 141 17.33 -6.59 56.04
N LYS C 142 18.16 -5.67 55.56
CA LYS C 142 19.25 -5.15 56.38
C LYS C 142 18.95 -3.80 57.00
N PHE C 143 18.19 -2.94 56.31
CA PHE C 143 17.83 -1.63 56.84
C PHE C 143 16.37 -1.51 57.22
N GLY C 144 15.52 -2.46 56.80
CA GLY C 144 14.11 -2.43 57.13
C GLY C 144 13.22 -1.67 56.18
N GLU C 145 13.78 -1.06 55.13
CA GLU C 145 12.98 -0.33 54.16
C GLU C 145 13.66 -0.39 52.80
N CYS C 146 12.87 -0.16 51.76
CA CYS C 146 13.35 -0.20 50.38
C CYS C 146 12.88 1.06 49.66
N SER C 147 13.80 1.69 48.94
CA SER C 147 13.51 2.94 48.24
C SER C 147 12.95 2.73 46.84
N ASN C 148 12.81 1.48 46.39
CA ASN C 148 12.27 1.18 45.08
C ASN C 148 10.79 0.84 45.22
N LYS C 149 9.94 1.58 44.52
CA LYS C 149 8.49 1.35 44.60
C LYS C 149 8.07 0.11 43.83
N GLU C 150 8.81 -0.24 42.77
CA GLU C 150 8.52 -1.41 41.95
C GLU C 150 9.57 -2.51 42.17
N CYS C 151 9.98 -2.71 43.41
CA CYS C 151 11.01 -3.68 43.72
C CYS C 151 10.52 -5.08 43.40
N PRO C 152 11.27 -5.88 42.63
CA PRO C 152 10.86 -7.25 42.34
C PRO C 152 11.35 -8.29 43.33
N PHE C 153 12.25 -7.91 44.25
CA PHE C 153 12.77 -8.86 45.23
C PHE C 153 11.79 -9.03 46.38
N LEU C 154 11.84 -10.20 47.00
CA LEU C 154 10.90 -10.55 48.06
C LEU C 154 11.15 -9.69 49.30
N HIS C 155 10.08 -9.10 49.83
CA HIS C 155 10.14 -8.28 51.04
C HIS C 155 9.53 -9.11 52.18
N ILE C 156 10.38 -9.87 52.86
CA ILE C 156 9.93 -10.70 53.97
C ILE C 156 10.34 -10.08 55.30
N ASP D 1 -20.71 20.05 5.65
CA ASP D 1 -21.22 21.10 4.77
C ASP D 1 -21.59 20.54 3.41
N LEU D 2 -20.59 20.17 2.60
CA LEU D 2 -20.79 19.62 1.27
C LEU D 2 -19.84 18.44 1.07
N SER D 3 -20.30 17.24 1.42
CA SER D 3 -19.50 16.04 1.17
C SER D 3 -20.47 14.87 1.08
N ASP D 4 -20.77 14.44 -0.14
CA ASP D 4 -21.68 13.34 -0.38
C ASP D 4 -20.91 12.02 -0.40
N ILE D 16 -43.01 -10.11 3.59
CA ILE D 16 -43.02 -11.30 4.43
C ILE D 16 -42.75 -12.54 3.58
N LYS D 17 -42.88 -13.71 4.21
CA LYS D 17 -42.58 -14.98 3.56
C LYS D 17 -43.84 -15.83 3.47
N ASN D 18 -43.93 -16.60 2.38
CA ASN D 18 -45.03 -17.54 2.16
C ASN D 18 -46.38 -16.82 2.13
N SER D 19 -46.41 -15.64 1.53
CA SER D 19 -47.65 -14.88 1.37
C SER D 19 -48.36 -15.20 0.05
N ILE D 20 -47.81 -16.10 -0.76
CA ILE D 20 -48.37 -16.43 -2.06
C ILE D 20 -48.84 -17.87 -2.04
N LYS D 21 -50.09 -18.10 -2.46
CA LYS D 21 -50.68 -19.41 -2.52
C LYS D 21 -50.97 -19.78 -3.98
N LEU D 22 -50.65 -21.02 -4.34
CA LEU D 22 -50.85 -21.53 -5.70
C LEU D 22 -52.04 -22.48 -5.68
N ARG D 23 -53.16 -22.04 -6.25
CA ARG D 23 -54.36 -22.88 -6.37
C ARG D 23 -54.33 -23.66 -7.69
N LEU D 24 -53.31 -24.50 -7.83
CA LEU D 24 -53.12 -25.26 -9.05
C LEU D 24 -54.19 -26.34 -9.17
N ASN D 25 -54.79 -26.44 -10.36
CA ASN D 25 -55.82 -27.43 -10.61
C ASN D 25 -55.22 -28.83 -10.76
#